data_1M8P
#
_entry.id   1M8P
#
_cell.length_a   135.449
_cell.length_b   135.449
_cell.length_c   234.587
_cell.angle_alpha   90.00
_cell.angle_beta   90.00
_cell.angle_gamma   120.00
#
_symmetry.space_group_name_H-M   'P 31 2 1'
#
loop_
_entity.id
_entity.type
_entity.pdbx_description
1 polymer 'sulfate adenylyltransferase'
2 non-polymer "3'-PHOSPHATE-ADENOSINE-5'-PHOSPHATE SULFATE"
3 water water
#
_entity_poly.entity_id   1
_entity_poly.type   'polypeptide(L)'
_entity_poly.pdbx_seq_one_letter_code
;MANAPHGGVLKDLLARDAPRQAELAAEAESLPAVTLTERQLCDLELIMNGGFSPLEGFMNQADYDRVCEDNRLADGNVFS
MPITLDASQEVIDEKKLQAASRITLRDFRDDRNLAILTIDDIYRPDKTKEAKLVFGGDPEHPAIVYLNNTVKEFYIGGKI
EAVNKLNHYDYVALRYTPAELRVHFDKLGWSRVVAFQTRNPMHRAHRELTVRAARSRQANVLIHPVVGLTKPGDIDHFTR
VRAYQALLPRYPNGMAVLGLLGLAMRMGGPREAIWHAIIRKNHGATHFIVGRDHAGPGSNSKGEDFYGPYDAQHAVEKYK
DELGIEVVEFQMVTYLPDTDEYRPVDQVPAGVKTLNISGTELRRRLRSGAHIPEWFSYPEVVKILRESNPPRATQGFTIF
LTGYMNSGKDAIARALQVTLNQQGGRSVSLLLGDTVRHELSSELGFTREDRHTNIQRIAFVATELTRAGAAVIAAPIAPY
EESRKFARDAVSQAGSFFLVHVATPLEHCEQSDKRGIYAAARRGEIKGFTGVDDPYETPEKADLVVDFSKQSVRSIVHEI
ILVLESQGFLERQ
;
_entity_poly.pdbx_strand_id   A,B,C
#
# COMPACT_ATOMS: atom_id res chain seq x y z
N MET A 1 21.41 -39.62 -19.95
CA MET A 1 21.49 -39.19 -18.52
C MET A 1 22.22 -37.86 -18.34
N ALA A 2 22.11 -37.30 -17.13
CA ALA A 2 22.75 -36.03 -16.79
C ALA A 2 24.24 -36.30 -16.64
N ASN A 3 24.82 -35.88 -15.51
CA ASN A 3 26.25 -36.13 -15.30
C ASN A 3 26.37 -37.61 -14.96
N ALA A 4 27.48 -38.24 -15.35
CA ALA A 4 27.69 -39.66 -15.04
C ALA A 4 27.78 -39.86 -13.53
N PRO A 5 27.44 -41.06 -13.03
CA PRO A 5 27.53 -41.25 -11.58
C PRO A 5 28.95 -40.96 -11.05
N HIS A 6 29.18 -41.30 -9.78
CA HIS A 6 30.50 -41.12 -9.22
C HIS A 6 31.18 -42.46 -9.34
N GLY A 7 32.39 -42.42 -9.90
CA GLY A 7 33.12 -43.64 -10.13
C GLY A 7 32.71 -44.18 -11.49
N GLY A 8 31.50 -43.88 -11.95
CA GLY A 8 31.07 -44.34 -13.24
C GLY A 8 29.84 -45.22 -13.26
N VAL A 9 29.49 -45.82 -12.12
CA VAL A 9 28.32 -46.68 -12.07
C VAL A 9 27.44 -46.42 -10.86
N LEU A 10 26.14 -46.31 -11.09
CA LEU A 10 25.22 -46.05 -9.99
C LEU A 10 25.00 -47.27 -9.08
N LYS A 11 25.42 -47.15 -7.83
CA LYS A 11 25.28 -48.23 -6.85
C LYS A 11 23.85 -48.45 -6.42
N ASP A 12 23.00 -48.71 -7.39
CA ASP A 12 21.58 -48.92 -7.13
C ASP A 12 21.43 -50.33 -6.59
N LEU A 13 22.02 -50.56 -5.42
CA LEU A 13 21.98 -51.86 -4.80
C LEU A 13 20.56 -52.39 -4.77
N LEU A 14 19.59 -51.51 -4.57
CA LEU A 14 18.21 -51.96 -4.50
C LEU A 14 17.78 -52.57 -5.83
N ALA A 15 18.11 -51.87 -6.91
CA ALA A 15 17.76 -52.34 -8.24
C ALA A 15 18.44 -53.67 -8.42
N ARG A 16 19.73 -53.70 -8.12
CA ARG A 16 20.54 -54.90 -8.24
C ARG A 16 19.85 -56.08 -7.56
N ASP A 17 20.00 -56.17 -6.26
CA ASP A 17 19.44 -57.26 -5.49
C ASP A 17 17.94 -57.50 -5.59
N ALA A 18 17.28 -56.85 -6.54
CA ALA A 18 15.83 -56.98 -6.65
C ALA A 18 15.33 -58.33 -7.13
N PRO A 19 16.00 -58.94 -8.09
CA PRO A 19 15.46 -60.24 -8.50
C PRO A 19 15.59 -61.29 -7.40
N ARG A 20 16.44 -61.03 -6.41
CA ARG A 20 16.67 -61.93 -5.28
C ARG A 20 16.06 -61.45 -3.95
N GLN A 21 15.17 -60.45 -4.02
CA GLN A 21 14.54 -59.86 -2.85
C GLN A 21 13.99 -60.89 -1.84
N ALA A 22 13.00 -61.67 -2.28
CA ALA A 22 12.37 -62.69 -1.43
C ALA A 22 13.41 -63.61 -0.75
N GLU A 23 14.43 -63.99 -1.50
CA GLU A 23 15.47 -64.87 -1.00
C GLU A 23 16.25 -64.15 0.08
N LEU A 24 16.84 -63.01 -0.26
CA LEU A 24 17.60 -62.24 0.71
C LEU A 24 16.69 -61.84 1.86
N ALA A 25 15.39 -61.75 1.53
CA ALA A 25 14.36 -61.39 2.49
C ALA A 25 14.32 -62.45 3.58
N ALA A 26 13.92 -63.65 3.18
CA ALA A 26 13.83 -64.78 4.10
C ALA A 26 15.15 -65.01 4.83
N GLU A 27 16.28 -64.79 4.15
CA GLU A 27 17.56 -64.99 4.82
C GLU A 27 17.79 -63.99 5.97
N ALA A 28 17.17 -62.82 5.88
CA ALA A 28 17.32 -61.78 6.90
C ALA A 28 16.42 -62.10 8.09
N GLU A 29 15.46 -63.01 7.87
CA GLU A 29 14.53 -63.46 8.91
C GLU A 29 15.28 -64.14 10.04
N SER A 30 16.47 -64.69 9.73
CA SER A 30 17.26 -65.43 10.70
C SER A 30 18.63 -64.88 11.06
N LEU A 31 19.30 -64.25 10.10
CA LEU A 31 20.63 -63.69 10.35
C LEU A 31 20.62 -62.86 11.63
N PRO A 32 21.80 -62.59 12.22
CA PRO A 32 21.86 -61.79 13.45
C PRO A 32 21.55 -60.31 13.15
N ALA A 33 20.32 -59.90 13.46
CA ALA A 33 19.91 -58.53 13.19
C ALA A 33 20.48 -57.45 14.13
N VAL A 34 20.63 -56.25 13.59
CA VAL A 34 21.14 -55.10 14.33
C VAL A 34 20.26 -53.91 13.96
N THR A 35 19.71 -53.22 14.96
CA THR A 35 18.88 -52.08 14.68
C THR A 35 19.79 -50.85 14.59
N LEU A 36 19.67 -50.11 13.50
CA LEU A 36 20.50 -48.94 13.25
C LEU A 36 19.93 -47.65 13.82
N THR A 37 20.80 -46.67 14.01
CA THR A 37 20.39 -45.37 14.52
C THR A 37 19.80 -44.55 13.36
N GLU A 38 19.51 -43.28 13.62
CA GLU A 38 18.98 -42.44 12.56
C GLU A 38 20.12 -42.10 11.62
N ARG A 39 21.29 -41.68 12.13
CA ARG A 39 22.41 -41.36 11.24
C ARG A 39 22.80 -42.57 10.39
N GLN A 40 22.54 -43.76 10.91
CA GLN A 40 22.89 -44.93 10.16
C GLN A 40 21.84 -45.24 9.11
N LEU A 41 20.56 -45.10 9.42
CA LEU A 41 19.51 -45.35 8.41
C LEU A 41 19.63 -44.35 7.24
N CYS A 42 19.95 -43.11 7.56
CA CYS A 42 20.11 -42.09 6.54
C CYS A 42 21.30 -42.38 5.65
N ASP A 43 22.33 -43.02 6.19
CA ASP A 43 23.49 -43.37 5.38
C ASP A 43 23.14 -44.60 4.58
N LEU A 44 22.35 -45.48 5.19
CA LEU A 44 21.93 -46.71 4.52
C LEU A 44 21.04 -46.47 3.31
N GLU A 45 20.21 -45.41 3.38
CA GLU A 45 19.30 -45.10 2.29
C GLU A 45 20.04 -44.69 1.02
N LEU A 46 21.02 -43.82 1.19
CA LEU A 46 21.83 -43.30 0.09
C LEU A 46 22.86 -44.30 -0.39
N ILE A 47 23.04 -45.37 0.37
CA ILE A 47 23.94 -46.43 -0.02
C ILE A 47 23.11 -47.36 -0.88
N MET A 48 22.06 -47.94 -0.32
CA MET A 48 21.19 -48.83 -1.10
C MET A 48 20.60 -48.27 -2.39
N ASN A 49 20.54 -46.94 -2.55
CA ASN A 49 19.95 -46.39 -3.77
C ASN A 49 20.95 -45.67 -4.67
N GLY A 50 22.22 -45.69 -4.28
CA GLY A 50 23.24 -45.11 -5.13
C GLY A 50 23.63 -43.71 -4.83
N GLY A 51 22.97 -43.11 -3.84
CA GLY A 51 23.27 -41.73 -3.52
C GLY A 51 24.74 -41.55 -3.22
N PHE A 52 25.36 -42.65 -2.76
CA PHE A 52 26.77 -42.69 -2.36
C PHE A 52 27.77 -43.35 -3.34
N SER A 53 27.33 -43.67 -4.56
CA SER A 53 28.24 -44.29 -5.53
C SER A 53 29.57 -43.55 -5.51
N PRO A 54 30.69 -44.28 -5.62
CA PRO A 54 30.86 -45.73 -5.77
C PRO A 54 30.61 -46.59 -4.53
N LEU A 55 30.64 -45.97 -3.35
CA LEU A 55 30.45 -46.66 -2.07
C LEU A 55 29.27 -47.64 -2.05
N GLU A 56 29.45 -48.85 -1.51
CA GLU A 56 28.34 -49.82 -1.48
C GLU A 56 28.22 -50.77 -0.28
N GLY A 57 28.47 -50.20 0.89
CA GLY A 57 28.38 -50.91 2.15
C GLY A 57 29.00 -49.91 3.10
N PHE A 58 29.01 -50.16 4.40
CA PHE A 58 29.67 -49.19 5.27
C PHE A 58 31.17 -49.40 5.09
N MET A 59 31.89 -48.31 5.07
CA MET A 59 33.32 -48.37 4.87
C MET A 59 34.09 -49.24 5.86
N ASN A 60 34.75 -50.28 5.35
CA ASN A 60 35.58 -51.12 6.19
C ASN A 60 36.83 -50.26 6.46
N GLN A 61 37.85 -50.82 7.11
CA GLN A 61 39.01 -50.00 7.44
C GLN A 61 39.78 -49.40 6.26
N ALA A 62 39.89 -50.14 5.15
CA ALA A 62 40.62 -49.63 3.99
C ALA A 62 40.04 -48.29 3.56
N ASP A 63 38.77 -48.32 3.14
CA ASP A 63 38.05 -47.13 2.70
C ASP A 63 38.13 -46.04 3.79
N TYR A 64 37.70 -46.40 4.99
CA TYR A 64 37.67 -45.49 6.13
C TYR A 64 38.91 -44.63 6.46
N ASP A 65 40.11 -45.15 6.24
CA ASP A 65 41.33 -44.41 6.56
C ASP A 65 41.84 -43.48 5.45
N ARG A 66 41.88 -43.99 4.23
CA ARG A 66 42.35 -43.21 3.07
C ARG A 66 41.45 -41.99 2.94
N VAL A 67 40.23 -42.10 3.47
CA VAL A 67 39.27 -41.01 3.43
C VAL A 67 39.63 -39.95 4.47
N CYS A 68 40.02 -40.40 5.67
CA CYS A 68 40.37 -39.48 6.76
C CYS A 68 41.62 -38.63 6.48
N GLU A 69 42.52 -39.13 5.64
CA GLU A 69 43.77 -38.43 5.35
C GLU A 69 43.88 -37.87 3.92
N ASP A 70 43.52 -38.71 2.96
CA ASP A 70 43.56 -38.39 1.52
C ASP A 70 42.26 -37.81 0.97
N ASN A 71 41.20 -37.88 1.78
CA ASN A 71 39.89 -37.39 1.35
C ASN A 71 39.38 -38.31 0.24
N ARG A 72 40.05 -39.45 0.04
CA ARG A 72 39.68 -40.38 -1.01
C ARG A 72 39.23 -41.73 -0.50
N LEU A 73 38.57 -42.49 -1.36
CA LEU A 73 38.12 -43.83 -1.02
C LEU A 73 39.25 -44.74 -1.41
N ALA A 74 39.16 -46.00 -1.02
CA ALA A 74 40.20 -46.96 -1.37
C ALA A 74 40.59 -46.80 -2.85
N ASP A 75 39.69 -47.24 -3.74
CA ASP A 75 39.90 -47.20 -5.18
C ASP A 75 40.26 -45.86 -5.84
N GLY A 76 40.75 -44.91 -5.05
CA GLY A 76 41.17 -43.64 -5.62
C GLY A 76 40.15 -42.53 -5.75
N ASN A 77 38.87 -42.89 -5.92
CA ASN A 77 37.77 -41.92 -6.06
C ASN A 77 37.65 -40.98 -4.85
N VAL A 78 37.32 -39.73 -5.13
CA VAL A 78 37.15 -38.73 -4.09
C VAL A 78 35.92 -39.04 -3.24
N PHE A 79 36.06 -38.91 -1.91
CA PHE A 79 34.95 -39.16 -0.98
C PHE A 79 35.36 -38.68 0.40
N SER A 80 34.99 -37.43 0.71
CA SER A 80 35.35 -36.77 1.96
C SER A 80 34.57 -37.00 3.26
N MET A 81 33.78 -38.07 3.35
CA MET A 81 33.00 -38.29 4.57
C MET A 81 32.72 -39.77 4.89
N PRO A 82 33.15 -40.20 6.08
CA PRO A 82 33.01 -41.58 6.59
C PRO A 82 31.57 -42.10 6.76
N ILE A 83 31.33 -43.30 6.25
CA ILE A 83 30.03 -43.95 6.34
C ILE A 83 30.24 -45.32 6.99
N THR A 84 30.23 -45.31 8.31
CA THR A 84 30.48 -46.49 9.11
C THR A 84 29.39 -46.91 10.08
N LEU A 85 29.18 -48.21 10.17
CA LEU A 85 28.23 -48.76 11.11
C LEU A 85 29.05 -49.00 12.38
N ASP A 86 28.42 -48.97 13.55
CA ASP A 86 29.17 -49.24 14.78
C ASP A 86 28.44 -50.17 15.75
N ALA A 87 29.18 -50.62 16.76
CA ALA A 87 28.68 -51.54 17.78
C ALA A 87 29.64 -51.65 18.96
N SER A 88 29.16 -52.28 20.03
CA SER A 88 29.94 -52.50 21.26
C SER A 88 30.31 -53.99 21.36
N GLN A 89 31.41 -54.29 22.05
CA GLN A 89 31.89 -55.67 22.21
C GLN A 89 30.77 -56.62 22.67
N GLU A 90 29.88 -56.14 23.54
CA GLU A 90 28.77 -56.96 24.04
C GLU A 90 27.93 -57.52 22.90
N VAL A 91 27.73 -56.71 21.85
CA VAL A 91 26.93 -57.10 20.70
C VAL A 91 27.74 -57.85 19.64
N ILE A 92 29.04 -57.57 19.57
CA ILE A 92 29.91 -58.26 18.63
C ILE A 92 29.94 -59.75 19.02
N ASP A 93 30.01 -59.98 20.33
CA ASP A 93 30.05 -61.33 20.88
C ASP A 93 28.63 -61.88 20.89
N GLU A 94 27.78 -61.24 21.67
CA GLU A 94 26.35 -61.58 21.83
C GLU A 94 25.76 -62.34 20.63
N LYS A 95 26.06 -61.87 19.43
CA LYS A 95 25.55 -62.47 18.20
C LYS A 95 26.62 -63.22 17.40
N LYS A 96 27.87 -63.14 17.84
CA LYS A 96 28.99 -63.83 17.18
C LYS A 96 29.29 -63.16 15.83
N LEU A 97 29.89 -61.99 15.94
CA LEU A 97 30.23 -61.16 14.78
C LEU A 97 31.72 -61.07 14.48
N GLN A 98 32.12 -61.60 13.34
CA GLN A 98 33.52 -61.57 12.87
C GLN A 98 33.43 -61.53 11.35
N ALA A 99 34.52 -61.11 10.69
CA ALA A 99 34.53 -61.06 9.22
C ALA A 99 33.75 -62.24 8.65
N ALA A 100 33.14 -62.07 7.48
CA ALA A 100 32.38 -63.16 6.90
C ALA A 100 31.00 -63.37 7.53
N SER A 101 30.72 -62.62 8.58
CA SER A 101 29.43 -62.68 9.27
C SER A 101 28.36 -61.94 8.48
N ARG A 102 27.21 -62.57 8.31
CA ARG A 102 26.08 -61.97 7.59
C ARG A 102 25.03 -61.41 8.55
N ILE A 103 25.06 -60.10 8.78
CA ILE A 103 24.09 -59.45 9.67
C ILE A 103 22.89 -58.82 8.93
N THR A 104 21.76 -58.72 9.62
CA THR A 104 20.56 -58.09 9.06
C THR A 104 20.51 -56.69 9.65
N LEU A 105 20.42 -55.66 8.79
CA LEU A 105 20.35 -54.28 9.28
C LEU A 105 18.86 -53.88 9.42
N ARG A 106 18.47 -53.64 10.67
CA ARG A 106 17.08 -53.32 11.03
C ARG A 106 16.74 -51.85 11.25
N ASP A 107 15.52 -51.53 10.85
CA ASP A 107 14.96 -50.19 10.95
C ASP A 107 14.21 -50.10 12.29
N PHE A 108 14.70 -49.22 13.17
CA PHE A 108 14.09 -49.06 14.47
C PHE A 108 12.63 -48.57 14.45
N ARG A 109 12.30 -47.67 13.53
CA ARG A 109 10.94 -47.14 13.46
C ARG A 109 9.85 -48.20 13.26
N ASP A 110 10.18 -49.29 12.56
CA ASP A 110 9.16 -50.32 12.34
C ASP A 110 9.63 -51.77 12.36
N ASP A 111 10.90 -51.98 12.73
CA ASP A 111 11.53 -53.31 12.81
C ASP A 111 11.57 -54.07 11.49
N ARG A 112 11.60 -53.30 10.41
CA ARG A 112 11.66 -53.85 9.07
C ARG A 112 13.11 -54.20 8.79
N ASN A 113 13.30 -55.31 8.06
CA ASN A 113 14.62 -55.79 7.65
C ASN A 113 14.95 -55.01 6.39
N LEU A 114 16.02 -54.21 6.45
CA LEU A 114 16.45 -53.37 5.33
C LEU A 114 17.61 -53.88 4.46
N ALA A 115 18.73 -54.19 5.10
CA ALA A 115 19.92 -54.68 4.39
C ALA A 115 20.67 -55.81 5.13
N ILE A 116 21.43 -56.59 4.37
CA ILE A 116 22.24 -57.66 4.94
C ILE A 116 23.69 -57.25 4.71
N LEU A 117 24.42 -56.96 5.77
CA LEU A 117 25.81 -56.55 5.61
C LEU A 117 26.71 -57.77 5.81
N THR A 118 27.53 -58.11 4.82
CA THR A 118 28.46 -59.24 4.97
C THR A 118 29.82 -58.62 5.29
N ILE A 119 30.21 -58.74 6.56
CA ILE A 119 31.44 -58.15 7.07
C ILE A 119 32.73 -58.33 6.27
N ASP A 120 33.59 -57.33 6.42
CA ASP A 120 34.89 -57.30 5.78
C ASP A 120 35.89 -57.09 6.91
N ASP A 121 35.40 -56.58 8.03
CA ASP A 121 36.24 -56.37 9.21
C ASP A 121 35.46 -55.83 10.40
N ILE A 122 36.15 -55.61 11.52
CA ILE A 122 35.50 -55.14 12.73
C ILE A 122 36.44 -54.30 13.58
N TYR A 123 37.30 -53.53 12.90
CA TYR A 123 38.29 -52.65 13.54
C TYR A 123 37.74 -51.62 14.56
N ARG A 124 38.65 -50.92 15.24
CA ARG A 124 38.29 -49.90 16.24
C ARG A 124 38.96 -48.58 15.90
N PRO A 125 38.22 -47.62 15.37
CA PRO A 125 38.62 -46.28 14.94
C PRO A 125 39.23 -45.28 15.93
N ASP A 126 40.29 -44.61 15.48
CA ASP A 126 40.99 -43.60 16.25
C ASP A 126 40.09 -42.36 16.30
N LYS A 127 39.02 -42.42 17.08
CA LYS A 127 38.08 -41.30 17.16
C LYS A 127 38.69 -39.93 17.42
N THR A 128 40.01 -39.87 17.58
CA THR A 128 40.73 -38.63 17.84
C THR A 128 41.29 -38.07 16.54
N LYS A 129 41.93 -38.97 15.78
CA LYS A 129 42.51 -38.61 14.49
C LYS A 129 41.32 -38.21 13.63
N GLU A 130 40.39 -39.14 13.44
CA GLU A 130 39.20 -38.89 12.65
C GLU A 130 38.72 -37.49 13.01
N ALA A 131 38.11 -37.35 14.18
CA ALA A 131 37.57 -36.06 14.64
C ALA A 131 38.47 -34.82 14.46
N LYS A 132 39.77 -35.02 14.25
CA LYS A 132 40.65 -33.86 14.09
C LYS A 132 40.85 -33.46 12.64
N LEU A 133 41.26 -34.40 11.81
CA LEU A 133 41.50 -34.12 10.39
C LEU A 133 40.21 -34.13 9.56
N VAL A 134 39.33 -35.09 9.85
CA VAL A 134 38.05 -35.22 9.14
C VAL A 134 37.05 -34.13 9.52
N PHE A 135 36.89 -33.84 10.80
CA PHE A 135 35.95 -32.80 11.21
C PHE A 135 36.58 -31.51 11.69
N GLY A 136 37.88 -31.32 11.43
CA GLY A 136 38.54 -30.10 11.84
C GLY A 136 39.17 -30.09 13.23
N GLY A 137 38.58 -30.84 14.17
CA GLY A 137 39.15 -30.88 15.52
C GLY A 137 38.27 -30.45 16.69
N ASP A 138 38.36 -29.17 17.08
CA ASP A 138 37.61 -28.59 18.22
C ASP A 138 36.65 -29.52 18.95
N PRO A 139 36.92 -29.77 20.26
CA PRO A 139 36.14 -30.64 21.17
C PRO A 139 34.64 -30.35 21.25
N GLU A 140 34.24 -29.19 20.72
CA GLU A 140 32.84 -28.79 20.73
C GLU A 140 32.06 -29.33 19.54
N HIS A 141 32.54 -29.03 18.33
CA HIS A 141 31.91 -29.45 17.08
C HIS A 141 30.87 -30.54 17.28
N PRO A 142 29.66 -30.30 16.77
CA PRO A 142 28.52 -31.22 16.85
C PRO A 142 28.85 -32.67 16.51
N ALA A 143 29.57 -32.88 15.42
CA ALA A 143 29.90 -34.22 15.01
C ALA A 143 30.86 -34.87 15.99
N ILE A 144 31.81 -34.07 16.49
CA ILE A 144 32.78 -34.58 17.46
C ILE A 144 32.03 -35.05 18.71
N VAL A 145 31.28 -34.15 19.33
CA VAL A 145 30.51 -34.47 20.51
C VAL A 145 29.54 -35.66 20.29
N TYR A 146 29.28 -36.01 19.04
CA TYR A 146 28.40 -37.13 18.70
C TYR A 146 29.34 -38.32 18.62
N LEU A 147 30.45 -38.11 17.94
CA LEU A 147 31.48 -39.11 17.75
C LEU A 147 31.90 -39.70 19.09
N ASN A 148 32.25 -38.84 20.05
CA ASN A 148 32.70 -39.27 21.37
C ASN A 148 31.62 -39.86 22.27
N ASN A 149 30.45 -39.23 22.30
CA ASN A 149 29.35 -39.69 23.15
C ASN A 149 28.43 -40.77 22.59
N THR A 150 28.11 -40.69 21.31
CA THR A 150 27.18 -41.66 20.71
C THR A 150 27.75 -42.79 19.89
N VAL A 151 28.83 -42.52 19.16
CA VAL A 151 29.43 -43.56 18.32
C VAL A 151 30.08 -44.65 19.17
N LYS A 152 29.82 -45.91 18.81
CA LYS A 152 30.40 -47.02 19.54
C LYS A 152 31.91 -47.16 19.30
N GLU A 153 32.57 -47.90 20.18
CA GLU A 153 34.02 -48.10 20.11
C GLU A 153 34.58 -48.57 18.78
N PHE A 154 33.89 -49.49 18.12
CA PHE A 154 34.34 -50.03 16.83
C PHE A 154 33.33 -49.92 15.66
N TYR A 155 33.86 -49.85 14.44
CA TYR A 155 33.07 -49.76 13.22
C TYR A 155 33.03 -51.14 12.53
N ILE A 156 31.93 -51.45 11.85
CA ILE A 156 31.83 -52.74 11.17
C ILE A 156 31.77 -52.55 9.65
N GLY A 157 32.89 -52.77 8.98
CA GLY A 157 32.93 -52.63 7.54
C GLY A 157 32.35 -53.85 6.86
N GLY A 158 31.94 -53.70 5.61
CA GLY A 158 31.37 -54.80 4.88
C GLY A 158 30.43 -54.24 3.84
N LYS A 159 30.48 -54.80 2.64
CA LYS A 159 29.60 -54.34 1.57
C LYS A 159 28.16 -54.71 1.96
N ILE A 160 27.20 -54.11 1.28
CA ILE A 160 25.79 -54.32 1.57
C ILE A 160 24.94 -54.95 0.46
N GLU A 161 23.86 -55.59 0.87
CA GLU A 161 22.89 -56.18 -0.04
C GLU A 161 21.50 -55.69 0.37
N ALA A 162 20.80 -55.13 -0.61
CA ALA A 162 19.48 -54.55 -0.42
C ALA A 162 18.34 -55.55 -0.31
N VAL A 163 17.61 -55.52 0.80
CA VAL A 163 16.48 -56.43 0.97
C VAL A 163 15.11 -55.74 1.03
N ASN A 164 15.07 -54.48 1.46
CA ASN A 164 13.82 -53.73 1.51
C ASN A 164 14.05 -52.24 1.38
N LYS A 165 13.16 -51.57 0.64
CA LYS A 165 13.29 -50.14 0.40
C LYS A 165 13.42 -49.16 1.57
N LEU A 166 12.68 -49.34 2.68
CA LEU A 166 12.75 -48.40 3.83
C LEU A 166 11.57 -47.44 3.76
N ASN A 167 10.52 -47.77 4.50
CA ASN A 167 9.25 -47.06 4.50
C ASN A 167 9.06 -45.67 5.12
N HIS A 168 8.80 -44.71 4.24
CA HIS A 168 8.52 -43.31 4.59
C HIS A 168 7.03 -43.12 4.25
N TYR A 169 6.29 -42.41 5.09
CA TYR A 169 4.90 -42.24 4.75
C TYR A 169 4.53 -40.81 4.48
N ASP A 170 5.54 -39.97 4.39
CA ASP A 170 5.31 -38.58 4.13
C ASP A 170 5.99 -38.10 2.87
N TYR A 171 5.25 -37.31 2.09
CA TYR A 171 5.74 -36.70 0.89
C TYR A 171 6.43 -37.62 -0.10
N VAL A 172 5.78 -38.75 -0.41
CA VAL A 172 6.32 -39.74 -1.34
C VAL A 172 6.56 -39.10 -2.71
N ALA A 173 5.70 -38.17 -3.09
CA ALA A 173 5.85 -37.47 -4.35
C ALA A 173 7.15 -36.66 -4.37
N LEU A 174 7.68 -36.27 -3.22
CA LEU A 174 8.90 -35.45 -3.20
C LEU A 174 10.15 -36.26 -2.96
N ARG A 175 9.96 -37.53 -2.65
CA ARG A 175 11.07 -38.44 -2.38
C ARG A 175 11.58 -39.05 -3.68
N TYR A 176 12.81 -38.70 -4.02
CA TYR A 176 13.41 -39.18 -5.25
C TYR A 176 14.71 -39.91 -5.01
N THR A 177 14.92 -41.01 -5.73
CA THR A 177 16.18 -41.78 -5.68
C THR A 177 17.05 -41.21 -6.80
N PRO A 178 18.34 -41.53 -6.81
CA PRO A 178 19.10 -40.95 -7.93
C PRO A 178 18.55 -41.46 -9.26
N ALA A 179 18.01 -42.67 -9.26
CA ALA A 179 17.48 -43.25 -10.51
C ALA A 179 16.28 -42.45 -10.97
N GLU A 180 15.35 -42.26 -10.04
CA GLU A 180 14.13 -41.53 -10.33
C GLU A 180 14.37 -40.12 -10.90
N LEU A 181 15.30 -39.40 -10.29
CA LEU A 181 15.62 -38.06 -10.70
C LEU A 181 16.32 -38.07 -12.05
N ARG A 182 17.15 -39.09 -12.28
CA ARG A 182 17.82 -39.18 -13.58
C ARG A 182 16.76 -39.41 -14.67
N VAL A 183 15.79 -40.26 -14.40
CA VAL A 183 14.73 -40.52 -15.37
C VAL A 183 13.90 -39.25 -15.64
N HIS A 184 13.64 -38.50 -14.59
CA HIS A 184 12.85 -37.29 -14.72
C HIS A 184 13.63 -36.28 -15.58
N PHE A 185 14.89 -36.02 -15.25
CA PHE A 185 15.66 -35.05 -16.02
C PHE A 185 15.76 -35.47 -17.49
N ASP A 186 15.71 -36.78 -17.70
CA ASP A 186 15.83 -37.29 -19.05
C ASP A 186 14.53 -37.09 -19.83
N LYS A 187 13.39 -37.35 -19.20
CA LYS A 187 12.12 -37.18 -19.89
C LYS A 187 11.91 -35.73 -20.34
N LEU A 188 12.41 -34.79 -19.53
CA LEU A 188 12.23 -33.37 -19.81
C LEU A 188 13.30 -32.75 -20.69
N GLY A 189 14.26 -33.54 -21.14
CA GLY A 189 15.29 -32.95 -21.99
C GLY A 189 16.27 -32.14 -21.15
N TRP A 190 16.11 -32.18 -19.83
CA TRP A 190 17.02 -31.42 -19.00
C TRP A 190 18.45 -31.91 -19.12
N SER A 191 19.35 -30.99 -19.46
CA SER A 191 20.75 -31.37 -19.57
C SER A 191 21.34 -30.80 -18.29
N ARG A 192 21.82 -29.57 -18.36
CA ARG A 192 22.39 -28.88 -17.19
C ARG A 192 21.35 -28.65 -16.07
N VAL A 193 21.65 -29.12 -14.86
CA VAL A 193 20.76 -28.94 -13.72
C VAL A 193 21.48 -28.37 -12.48
N VAL A 194 21.07 -27.20 -11.98
CA VAL A 194 21.71 -26.63 -10.78
C VAL A 194 20.99 -27.00 -9.46
N ALA A 195 21.69 -27.71 -8.57
CA ALA A 195 21.13 -28.12 -7.30
C ALA A 195 21.40 -27.12 -6.19
N PHE A 196 20.47 -27.11 -5.25
CA PHE A 196 20.53 -26.24 -4.10
C PHE A 196 20.37 -27.07 -2.85
N GLN A 197 21.31 -26.85 -1.93
CA GLN A 197 21.34 -27.53 -0.65
C GLN A 197 20.87 -26.57 0.42
N THR A 198 19.94 -27.03 1.25
CA THR A 198 19.46 -26.20 2.34
C THR A 198 18.90 -27.06 3.46
N ARG A 199 18.87 -26.46 4.65
CA ARG A 199 18.37 -27.10 5.86
C ARG A 199 17.55 -26.02 6.53
N ASN A 200 17.25 -24.99 5.75
CA ASN A 200 16.52 -23.84 6.25
C ASN A 200 15.34 -23.45 5.37
N PRO A 201 14.43 -22.61 5.88
CA PRO A 201 13.21 -22.07 5.28
C PRO A 201 13.13 -21.59 3.82
N MET A 202 14.22 -21.12 3.23
CA MET A 202 14.18 -20.65 1.83
C MET A 202 13.16 -19.56 1.58
N HIS A 203 13.63 -18.33 1.54
CA HIS A 203 12.75 -17.21 1.33
C HIS A 203 12.76 -16.68 -0.10
N ARG A 204 12.91 -15.38 -0.23
CA ARG A 204 12.89 -14.70 -1.51
C ARG A 204 14.24 -14.47 -2.17
N ALA A 205 15.25 -14.10 -1.39
CA ALA A 205 16.54 -13.88 -2.02
C ALA A 205 17.07 -15.21 -2.58
N HIS A 206 16.62 -16.31 -1.99
CA HIS A 206 17.02 -17.65 -2.40
C HIS A 206 16.44 -17.92 -3.78
N ARG A 207 15.15 -17.66 -3.93
CA ARG A 207 14.46 -17.82 -5.19
C ARG A 207 15.17 -16.93 -6.22
N GLU A 208 15.90 -15.93 -5.73
CA GLU A 208 16.64 -15.02 -6.60
C GLU A 208 18.04 -15.56 -6.89
N LEU A 209 18.63 -16.25 -5.93
CA LEU A 209 19.95 -16.84 -6.13
C LEU A 209 19.80 -17.91 -7.20
N THR A 210 18.96 -18.89 -6.88
CA THR A 210 18.69 -20.02 -7.75
C THR A 210 18.27 -19.64 -9.19
N VAL A 211 17.23 -18.84 -9.35
CA VAL A 211 16.81 -18.44 -10.70
C VAL A 211 17.96 -17.76 -11.45
N ARG A 212 18.56 -16.75 -10.82
CA ARG A 212 19.67 -16.01 -11.42
C ARG A 212 20.86 -16.92 -11.74
N ALA A 213 21.17 -17.83 -10.83
CA ALA A 213 22.29 -18.74 -11.04
C ALA A 213 22.00 -19.70 -12.20
N ALA A 214 20.77 -20.17 -12.29
CA ALA A 214 20.41 -21.10 -13.33
C ALA A 214 20.29 -20.45 -14.70
N ARG A 215 19.67 -19.28 -14.77
CA ARG A 215 19.52 -18.62 -16.06
C ARG A 215 20.85 -18.21 -16.65
N SER A 216 21.88 -18.06 -15.82
CA SER A 216 23.20 -17.65 -16.33
C SER A 216 24.04 -18.87 -16.75
N ARG A 217 23.81 -20.03 -16.13
CA ARG A 217 24.51 -21.26 -16.50
C ARG A 217 23.59 -22.02 -17.47
N GLN A 218 22.58 -21.33 -17.98
CA GLN A 218 21.61 -21.91 -18.92
C GLN A 218 21.11 -23.26 -18.44
N ALA A 219 20.63 -23.33 -17.20
CA ALA A 219 20.16 -24.60 -16.67
C ALA A 219 18.82 -24.55 -15.96
N ASN A 220 18.41 -25.71 -15.47
CA ASN A 220 17.19 -25.93 -14.69
C ASN A 220 17.56 -26.01 -13.20
N VAL A 221 16.55 -25.99 -12.35
CA VAL A 221 16.82 -25.99 -10.92
C VAL A 221 16.31 -27.15 -10.09
N LEU A 222 17.19 -27.77 -9.33
CA LEU A 222 16.79 -28.84 -8.41
C LEU A 222 16.86 -28.27 -6.98
N ILE A 223 15.71 -28.06 -6.37
CA ILE A 223 15.69 -27.58 -4.99
C ILE A 223 15.75 -28.90 -4.22
N HIS A 224 16.89 -29.08 -3.55
CA HIS A 224 17.17 -30.31 -2.83
C HIS A 224 17.36 -30.20 -1.31
N PRO A 225 16.35 -29.69 -0.58
CA PRO A 225 16.50 -29.57 0.87
C PRO A 225 16.62 -30.93 1.60
N VAL A 226 17.26 -30.90 2.75
CA VAL A 226 17.48 -32.08 3.56
C VAL A 226 16.42 -32.43 4.65
N VAL A 227 16.33 -33.71 5.00
CA VAL A 227 15.40 -34.17 6.03
C VAL A 227 15.99 -35.44 6.63
N GLY A 228 15.85 -35.63 7.93
CA GLY A 228 16.37 -36.83 8.56
C GLY A 228 15.18 -37.74 8.58
N LEU A 229 15.08 -38.66 9.55
CA LEU A 229 13.90 -39.52 9.59
C LEU A 229 12.78 -38.72 10.29
N THR A 230 11.54 -38.97 9.87
CA THR A 230 10.39 -38.24 10.42
C THR A 230 9.73 -38.74 11.71
N LYS A 231 9.74 -37.87 12.73
CA LYS A 231 9.08 -38.18 14.00
C LYS A 231 7.61 -37.89 13.67
N PRO A 232 6.77 -38.95 13.64
CA PRO A 232 5.33 -38.91 13.33
C PRO A 232 4.55 -37.68 13.74
N GLY A 233 5.01 -36.98 14.78
CA GLY A 233 4.32 -35.78 15.25
C GLY A 233 5.25 -34.57 15.33
N ASP A 234 6.30 -34.57 14.51
CA ASP A 234 7.24 -33.46 14.47
C ASP A 234 6.67 -32.40 13.52
N ILE A 235 5.50 -31.85 13.89
CA ILE A 235 4.79 -30.85 13.08
C ILE A 235 5.72 -29.88 12.36
N ASP A 236 6.76 -29.40 13.04
CA ASP A 236 7.71 -28.46 12.46
C ASP A 236 8.15 -28.91 11.07
N HIS A 237 8.44 -30.21 10.99
CA HIS A 237 8.85 -30.87 9.75
C HIS A 237 7.79 -30.69 8.65
N PHE A 238 6.55 -31.04 8.93
CA PHE A 238 5.53 -30.87 7.90
C PHE A 238 5.41 -29.39 7.58
N THR A 239 5.71 -28.56 8.56
CA THR A 239 5.58 -27.15 8.29
C THR A 239 6.63 -26.74 7.29
N ARG A 240 7.87 -27.20 7.52
CA ARG A 240 9.02 -26.91 6.64
C ARG A 240 8.79 -27.30 5.19
N VAL A 241 8.43 -28.55 4.97
CA VAL A 241 8.14 -29.06 3.63
C VAL A 241 7.03 -28.19 2.99
N ARG A 242 5.97 -27.91 3.74
CA ARG A 242 4.88 -27.11 3.22
C ARG A 242 5.38 -25.75 2.79
N ALA A 243 6.34 -25.22 3.53
CA ALA A 243 6.93 -23.93 3.18
C ALA A 243 7.59 -24.08 1.83
N TYR A 244 8.42 -25.13 1.69
CA TYR A 244 9.11 -25.40 0.44
C TYR A 244 8.11 -25.56 -0.67
N GLN A 245 7.04 -26.31 -0.46
CA GLN A 245 6.06 -26.47 -1.52
C GLN A 245 5.34 -25.18 -1.95
N ALA A 246 5.14 -24.26 -1.04
CA ALA A 246 4.46 -23.01 -1.37
C ALA A 246 5.31 -22.10 -2.21
N LEU A 247 6.63 -22.26 -2.05
CA LEU A 247 7.64 -21.49 -2.76
C LEU A 247 7.78 -21.91 -4.23
N LEU A 248 7.45 -23.16 -4.52
CA LEU A 248 7.57 -23.71 -5.87
C LEU A 248 6.81 -22.97 -6.94
N PRO A 249 5.63 -22.48 -6.61
CA PRO A 249 5.05 -21.78 -7.77
C PRO A 249 5.64 -20.39 -8.05
N ARG A 250 6.55 -19.91 -7.22
CA ARG A 250 7.18 -18.61 -7.43
C ARG A 250 8.35 -18.71 -8.39
N TYR A 251 8.49 -19.88 -9.01
CA TYR A 251 9.57 -20.14 -9.95
C TYR A 251 9.06 -20.05 -11.39
N PRO A 252 9.88 -19.52 -12.31
CA PRO A 252 9.46 -19.42 -13.72
C PRO A 252 8.88 -20.77 -14.03
N ASN A 253 7.66 -20.83 -14.54
CA ASN A 253 7.01 -22.10 -14.80
C ASN A 253 7.92 -23.14 -15.42
N GLY A 254 8.05 -24.26 -14.73
CA GLY A 254 8.84 -25.37 -15.23
C GLY A 254 10.33 -25.29 -15.06
N MET A 255 10.83 -24.22 -14.45
CA MET A 255 12.25 -24.09 -14.27
C MET A 255 12.87 -25.06 -13.26
N ALA A 256 12.16 -25.32 -12.16
CA ALA A 256 12.67 -26.17 -11.07
C ALA A 256 11.89 -27.41 -10.65
N VAL A 257 12.56 -28.30 -9.91
CA VAL A 257 11.96 -29.51 -9.36
C VAL A 257 12.27 -29.50 -7.88
N LEU A 258 11.32 -29.99 -7.08
CA LEU A 258 11.49 -30.06 -5.64
C LEU A 258 11.71 -31.49 -5.23
N GLY A 259 12.86 -31.73 -4.61
CA GLY A 259 13.18 -33.08 -4.15
C GLY A 259 13.75 -33.07 -2.74
N LEU A 260 13.24 -33.98 -1.90
CA LEU A 260 13.70 -34.10 -0.53
C LEU A 260 14.82 -35.12 -0.49
N LEU A 261 15.92 -34.73 0.14
CA LEU A 261 17.07 -35.61 0.28
C LEU A 261 17.20 -36.11 1.72
N GLY A 262 16.94 -37.39 1.93
CA GLY A 262 17.09 -37.98 3.25
C GLY A 262 18.56 -38.16 3.61
N LEU A 263 19.24 -37.04 3.86
CA LEU A 263 20.64 -37.05 4.23
C LEU A 263 20.82 -36.63 5.70
N ALA A 264 21.72 -37.31 6.42
CA ALA A 264 22.02 -36.97 7.81
C ALA A 264 23.28 -36.09 7.80
N MET A 265 23.12 -34.79 7.99
CA MET A 265 24.28 -33.92 7.96
C MET A 265 25.17 -34.03 9.20
N ARG A 266 26.47 -33.86 9.02
CA ARG A 266 27.42 -33.90 10.13
C ARG A 266 27.85 -32.47 10.42
N MET A 267 27.28 -31.51 9.69
CA MET A 267 27.66 -30.10 9.85
C MET A 267 29.18 -30.03 9.80
N GLY A 268 29.77 -30.79 8.87
CA GLY A 268 31.21 -30.85 8.72
C GLY A 268 31.83 -29.92 7.70
N GLY A 269 31.37 -28.68 7.66
CA GLY A 269 31.93 -27.70 6.73
C GLY A 269 32.48 -28.18 5.38
N PRO A 270 33.60 -27.56 4.93
CA PRO A 270 34.29 -27.86 3.67
C PRO A 270 34.25 -29.32 3.26
N ARG A 271 34.39 -30.19 4.24
CA ARG A 271 34.38 -31.60 3.93
C ARG A 271 32.98 -32.16 3.70
N GLU A 272 31.98 -31.65 4.40
CA GLU A 272 30.63 -32.13 4.18
C GLU A 272 30.21 -31.64 2.80
N ALA A 273 30.56 -30.39 2.49
CA ALA A 273 30.27 -29.78 1.19
C ALA A 273 30.68 -30.77 0.09
N ILE A 274 31.98 -30.99 -0.05
CA ILE A 274 32.51 -31.92 -1.03
C ILE A 274 31.71 -33.24 -1.05
N TRP A 275 31.21 -33.66 0.10
CA TRP A 275 30.43 -34.88 0.21
C TRP A 275 29.07 -34.62 -0.50
N HIS A 276 28.49 -33.46 -0.20
CA HIS A 276 27.22 -33.02 -0.78
C HIS A 276 27.34 -33.01 -2.30
N ALA A 277 28.41 -32.39 -2.81
CA ALA A 277 28.63 -32.31 -4.26
C ALA A 277 28.58 -33.67 -4.94
N ILE A 278 29.09 -34.70 -4.28
CA ILE A 278 29.03 -36.01 -4.86
C ILE A 278 27.61 -36.56 -4.82
N ILE A 279 26.92 -36.30 -3.72
CA ILE A 279 25.55 -36.78 -3.56
C ILE A 279 24.63 -36.23 -4.67
N ARG A 280 24.79 -34.96 -4.98
CA ARG A 280 23.99 -34.33 -6.02
C ARG A 280 24.47 -34.85 -7.38
N LYS A 281 25.79 -34.95 -7.58
CA LYS A 281 26.26 -35.46 -8.87
C LYS A 281 25.65 -36.87 -9.09
N ASN A 282 25.56 -37.66 -8.04
CA ASN A 282 24.97 -38.97 -8.20
C ASN A 282 23.48 -38.81 -8.52
N HIS A 283 22.89 -37.73 -8.04
CA HIS A 283 21.49 -37.51 -8.28
C HIS A 283 21.21 -36.93 -9.67
N GLY A 284 22.28 -36.69 -10.44
CA GLY A 284 22.16 -36.15 -11.79
C GLY A 284 22.33 -34.64 -12.00
N ALA A 285 22.66 -33.89 -10.97
CA ALA A 285 22.84 -32.46 -11.16
C ALA A 285 24.17 -32.20 -11.85
N THR A 286 24.20 -31.22 -12.73
CA THR A 286 25.43 -30.91 -13.43
C THR A 286 26.18 -29.87 -12.63
N HIS A 287 25.42 -29.13 -11.81
CA HIS A 287 25.96 -28.06 -11.01
C HIS A 287 25.52 -28.13 -9.58
N PHE A 288 26.32 -27.50 -8.73
CA PHE A 288 26.01 -27.46 -7.33
C PHE A 288 26.36 -26.08 -6.80
N ILE A 289 25.46 -25.54 -5.98
CA ILE A 289 25.68 -24.25 -5.35
C ILE A 289 26.35 -24.55 -4.01
N VAL A 290 27.47 -23.87 -3.77
CA VAL A 290 28.23 -24.02 -2.55
C VAL A 290 28.25 -22.69 -1.85
N GLY A 291 27.69 -22.64 -0.65
CA GLY A 291 27.66 -21.38 0.05
C GLY A 291 28.71 -21.11 1.11
N ARG A 292 28.66 -19.88 1.63
CA ARG A 292 29.56 -19.45 2.69
C ARG A 292 29.16 -20.22 3.95
N ASP A 293 30.13 -20.89 4.56
CA ASP A 293 29.83 -21.66 5.75
C ASP A 293 28.85 -22.77 5.39
N HIS A 294 29.01 -23.30 4.19
CA HIS A 294 28.16 -24.39 3.74
C HIS A 294 28.41 -25.45 4.81
N ALA A 295 27.34 -26.04 5.31
CA ALA A 295 27.44 -27.09 6.33
C ALA A 295 28.19 -26.64 7.59
N GLY A 296 28.29 -25.33 7.79
CA GLY A 296 28.99 -24.79 8.94
C GLY A 296 28.27 -24.94 10.28
N PRO A 297 29.02 -25.14 11.39
CA PRO A 297 28.42 -25.28 12.71
C PRO A 297 28.34 -23.91 13.37
N GLY A 298 28.80 -22.90 12.65
CA GLY A 298 28.78 -21.54 13.17
C GLY A 298 29.97 -21.23 14.05
N SER A 299 29.72 -21.02 15.34
CA SER A 299 30.75 -20.70 16.33
C SER A 299 30.87 -21.75 17.43
N ASN A 300 31.77 -21.48 18.39
CA ASN A 300 31.99 -22.35 19.54
C ASN A 300 31.84 -21.56 20.84
N SER A 301 32.03 -22.25 21.97
CA SER A 301 31.92 -21.64 23.30
C SER A 301 32.48 -20.22 23.40
N LYS A 302 33.79 -20.08 23.18
CA LYS A 302 34.43 -18.77 23.24
C LYS A 302 34.00 -17.84 22.10
N GLY A 303 33.26 -18.39 21.13
CA GLY A 303 32.78 -17.59 19.99
C GLY A 303 33.58 -17.76 18.70
N GLU A 304 34.43 -18.78 18.65
CA GLU A 304 35.25 -19.04 17.48
C GLU A 304 34.50 -19.74 16.36
N ASP A 305 34.61 -19.21 15.14
CA ASP A 305 33.96 -19.81 13.98
C ASP A 305 34.77 -21.06 13.61
N PHE A 306 34.14 -22.24 13.67
CA PHE A 306 34.84 -23.48 13.35
C PHE A 306 35.55 -23.40 12.00
N TYR A 307 34.90 -22.78 11.01
CA TYR A 307 35.47 -22.65 9.67
C TYR A 307 35.40 -21.22 9.15
N GLY A 308 36.20 -20.95 8.11
CA GLY A 308 36.22 -19.64 7.51
C GLY A 308 35.03 -19.50 6.57
N PRO A 309 34.57 -18.27 6.35
CA PRO A 309 33.42 -18.07 5.46
C PRO A 309 33.58 -18.64 4.04
N TYR A 310 34.79 -19.06 3.68
CA TYR A 310 35.01 -19.58 2.36
C TYR A 310 35.79 -20.86 2.33
N ASP A 311 35.92 -21.50 3.48
CA ASP A 311 36.68 -22.74 3.55
C ASP A 311 35.93 -23.82 2.78
N ALA A 312 34.63 -23.63 2.62
CA ALA A 312 33.78 -24.59 1.93
C ALA A 312 33.90 -24.48 0.42
N GLN A 313 33.60 -23.29 -0.10
CA GLN A 313 33.65 -23.05 -1.53
C GLN A 313 35.02 -23.35 -2.12
N HIS A 314 36.07 -22.96 -1.40
CA HIS A 314 37.44 -23.17 -1.83
C HIS A 314 37.82 -24.64 -1.74
N ALA A 315 37.19 -25.37 -0.83
CA ALA A 315 37.47 -26.79 -0.64
C ALA A 315 36.91 -27.62 -1.79
N VAL A 316 35.76 -27.22 -2.31
CA VAL A 316 35.12 -27.92 -3.39
C VAL A 316 35.82 -27.70 -4.74
N GLU A 317 36.36 -26.49 -4.96
CA GLU A 317 37.05 -26.19 -6.21
C GLU A 317 38.35 -27.00 -6.35
N LYS A 318 38.94 -27.40 -5.22
CA LYS A 318 40.16 -28.18 -5.26
C LYS A 318 39.89 -29.47 -6.02
N TYR A 319 38.76 -30.10 -5.70
CA TYR A 319 38.36 -31.36 -6.33
C TYR A 319 37.31 -31.19 -7.43
N LYS A 320 36.81 -29.96 -7.59
CA LYS A 320 35.78 -29.65 -8.60
C LYS A 320 36.00 -30.33 -9.95
N ASP A 321 37.14 -30.08 -10.58
CA ASP A 321 37.43 -30.66 -11.88
C ASP A 321 37.36 -32.17 -11.90
N GLU A 322 38.01 -32.81 -10.94
CA GLU A 322 38.03 -34.26 -10.89
C GLU A 322 36.64 -34.90 -10.79
N LEU A 323 35.82 -34.38 -9.89
CA LEU A 323 34.47 -34.88 -9.66
C LEU A 323 33.56 -34.76 -10.86
N GLY A 324 33.80 -33.74 -11.69
CA GLY A 324 32.99 -33.55 -12.88
C GLY A 324 31.94 -32.48 -12.72
N ILE A 325 31.32 -32.46 -11.56
CA ILE A 325 30.29 -31.49 -11.26
C ILE A 325 30.90 -30.11 -11.11
N GLU A 326 30.20 -29.08 -11.58
CA GLU A 326 30.70 -27.71 -11.47
C GLU A 326 30.09 -26.94 -10.30
N VAL A 327 30.89 -26.03 -9.75
CA VAL A 327 30.50 -25.22 -8.61
C VAL A 327 29.92 -23.86 -8.95
N VAL A 328 28.86 -23.49 -8.26
CA VAL A 328 28.23 -22.20 -8.46
C VAL A 328 28.28 -21.50 -7.12
N GLU A 329 29.42 -20.92 -6.82
CA GLU A 329 29.58 -20.21 -5.56
C GLU A 329 28.62 -19.03 -5.62
N PHE A 330 27.81 -18.85 -4.59
CA PHE A 330 26.86 -17.75 -4.58
C PHE A 330 27.38 -16.51 -3.87
N GLN A 331 27.04 -15.35 -4.41
CA GLN A 331 27.43 -14.07 -3.85
C GLN A 331 26.13 -13.39 -3.45
N MET A 332 25.40 -14.01 -2.52
CA MET A 332 24.10 -13.48 -2.09
C MET A 332 23.96 -11.97 -2.17
N VAL A 333 22.86 -11.56 -2.80
CA VAL A 333 22.54 -10.15 -3.00
C VAL A 333 21.62 -9.64 -1.88
N THR A 334 21.38 -8.32 -1.88
CA THR A 334 20.51 -7.68 -0.90
C THR A 334 19.24 -7.17 -1.58
N TYR A 335 18.55 -6.22 -0.94
CA TYR A 335 17.33 -5.66 -1.51
C TYR A 335 17.45 -4.15 -1.69
N LEU A 336 16.90 -3.66 -2.80
CA LEU A 336 16.92 -2.24 -3.11
C LEU A 336 15.47 -1.79 -3.23
N PRO A 337 14.91 -1.22 -2.15
CA PRO A 337 13.54 -0.70 -2.03
C PRO A 337 13.16 0.24 -3.16
N ASP A 338 13.92 1.33 -3.27
CA ASP A 338 13.71 2.35 -4.29
C ASP A 338 13.62 1.63 -5.61
N THR A 339 14.51 0.67 -5.77
CA THR A 339 14.64 -0.14 -6.98
C THR A 339 13.54 -1.20 -7.11
N ASP A 340 13.36 -1.97 -6.05
CA ASP A 340 12.40 -3.08 -5.96
C ASP A 340 13.10 -4.27 -6.60
N GLU A 341 14.42 -4.32 -6.39
CA GLU A 341 15.25 -5.37 -6.94
C GLU A 341 16.32 -5.83 -5.94
N TYR A 342 17.10 -6.83 -6.34
CA TYR A 342 18.15 -7.39 -5.50
C TYR A 342 19.45 -7.36 -6.30
N ARG A 343 20.58 -7.15 -5.63
CA ARG A 343 21.87 -7.09 -6.33
C ARG A 343 23.06 -7.42 -5.44
N PRO A 344 24.14 -7.94 -6.03
CA PRO A 344 25.37 -8.31 -5.32
C PRO A 344 25.84 -7.29 -4.31
N VAL A 345 26.70 -7.74 -3.41
CA VAL A 345 27.26 -6.89 -2.38
C VAL A 345 28.06 -5.73 -2.99
N ASP A 346 28.06 -5.65 -4.31
CA ASP A 346 28.79 -4.59 -5.00
C ASP A 346 27.96 -3.86 -6.05
N GLN A 347 27.04 -4.57 -6.70
CA GLN A 347 26.19 -3.98 -7.74
C GLN A 347 25.25 -2.91 -7.18
N VAL A 348 25.50 -2.50 -5.93
CA VAL A 348 24.66 -1.51 -5.27
C VAL A 348 25.34 -0.15 -5.13
N PRO A 349 24.85 0.87 -5.85
CA PRO A 349 25.41 2.23 -5.79
C PRO A 349 25.42 2.74 -4.34
N ALA A 350 26.42 3.55 -3.99
CA ALA A 350 26.53 4.08 -2.63
C ALA A 350 25.33 4.89 -2.17
N GLY A 351 24.51 4.28 -1.31
CA GLY A 351 23.35 4.98 -0.79
C GLY A 351 21.97 4.53 -1.26
N VAL A 352 21.86 3.31 -1.79
CA VAL A 352 20.55 2.81 -2.25
C VAL A 352 19.69 2.47 -1.04
N LYS A 353 19.80 1.23 -0.57
CA LYS A 353 19.07 0.76 0.61
C LYS A 353 19.59 -0.60 1.10
N THR A 354 20.36 -0.57 2.19
CA THR A 354 20.95 -1.77 2.78
C THR A 354 19.88 -2.63 3.48
N LEU A 355 18.76 -2.82 2.80
CA LEU A 355 17.68 -3.61 3.36
C LEU A 355 17.93 -5.11 3.44
N ASN A 356 18.32 -5.57 4.62
CA ASN A 356 18.59 -6.99 4.84
C ASN A 356 18.21 -7.37 6.27
N ILE A 357 17.27 -8.30 6.40
CA ILE A 357 16.80 -8.78 7.68
C ILE A 357 17.72 -9.84 8.27
N SER A 358 17.83 -9.86 9.59
CA SER A 358 18.67 -10.81 10.30
C SER A 358 17.95 -12.14 10.51
N GLY A 359 18.73 -13.22 10.57
CA GLY A 359 18.14 -14.53 10.79
C GLY A 359 17.68 -14.65 12.22
N THR A 360 18.48 -14.09 13.13
CA THR A 360 18.18 -14.07 14.56
C THR A 360 16.97 -13.17 14.75
N GLU A 361 16.84 -12.18 13.88
CA GLU A 361 15.74 -11.22 13.93
C GLU A 361 14.49 -11.84 13.30
N LEU A 362 14.68 -12.67 12.29
CA LEU A 362 13.54 -13.30 11.64
C LEU A 362 12.90 -14.32 12.57
N ARG A 363 13.71 -15.17 13.19
CA ARG A 363 13.18 -16.16 14.14
C ARG A 363 12.42 -15.38 15.19
N ARG A 364 13.10 -14.37 15.73
CA ARG A 364 12.53 -13.50 16.75
C ARG A 364 11.15 -13.05 16.30
N ARG A 365 11.04 -12.57 15.07
CA ARG A 365 9.76 -12.11 14.53
C ARG A 365 8.73 -13.20 14.32
N LEU A 366 9.14 -14.29 13.67
CA LEU A 366 8.24 -15.40 13.44
C LEU A 366 7.57 -15.79 14.76
N ARG A 367 8.38 -15.79 15.83
CA ARG A 367 7.91 -16.10 17.18
C ARG A 367 6.85 -15.07 17.61
N SER A 368 7.25 -13.80 17.63
CA SER A 368 6.36 -12.72 18.06
C SER A 368 5.15 -12.47 17.16
N GLY A 369 5.22 -12.90 15.91
CA GLY A 369 4.09 -12.67 15.03
C GLY A 369 4.20 -11.29 14.40
N ALA A 370 5.33 -10.64 14.65
CA ALA A 370 5.59 -9.30 14.11
C ALA A 370 5.79 -9.36 12.59
N HIS A 371 4.90 -8.68 11.86
CA HIS A 371 4.92 -8.65 10.41
C HIS A 371 6.30 -8.78 9.79
N ILE A 372 6.35 -9.51 8.67
CA ILE A 372 7.60 -9.75 7.96
C ILE A 372 7.49 -9.24 6.53
N PRO A 373 8.44 -8.37 6.14
CA PRO A 373 8.58 -7.73 4.83
C PRO A 373 8.40 -8.70 3.67
N GLU A 374 7.42 -8.44 2.82
CA GLU A 374 7.18 -9.31 1.70
C GLU A 374 8.37 -9.33 0.72
N TRP A 375 9.25 -8.34 0.84
CA TRP A 375 10.44 -8.29 -0.01
C TRP A 375 11.47 -9.26 0.55
N PHE A 376 11.21 -9.73 1.76
CA PHE A 376 12.12 -10.65 2.43
C PHE A 376 11.72 -12.10 2.21
N SER A 377 10.44 -12.42 2.43
CA SER A 377 9.98 -13.78 2.24
C SER A 377 8.55 -13.73 1.73
N TYR A 378 8.20 -14.59 0.78
CA TYR A 378 6.84 -14.58 0.26
C TYR A 378 5.80 -14.86 1.34
N PRO A 379 4.61 -14.24 1.20
CA PRO A 379 3.45 -14.32 2.07
C PRO A 379 3.02 -15.73 2.42
N GLU A 380 2.56 -16.45 1.40
CA GLU A 380 2.11 -17.84 1.53
C GLU A 380 3.13 -18.76 2.22
N VAL A 381 4.41 -18.41 2.12
CA VAL A 381 5.47 -19.18 2.76
C VAL A 381 5.54 -18.81 4.24
N VAL A 382 5.53 -17.51 4.50
CA VAL A 382 5.58 -17.03 5.88
C VAL A 382 4.31 -17.42 6.61
N LYS A 383 3.19 -17.43 5.89
CA LYS A 383 1.92 -17.84 6.49
C LYS A 383 2.07 -19.25 7.07
N ILE A 384 2.86 -20.10 6.40
CA ILE A 384 3.07 -21.46 6.86
C ILE A 384 4.12 -21.55 7.96
N LEU A 385 5.23 -20.85 7.79
CA LEU A 385 6.29 -20.88 8.79
C LEU A 385 5.83 -20.44 10.18
N ARG A 386 4.78 -19.64 10.23
CA ARG A 386 4.25 -19.16 11.51
C ARG A 386 3.45 -20.22 12.26
N GLU A 387 2.73 -21.06 11.54
CA GLU A 387 1.91 -22.10 12.14
C GLU A 387 2.61 -22.94 13.20
N SER A 388 3.93 -22.94 13.21
CA SER A 388 4.67 -23.71 14.21
C SER A 388 4.87 -22.88 15.49
N ASN A 389 4.39 -21.63 15.44
CA ASN A 389 4.45 -20.69 16.56
C ASN A 389 3.14 -19.91 16.41
N PRO A 390 2.00 -20.60 16.68
CA PRO A 390 0.64 -20.04 16.58
C PRO A 390 0.40 -18.87 17.50
N PRO A 391 -0.65 -18.11 17.21
CA PRO A 391 -1.08 -16.93 17.95
C PRO A 391 -1.87 -17.38 19.18
N ARG A 392 -1.58 -16.77 20.31
CA ARG A 392 -2.24 -17.08 21.55
C ARG A 392 -3.76 -17.25 21.39
N ALA A 393 -4.36 -16.61 20.41
CA ALA A 393 -5.81 -16.71 20.26
C ALA A 393 -6.22 -18.05 19.71
N THR A 394 -5.22 -18.86 19.42
CA THR A 394 -5.43 -20.19 18.84
C THR A 394 -4.96 -21.35 19.72
N GLN A 395 -3.96 -21.08 20.55
CA GLN A 395 -3.41 -22.07 21.46
C GLN A 395 -4.41 -22.58 22.47
N GLY A 396 -4.38 -23.88 22.75
CA GLY A 396 -5.26 -24.41 23.77
C GLY A 396 -4.55 -24.02 25.06
N PHE A 397 -5.17 -24.25 26.19
CA PHE A 397 -4.53 -23.92 27.46
C PHE A 397 -5.26 -24.67 28.55
N THR A 398 -4.58 -24.81 29.67
CA THR A 398 -5.17 -25.50 30.78
C THR A 398 -5.24 -24.60 31.98
N ILE A 399 -6.41 -24.54 32.57
CA ILE A 399 -6.61 -23.76 33.78
C ILE A 399 -6.67 -24.88 34.81
N PHE A 400 -5.63 -24.96 35.62
CA PHE A 400 -5.51 -25.98 36.63
C PHE A 400 -5.80 -25.40 38.02
N LEU A 401 -6.97 -25.67 38.56
CA LEU A 401 -7.32 -25.15 39.90
C LEU A 401 -6.84 -26.11 40.97
N THR A 402 -6.54 -25.60 42.16
CA THR A 402 -6.07 -26.43 43.25
C THR A 402 -6.45 -25.79 44.55
N GLY A 403 -6.82 -26.59 45.54
CA GLY A 403 -7.21 -26.03 46.84
C GLY A 403 -7.88 -27.12 47.61
N TYR A 404 -8.24 -26.88 48.88
CA TYR A 404 -8.86 -27.93 49.71
C TYR A 404 -10.14 -28.47 49.13
N MET A 405 -10.57 -29.61 49.64
CA MET A 405 -11.79 -30.20 49.18
C MET A 405 -12.86 -29.20 49.63
N ASN A 406 -13.83 -28.97 48.76
CA ASN A 406 -14.91 -28.02 48.98
C ASN A 406 -14.43 -26.59 49.22
N SER A 407 -13.43 -26.17 48.47
CA SER A 407 -12.93 -24.80 48.61
C SER A 407 -13.72 -23.87 47.63
N GLY A 408 -14.66 -24.46 46.89
CA GLY A 408 -15.43 -23.71 45.92
C GLY A 408 -14.84 -23.84 44.52
N LYS A 409 -13.71 -24.54 44.41
CA LYS A 409 -13.08 -24.71 43.10
C LYS A 409 -14.00 -25.40 42.09
N ASP A 410 -14.86 -26.29 42.56
CA ASP A 410 -15.78 -27.00 41.66
C ASP A 410 -16.77 -26.02 41.02
N ALA A 411 -17.38 -25.18 41.85
CA ALA A 411 -18.32 -24.20 41.36
C ALA A 411 -17.61 -23.16 40.47
N ILE A 412 -16.39 -22.79 40.84
CA ILE A 412 -15.63 -21.81 40.05
C ILE A 412 -15.40 -22.40 38.69
N ALA A 413 -14.96 -23.66 38.69
CA ALA A 413 -14.68 -24.40 37.46
C ALA A 413 -15.91 -24.45 36.55
N ARG A 414 -17.05 -24.83 37.09
CA ARG A 414 -18.23 -24.88 36.27
C ARG A 414 -18.56 -23.54 35.65
N ALA A 415 -18.46 -22.47 36.42
CA ALA A 415 -18.78 -21.15 35.90
C ALA A 415 -17.74 -20.70 34.90
N LEU A 416 -16.53 -21.22 35.02
CA LEU A 416 -15.50 -20.79 34.07
C LEU A 416 -15.83 -21.43 32.74
N GLN A 417 -16.42 -22.62 32.82
CA GLN A 417 -16.85 -23.35 31.63
C GLN A 417 -17.94 -22.56 30.91
N VAL A 418 -19.00 -22.23 31.63
CA VAL A 418 -20.08 -21.50 31.00
C VAL A 418 -19.55 -20.24 30.39
N THR A 419 -18.65 -19.58 31.12
CA THR A 419 -18.12 -18.30 30.65
C THR A 419 -17.33 -18.51 29.36
N LEU A 420 -16.42 -19.48 29.39
CA LEU A 420 -15.65 -19.78 28.19
C LEU A 420 -16.53 -20.35 27.03
N ASN A 421 -17.59 -21.09 27.33
CA ASN A 421 -18.45 -21.54 26.22
C ASN A 421 -19.26 -20.40 25.63
N GLN A 422 -19.39 -19.29 26.35
CA GLN A 422 -20.09 -18.16 25.79
C GLN A 422 -19.11 -17.43 24.87
N GLN A 423 -17.81 -17.33 25.26
CA GLN A 423 -16.86 -16.61 24.41
C GLN A 423 -16.51 -17.43 23.16
N GLY A 424 -16.86 -18.70 23.23
CA GLY A 424 -16.76 -19.63 22.11
C GLY A 424 -15.54 -19.84 21.24
N GLY A 425 -14.39 -19.30 21.65
CA GLY A 425 -13.16 -19.42 20.88
C GLY A 425 -12.60 -20.83 20.76
N ARG A 426 -12.97 -21.70 21.70
CA ARG A 426 -12.52 -23.08 21.62
C ARG A 426 -13.43 -24.00 22.36
N SER A 427 -13.24 -25.29 22.15
CA SER A 427 -14.07 -26.22 22.84
C SER A 427 -13.49 -26.25 24.24
N VAL A 428 -14.34 -26.55 25.20
CA VAL A 428 -13.93 -26.56 26.59
C VAL A 428 -14.10 -27.91 27.21
N SER A 429 -13.03 -28.43 27.81
CA SER A 429 -13.04 -29.71 28.48
C SER A 429 -12.94 -29.54 29.99
N LEU A 430 -13.92 -30.09 30.71
CA LEU A 430 -13.97 -29.99 32.15
C LEU A 430 -13.55 -31.27 32.81
N LEU A 431 -12.47 -31.22 33.59
CA LEU A 431 -11.98 -32.39 34.30
C LEU A 431 -12.10 -32.15 35.81
N LEU A 432 -13.30 -32.31 36.33
CA LEU A 432 -13.48 -32.09 37.76
C LEU A 432 -12.80 -33.19 38.55
N GLY A 433 -12.46 -32.90 39.80
CA GLY A 433 -11.82 -33.91 40.62
C GLY A 433 -12.51 -35.25 40.55
N ASP A 434 -13.82 -35.29 40.84
CA ASP A 434 -14.55 -36.55 40.83
C ASP A 434 -14.66 -37.22 39.48
N THR A 435 -14.97 -36.47 38.42
CA THR A 435 -15.05 -37.05 37.08
C THR A 435 -13.73 -37.80 36.82
N VAL A 436 -12.60 -37.12 37.05
CA VAL A 436 -11.28 -37.71 36.87
C VAL A 436 -11.15 -38.99 37.69
N ARG A 437 -11.56 -38.92 38.96
CA ARG A 437 -11.46 -40.09 39.85
C ARG A 437 -12.31 -41.25 39.31
N HIS A 438 -13.49 -40.95 38.80
CA HIS A 438 -14.35 -41.99 38.27
C HIS A 438 -13.93 -42.54 36.92
N GLU A 439 -13.60 -41.65 35.98
CA GLU A 439 -13.21 -42.01 34.61
C GLU A 439 -11.78 -42.47 34.35
N LEU A 440 -10.80 -41.93 35.07
CA LEU A 440 -9.40 -42.29 34.81
C LEU A 440 -8.61 -42.86 35.98
N SER A 441 -9.11 -42.68 37.20
CA SER A 441 -8.39 -43.16 38.38
C SER A 441 -9.27 -43.92 39.38
N SER A 442 -10.35 -44.52 38.90
CA SER A 442 -11.27 -45.25 39.76
C SER A 442 -10.62 -46.26 40.70
N GLU A 443 -9.39 -46.69 40.39
CA GLU A 443 -8.75 -47.67 41.25
C GLU A 443 -7.43 -47.23 41.83
N LEU A 444 -7.32 -45.93 42.04
CA LEU A 444 -6.12 -45.38 42.64
C LEU A 444 -6.53 -45.05 44.06
N GLY A 445 -5.55 -44.83 44.93
CA GLY A 445 -5.83 -44.50 46.32
C GLY A 445 -5.42 -43.08 46.63
N PHE A 446 -5.08 -42.81 47.89
CA PHE A 446 -4.68 -41.46 48.27
C PHE A 446 -3.33 -41.33 48.93
N THR A 447 -2.44 -42.24 48.58
CA THR A 447 -1.11 -42.18 49.16
C THR A 447 -0.37 -41.15 48.35
N ARG A 448 0.71 -40.62 48.91
CA ARG A 448 1.51 -39.64 48.20
C ARG A 448 1.64 -40.13 46.75
N GLU A 449 2.14 -41.35 46.57
CA GLU A 449 2.33 -41.93 45.24
C GLU A 449 1.08 -41.94 44.37
N ASP A 450 -0.03 -42.44 44.94
CA ASP A 450 -1.30 -42.54 44.21
C ASP A 450 -1.86 -41.22 43.71
N ARG A 451 -1.83 -40.20 44.56
CA ARG A 451 -2.31 -38.88 44.19
C ARG A 451 -1.41 -38.37 43.07
N HIS A 452 -0.11 -38.57 43.20
CA HIS A 452 0.83 -38.12 42.18
C HIS A 452 0.47 -38.78 40.83
N THR A 453 0.16 -40.06 40.87
CA THR A 453 -0.19 -40.76 39.66
C THR A 453 -1.47 -40.17 39.08
N ASN A 454 -2.44 -39.92 39.95
CA ASN A 454 -3.70 -39.33 39.52
C ASN A 454 -3.47 -37.99 38.80
N ILE A 455 -2.56 -37.15 39.29
CA ILE A 455 -2.31 -35.87 38.66
C ILE A 455 -1.57 -36.06 37.33
N GLN A 456 -0.64 -37.00 37.30
CA GLN A 456 0.09 -37.21 36.05
C GLN A 456 -0.91 -37.64 34.99
N ARG A 457 -1.95 -38.31 35.42
CA ARG A 457 -2.98 -38.81 34.54
C ARG A 457 -3.85 -37.65 34.00
N ILE A 458 -4.08 -36.65 34.85
CA ILE A 458 -4.85 -35.50 34.43
C ILE A 458 -3.99 -34.69 33.47
N ALA A 459 -2.70 -34.58 33.78
CA ALA A 459 -1.78 -33.80 32.94
C ALA A 459 -1.69 -34.38 31.54
N PHE A 460 -1.63 -35.70 31.47
CA PHE A 460 -1.56 -36.37 30.17
C PHE A 460 -2.78 -36.01 29.36
N VAL A 461 -3.96 -36.28 29.89
CA VAL A 461 -5.19 -35.97 29.16
C VAL A 461 -5.27 -34.47 28.85
N ALA A 462 -4.93 -33.65 29.83
CA ALA A 462 -4.97 -32.20 29.63
C ALA A 462 -3.97 -31.81 28.53
N THR A 463 -2.79 -32.45 28.54
CA THR A 463 -1.79 -32.10 27.53
C THR A 463 -2.23 -32.46 26.11
N GLU A 464 -2.97 -33.55 25.95
CA GLU A 464 -3.42 -33.89 24.62
C GLU A 464 -4.48 -32.91 24.16
N LEU A 465 -5.38 -32.54 25.07
CA LEU A 465 -6.44 -31.59 24.75
C LEU A 465 -5.84 -30.21 24.48
N THR A 466 -4.86 -29.80 25.29
CA THR A 466 -4.22 -28.49 25.07
C THR A 466 -3.63 -28.48 23.67
N ARG A 467 -2.98 -29.58 23.30
CA ARG A 467 -2.40 -29.67 21.98
C ARG A 467 -3.46 -29.55 20.89
N ALA A 468 -4.65 -30.12 21.09
CA ALA A 468 -5.73 -30.03 20.09
C ALA A 468 -6.40 -28.66 20.09
N GLY A 469 -5.82 -27.71 20.84
CA GLY A 469 -6.33 -26.34 20.96
C GLY A 469 -7.54 -26.11 21.86
N ALA A 470 -7.79 -27.01 22.80
CA ALA A 470 -8.93 -26.89 23.69
C ALA A 470 -8.59 -26.07 24.90
N ALA A 471 -9.64 -25.70 25.63
CA ALA A 471 -9.49 -24.97 26.88
C ALA A 471 -9.80 -26.09 27.87
N VAL A 472 -8.81 -26.44 28.68
CA VAL A 472 -9.01 -27.49 29.67
C VAL A 472 -9.07 -26.89 31.06
N ILE A 473 -10.11 -27.23 31.80
CA ILE A 473 -10.29 -26.74 33.17
C ILE A 473 -10.28 -27.95 34.10
N ALA A 474 -9.25 -28.05 34.92
CA ALA A 474 -9.12 -29.17 35.85
C ALA A 474 -9.22 -28.66 37.28
N ALA A 475 -9.97 -29.39 38.10
CA ALA A 475 -10.16 -29.02 39.50
C ALA A 475 -9.89 -30.10 40.53
N PRO A 476 -8.68 -30.70 40.49
CA PRO A 476 -8.32 -31.74 41.45
C PRO A 476 -7.84 -31.02 42.72
N ILE A 477 -7.54 -31.75 43.79
CA ILE A 477 -7.03 -31.11 45.01
C ILE A 477 -5.57 -30.78 44.77
N ALA A 478 -4.84 -31.74 44.23
CA ALA A 478 -3.43 -31.56 43.93
C ALA A 478 -2.72 -30.99 45.14
N PRO A 479 -2.59 -31.79 46.21
CA PRO A 479 -1.94 -31.39 47.46
C PRO A 479 -0.45 -31.18 47.40
N TYR A 480 0.21 -31.79 46.43
CA TYR A 480 1.68 -31.69 46.35
C TYR A 480 2.34 -30.89 45.24
N GLU A 481 3.34 -30.11 45.64
CA GLU A 481 4.11 -29.28 44.74
C GLU A 481 4.70 -30.13 43.63
N GLU A 482 5.24 -31.28 43.99
CA GLU A 482 5.83 -32.17 42.99
C GLU A 482 4.84 -32.46 41.85
N SER A 483 3.59 -32.78 42.21
CA SER A 483 2.53 -33.08 41.24
C SER A 483 2.19 -31.91 40.31
N ARG A 484 1.83 -30.79 40.91
CA ARG A 484 1.47 -29.61 40.17
C ARG A 484 2.61 -29.22 39.24
N LYS A 485 3.86 -29.30 39.72
CA LYS A 485 5.02 -28.97 38.89
C LYS A 485 5.04 -29.92 37.69
N PHE A 486 4.70 -31.19 37.92
CA PHE A 486 4.68 -32.18 36.84
C PHE A 486 3.66 -31.79 35.79
N ALA A 487 2.45 -31.52 36.24
CA ALA A 487 1.36 -31.14 35.33
C ALA A 487 1.75 -29.91 34.53
N ARG A 488 2.36 -28.93 35.21
CA ARG A 488 2.76 -27.72 34.54
C ARG A 488 3.74 -28.04 33.41
N ASP A 489 4.69 -28.92 33.68
CA ASP A 489 5.68 -29.25 32.65
C ASP A 489 5.11 -30.08 31.53
N ALA A 490 4.23 -31.02 31.88
CA ALA A 490 3.59 -31.88 30.87
C ALA A 490 2.80 -31.02 29.88
N VAL A 491 1.94 -30.15 30.41
CA VAL A 491 1.09 -29.30 29.59
C VAL A 491 1.85 -28.22 28.81
N SER A 492 2.91 -27.68 29.40
CA SER A 492 3.68 -26.63 28.73
C SER A 492 4.24 -27.07 27.39
N GLN A 493 4.45 -28.38 27.24
CA GLN A 493 4.96 -28.92 26.00
C GLN A 493 3.98 -28.70 24.86
N ALA A 494 2.70 -28.50 25.18
CA ALA A 494 1.72 -28.31 24.11
C ALA A 494 0.99 -26.97 24.12
N GLY A 495 1.16 -26.20 25.19
CA GLY A 495 0.48 -24.93 25.26
C GLY A 495 0.64 -24.31 26.62
N SER A 496 -0.17 -23.30 26.95
CA SER A 496 -0.02 -22.66 28.25
C SER A 496 -0.77 -23.29 29.41
N PHE A 497 -0.18 -23.14 30.59
CA PHE A 497 -0.69 -23.68 31.83
C PHE A 497 -0.85 -22.59 32.92
N PHE A 498 -1.99 -22.57 33.58
CA PHE A 498 -2.21 -21.58 34.61
C PHE A 498 -2.62 -22.28 35.88
N LEU A 499 -1.93 -21.96 36.96
CA LEU A 499 -2.28 -22.54 38.22
C LEU A 499 -3.07 -21.52 39.00
N VAL A 500 -4.29 -21.90 39.37
CA VAL A 500 -5.10 -21.02 40.15
C VAL A 500 -5.27 -21.68 41.48
N HIS A 501 -4.75 -21.05 42.53
CA HIS A 501 -4.88 -21.59 43.88
C HIS A 501 -6.17 -21.09 44.52
N VAL A 502 -7.14 -21.98 44.71
CA VAL A 502 -8.38 -21.55 45.35
C VAL A 502 -8.02 -21.66 46.82
N ALA A 503 -7.41 -20.60 47.33
CA ALA A 503 -6.92 -20.51 48.69
C ALA A 503 -7.94 -20.38 49.80
N THR A 504 -9.16 -20.81 49.57
CA THR A 504 -10.20 -20.75 50.61
C THR A 504 -9.69 -21.45 51.85
N PRO A 505 -9.76 -20.79 53.01
CA PRO A 505 -9.30 -21.35 54.28
C PRO A 505 -10.01 -22.63 54.70
N LEU A 506 -9.25 -23.57 55.24
CA LEU A 506 -9.78 -24.86 55.68
C LEU A 506 -11.02 -24.74 56.54
N GLU A 507 -10.94 -23.92 57.57
CA GLU A 507 -12.07 -23.74 58.46
C GLU A 507 -13.31 -23.46 57.64
N HIS A 508 -13.18 -22.55 56.68
CA HIS A 508 -14.31 -22.19 55.84
C HIS A 508 -14.83 -23.40 55.09
N CYS A 509 -13.91 -24.16 54.51
CA CYS A 509 -14.28 -25.37 53.80
C CYS A 509 -15.03 -26.35 54.69
N GLU A 510 -14.52 -26.59 55.90
CA GLU A 510 -15.18 -27.54 56.81
C GLU A 510 -16.54 -27.06 57.20
N GLN A 511 -16.63 -25.83 57.70
CA GLN A 511 -17.89 -25.28 58.13
C GLN A 511 -18.96 -25.35 57.06
N SER A 512 -18.57 -25.11 55.82
CA SER A 512 -19.55 -25.12 54.75
C SER A 512 -19.82 -26.50 54.17
N ASP A 513 -18.99 -27.48 54.53
CA ASP A 513 -19.17 -28.85 54.04
C ASP A 513 -20.60 -29.33 54.34
N LYS A 514 -21.33 -29.67 53.29
CA LYS A 514 -22.70 -30.12 53.45
C LYS A 514 -22.83 -31.60 53.11
N ARG A 515 -21.72 -32.32 53.13
CA ARG A 515 -21.72 -33.76 52.83
C ARG A 515 -21.09 -34.57 53.93
N GLY A 516 -20.60 -33.89 54.96
CA GLY A 516 -20.00 -34.58 56.09
C GLY A 516 -18.73 -35.34 55.82
N ILE A 517 -18.01 -35.00 54.77
CA ILE A 517 -16.77 -35.71 54.49
C ILE A 517 -15.68 -35.26 55.46
N TYR A 518 -15.65 -33.97 55.79
CA TYR A 518 -14.66 -33.49 56.74
C TYR A 518 -14.99 -34.08 58.11
N ALA A 519 -16.28 -34.24 58.38
CA ALA A 519 -16.74 -34.80 59.65
C ALA A 519 -16.25 -36.24 59.77
N ALA A 520 -16.57 -37.04 58.77
CA ALA A 520 -16.16 -38.43 58.77
C ALA A 520 -14.64 -38.55 58.88
N ALA A 521 -13.91 -37.77 58.08
CA ALA A 521 -12.44 -37.82 58.11
C ALA A 521 -11.88 -37.44 59.46
N ARG A 522 -12.58 -36.53 60.17
CA ARG A 522 -12.17 -36.07 61.52
C ARG A 522 -12.24 -37.22 62.52
N ARG A 523 -13.29 -38.02 62.40
CA ARG A 523 -13.48 -39.18 63.28
C ARG A 523 -12.95 -40.52 62.74
N GLY A 524 -11.90 -40.47 61.90
CA GLY A 524 -11.27 -41.66 61.35
C GLY A 524 -11.99 -42.57 60.34
N GLU A 525 -13.18 -42.18 59.90
CA GLU A 525 -13.95 -42.97 58.92
C GLU A 525 -13.29 -42.95 57.52
N ILE A 526 -12.28 -42.10 57.37
CA ILE A 526 -11.52 -41.93 56.13
C ILE A 526 -10.08 -41.66 56.56
N LYS A 527 -9.13 -42.39 56.01
CA LYS A 527 -7.73 -42.21 56.37
C LYS A 527 -7.12 -41.02 55.62
N GLY A 528 -5.98 -40.54 56.13
CA GLY A 528 -5.24 -39.42 55.53
C GLY A 528 -5.94 -38.44 54.60
N PHE A 529 -7.02 -37.82 55.07
CA PHE A 529 -7.78 -36.82 54.31
C PHE A 529 -7.04 -35.49 54.32
N THR A 530 -6.85 -34.91 53.14
CA THR A 530 -6.12 -33.65 53.05
C THR A 530 -6.67 -32.59 53.98
N GLY A 531 -5.75 -31.89 54.65
CA GLY A 531 -6.12 -30.85 55.59
C GLY A 531 -6.35 -31.40 56.99
N VAL A 532 -6.85 -32.63 57.07
CA VAL A 532 -7.11 -33.29 58.34
C VAL A 532 -5.95 -34.19 58.76
N ASP A 533 -5.72 -35.27 58.01
CA ASP A 533 -4.63 -36.22 58.30
C ASP A 533 -3.56 -36.28 57.22
N ASP A 534 -3.72 -35.49 56.17
CA ASP A 534 -2.73 -35.45 55.09
C ASP A 534 -2.45 -33.98 54.77
N PRO A 535 -1.21 -33.64 54.38
CA PRO A 535 -0.89 -32.25 54.09
C PRO A 535 -1.33 -31.66 52.74
N TYR A 536 -1.38 -30.32 52.71
CA TYR A 536 -1.70 -29.56 51.51
C TYR A 536 -0.53 -28.59 51.32
N GLU A 537 0.37 -28.91 50.41
CA GLU A 537 1.50 -28.06 50.16
C GLU A 537 1.05 -26.79 49.45
N THR A 538 0.83 -25.72 50.21
CA THR A 538 0.41 -24.45 49.64
C THR A 538 1.28 -23.97 48.48
N PRO A 539 0.65 -23.66 47.33
CA PRO A 539 1.36 -23.18 46.14
C PRO A 539 2.18 -21.96 46.45
N GLU A 540 3.28 -21.77 45.71
CA GLU A 540 4.12 -20.60 45.96
C GLU A 540 4.19 -19.60 44.82
N LYS A 541 4.13 -20.09 43.58
CA LYS A 541 4.19 -19.21 42.43
C LYS A 541 2.93 -19.38 41.59
N ALA A 542 1.78 -19.44 42.25
CA ALA A 542 0.52 -19.61 41.56
C ALA A 542 0.30 -18.44 40.61
N ASP A 543 -0.24 -18.72 39.44
CA ASP A 543 -0.52 -17.69 38.47
C ASP A 543 -1.63 -16.75 39.02
N LEU A 544 -2.46 -17.27 39.92
CA LEU A 544 -3.54 -16.45 40.46
C LEU A 544 -4.05 -17.06 41.74
N VAL A 545 -4.19 -16.24 42.77
CA VAL A 545 -4.69 -16.70 44.08
C VAL A 545 -6.06 -16.10 44.38
N VAL A 546 -6.97 -16.95 44.79
CA VAL A 546 -8.35 -16.55 45.01
C VAL A 546 -8.90 -17.13 46.31
N ASP A 547 -9.93 -16.50 46.87
CA ASP A 547 -10.54 -16.97 48.11
C ASP A 547 -12.06 -17.01 47.93
N PHE A 548 -12.64 -18.19 47.93
CA PHE A 548 -14.06 -18.33 47.75
C PHE A 548 -14.87 -17.82 48.95
N SER A 549 -14.16 -17.43 50.03
CA SER A 549 -14.80 -16.88 51.25
C SER A 549 -14.94 -15.38 51.13
N LYS A 550 -14.00 -14.79 50.40
CA LYS A 550 -13.90 -13.35 50.22
C LYS A 550 -14.43 -12.80 48.91
N GLN A 551 -14.46 -13.62 47.86
CA GLN A 551 -14.90 -13.18 46.55
C GLN A 551 -15.99 -14.05 45.98
N SER A 552 -16.93 -13.45 45.23
CA SER A 552 -17.98 -14.23 44.56
C SER A 552 -17.34 -14.96 43.35
N VAL A 553 -18.07 -15.95 42.82
CA VAL A 553 -17.55 -16.74 41.69
C VAL A 553 -17.42 -15.94 40.42
N ARG A 554 -18.41 -15.12 40.09
CA ARG A 554 -18.30 -14.35 38.87
C ARG A 554 -17.09 -13.42 38.97
N SER A 555 -16.81 -12.91 40.15
CA SER A 555 -15.67 -12.03 40.34
C SER A 555 -14.39 -12.87 40.19
N ILE A 556 -14.40 -14.10 40.72
CA ILE A 556 -13.24 -14.99 40.61
C ILE A 556 -13.03 -15.43 39.15
N VAL A 557 -14.12 -15.89 38.51
CA VAL A 557 -14.05 -16.31 37.11
C VAL A 557 -13.49 -15.12 36.30
N HIS A 558 -13.96 -13.93 36.63
CA HIS A 558 -13.51 -12.76 35.88
C HIS A 558 -12.01 -12.42 36.07
N GLU A 559 -11.44 -12.74 37.23
CA GLU A 559 -10.05 -12.45 37.43
C GLU A 559 -9.28 -13.39 36.50
N ILE A 560 -9.77 -14.64 36.43
CA ILE A 560 -9.18 -15.67 35.58
C ILE A 560 -9.30 -15.23 34.14
N ILE A 561 -10.49 -14.75 33.77
CA ILE A 561 -10.67 -14.27 32.39
C ILE A 561 -9.72 -13.12 32.12
N LEU A 562 -9.54 -12.23 33.09
CA LEU A 562 -8.63 -11.11 32.88
C LEU A 562 -7.19 -11.57 32.60
N VAL A 563 -6.72 -12.57 33.30
CA VAL A 563 -5.37 -13.03 33.03
C VAL A 563 -5.26 -13.52 31.59
N LEU A 564 -6.19 -14.40 31.20
CA LEU A 564 -6.22 -14.94 29.84
C LEU A 564 -6.30 -13.83 28.80
N GLU A 565 -7.18 -12.85 29.03
CA GLU A 565 -7.39 -11.72 28.11
C GLU A 565 -6.06 -10.98 27.95
N SER A 566 -5.39 -10.76 29.08
CA SER A 566 -4.13 -10.01 29.07
C SER A 566 -2.95 -10.73 28.42
N GLN A 567 -3.13 -11.99 28.10
CA GLN A 567 -2.04 -12.69 27.48
C GLN A 567 -2.38 -13.05 26.05
N GLY A 568 -3.34 -12.32 25.49
CA GLY A 568 -3.74 -12.54 24.12
C GLY A 568 -4.52 -13.81 23.81
N PHE A 569 -4.85 -14.61 24.82
CA PHE A 569 -5.58 -15.85 24.54
C PHE A 569 -6.99 -15.64 24.05
N LEU A 570 -7.67 -14.62 24.56
CA LEU A 570 -9.05 -14.42 24.19
C LEU A 570 -9.39 -13.52 23.01
N GLU A 571 -8.40 -12.94 22.32
CA GLU A 571 -8.63 -12.06 21.16
C GLU A 571 -9.85 -12.61 20.44
N ARG A 572 -11.03 -12.16 20.91
CA ARG A 572 -12.36 -12.60 20.46
C ARG A 572 -12.78 -12.55 18.99
N GLN A 573 -14.04 -12.94 18.79
CA GLN A 573 -14.70 -13.00 17.49
C GLN A 573 -15.76 -11.90 17.34
N MET B 1 -17.69 -5.03 46.03
CA MET B 1 -18.02 -3.74 45.34
C MET B 1 -16.80 -3.22 44.56
N ALA B 2 -16.90 -2.01 44.01
CA ALA B 2 -15.81 -1.39 43.26
C ALA B 2 -14.95 -0.65 44.27
N ASN B 3 -14.98 0.66 44.21
CA ASN B 3 -14.25 1.48 45.16
C ASN B 3 -15.36 2.10 46.00
N ALA B 4 -15.11 2.31 47.30
CA ALA B 4 -16.15 2.91 48.14
C ALA B 4 -16.32 4.39 47.82
N PRO B 5 -17.52 4.93 48.05
CA PRO B 5 -17.69 6.35 47.74
C PRO B 5 -16.75 7.21 48.57
N HIS B 6 -16.41 8.40 48.05
CA HIS B 6 -15.53 9.33 48.78
C HIS B 6 -16.28 9.85 50.00
N GLY B 7 -15.79 9.48 51.18
CA GLY B 7 -16.45 9.84 52.41
C GLY B 7 -17.16 8.60 52.96
N GLY B 8 -17.15 7.53 52.15
CA GLY B 8 -17.75 6.26 52.54
C GLY B 8 -19.24 6.08 52.29
N VAL B 9 -19.93 7.12 51.85
CA VAL B 9 -21.36 7.00 51.58
C VAL B 9 -21.68 7.75 50.32
N LEU B 10 -22.36 7.08 49.38
CA LEU B 10 -22.70 7.76 48.14
C LEU B 10 -23.87 8.71 48.36
N LYS B 11 -23.61 9.98 48.10
CA LYS B 11 -24.59 11.06 48.22
C LYS B 11 -25.62 11.04 47.07
N ASP B 12 -26.19 9.88 46.81
CA ASP B 12 -27.18 9.78 45.75
C ASP B 12 -28.49 10.46 46.22
N LEU B 13 -28.56 11.77 46.13
CA LEU B 13 -29.73 12.49 46.61
C LEU B 13 -31.02 12.21 45.84
N LEU B 14 -30.89 11.93 44.55
CA LEU B 14 -32.09 11.63 43.80
C LEU B 14 -32.67 10.33 44.36
N ALA B 15 -31.82 9.39 44.74
CA ALA B 15 -32.32 8.14 45.30
C ALA B 15 -32.91 8.44 46.68
N ARG B 16 -32.19 9.21 47.48
CA ARG B 16 -32.64 9.54 48.84
C ARG B 16 -33.98 10.25 48.83
N ASP B 17 -34.11 11.25 47.99
CA ASP B 17 -35.34 11.99 48.00
C ASP B 17 -36.46 11.46 47.12
N ALA B 18 -36.22 10.34 46.44
CA ALA B 18 -37.27 9.81 45.55
C ALA B 18 -38.64 9.70 46.21
N PRO B 19 -38.73 9.06 47.39
CA PRO B 19 -39.99 8.88 48.13
C PRO B 19 -40.82 10.18 48.33
N ARG B 20 -40.15 11.33 48.39
CA ARG B 20 -40.84 12.60 48.57
C ARG B 20 -40.99 13.39 47.27
N GLN B 21 -40.50 12.81 46.19
CA GLN B 21 -40.56 13.41 44.87
C GLN B 21 -41.72 14.37 44.65
N ALA B 22 -42.95 13.85 44.68
CA ALA B 22 -44.17 14.64 44.45
C ALA B 22 -44.40 15.83 45.38
N GLU B 23 -44.01 15.70 46.64
CA GLU B 23 -44.20 16.79 47.57
C GLU B 23 -43.17 17.87 47.33
N LEU B 24 -41.90 17.49 47.16
CA LEU B 24 -40.84 18.47 46.90
C LEU B 24 -41.18 19.13 45.58
N ALA B 25 -41.70 18.31 44.66
CA ALA B 25 -42.09 18.84 43.38
C ALA B 25 -43.15 19.92 43.59
N ALA B 26 -44.19 19.63 44.38
CA ALA B 26 -45.26 20.62 44.66
C ALA B 26 -44.69 21.93 45.22
N GLU B 27 -43.97 21.83 46.32
CA GLU B 27 -43.38 23.01 46.94
C GLU B 27 -42.37 23.72 46.06
N ALA B 28 -41.69 22.96 45.21
CA ALA B 28 -40.68 23.56 44.35
C ALA B 28 -41.37 24.60 43.47
N GLU B 29 -42.70 24.44 43.34
CA GLU B 29 -43.52 25.32 42.52
C GLU B 29 -43.66 26.73 43.05
N SER B 30 -43.80 26.84 44.36
CA SER B 30 -44.03 28.13 44.98
C SER B 30 -42.83 28.94 45.40
N LEU B 31 -41.78 28.26 45.86
CA LEU B 31 -40.57 28.90 46.33
C LEU B 31 -39.94 29.91 45.38
N PRO B 32 -39.12 30.82 45.92
CA PRO B 32 -38.44 31.82 45.09
C PRO B 32 -37.51 30.95 44.19
N ALA B 33 -37.34 31.32 42.94
CA ALA B 33 -36.50 30.51 42.07
C ALA B 33 -35.28 31.18 41.44
N VAL B 34 -34.14 30.53 41.63
CA VAL B 34 -32.88 30.98 41.04
C VAL B 34 -32.69 30.08 39.78
N THR B 35 -32.43 30.69 38.63
CA THR B 35 -32.21 29.88 37.43
C THR B 35 -30.72 29.77 37.16
N LEU B 36 -30.21 28.55 37.34
CA LEU B 36 -28.82 28.22 37.18
C LEU B 36 -28.14 28.46 35.83
N THR B 37 -26.83 28.72 35.93
CA THR B 37 -25.94 28.92 34.77
C THR B 37 -25.53 27.52 34.28
N GLU B 38 -24.83 27.43 33.15
CA GLU B 38 -24.43 26.10 32.70
C GLU B 38 -23.52 25.45 33.71
N ARG B 39 -22.58 26.20 34.30
CA ARG B 39 -21.69 25.62 35.31
C ARG B 39 -22.42 25.16 36.58
N GLN B 40 -23.35 25.95 37.07
CA GLN B 40 -24.06 25.51 38.27
C GLN B 40 -24.95 24.29 37.94
N LEU B 41 -25.40 24.18 36.70
CA LEU B 41 -26.20 23.01 36.34
C LEU B 41 -25.36 21.72 36.34
N CYS B 42 -24.22 21.75 35.67
CA CYS B 42 -23.36 20.59 35.65
C CYS B 42 -22.99 20.22 37.05
N ASP B 43 -22.80 21.20 37.91
CA ASP B 43 -22.47 20.89 39.29
C ASP B 43 -23.60 20.22 40.05
N LEU B 44 -24.78 20.79 39.87
CA LEU B 44 -25.97 20.32 40.54
C LEU B 44 -26.20 18.84 40.20
N GLU B 45 -26.01 18.52 38.91
CA GLU B 45 -26.17 17.17 38.47
C GLU B 45 -25.25 16.21 39.22
N LEU B 46 -23.99 16.57 39.39
CA LEU B 46 -23.10 15.67 40.08
C LEU B 46 -23.34 15.67 41.59
N ILE B 47 -23.84 16.80 42.10
CA ILE B 47 -24.14 16.84 43.54
C ILE B 47 -25.28 15.86 43.76
N MET B 48 -26.37 16.06 43.03
CA MET B 48 -27.54 15.19 43.12
C MET B 48 -27.35 13.70 42.91
N ASN B 49 -26.44 13.32 42.01
CA ASN B 49 -26.23 11.89 41.74
C ASN B 49 -25.08 11.27 42.53
N GLY B 50 -24.57 12.01 43.49
CA GLY B 50 -23.48 11.49 44.33
C GLY B 50 -22.09 11.58 43.72
N GLY B 51 -22.00 12.28 42.58
CA GLY B 51 -20.73 12.43 41.91
C GLY B 51 -19.69 13.19 42.71
N PHE B 52 -20.15 14.06 43.58
CA PHE B 52 -19.27 14.85 44.41
C PHE B 52 -19.26 14.33 45.82
N SER B 53 -19.79 13.12 46.07
CA SER B 53 -19.78 12.57 47.43
C SER B 53 -18.43 12.96 48.07
N PRO B 54 -18.38 13.26 49.38
CA PRO B 54 -19.42 13.31 50.41
C PRO B 54 -20.23 14.59 50.36
N LEU B 55 -19.81 15.51 49.51
CA LEU B 55 -20.51 16.80 49.36
C LEU B 55 -22.00 16.60 49.05
N GLU B 56 -22.88 17.40 49.64
CA GLU B 56 -24.33 17.27 49.34
C GLU B 56 -25.17 18.54 49.28
N GLY B 57 -24.57 19.59 48.72
CA GLY B 57 -25.22 20.87 48.54
C GLY B 57 -24.18 21.80 47.91
N PHE B 58 -24.51 23.07 47.67
CA PHE B 58 -23.50 23.97 47.16
C PHE B 58 -22.76 24.42 48.40
N MET B 59 -21.44 24.44 48.28
CA MET B 59 -20.55 24.77 49.39
C MET B 59 -20.83 26.06 50.16
N ASN B 60 -20.87 25.94 51.48
CA ASN B 60 -21.05 27.12 52.33
C ASN B 60 -19.65 27.61 52.70
N GLN B 61 -19.53 28.56 53.63
CA GLN B 61 -18.21 29.09 53.97
C GLN B 61 -17.22 28.18 54.65
N ALA B 62 -17.66 27.35 55.58
CA ALA B 62 -16.75 26.43 56.26
C ALA B 62 -16.19 25.39 55.30
N ASP B 63 -16.93 25.04 54.25
CA ASP B 63 -16.41 24.07 53.29
C ASP B 63 -15.55 24.86 52.31
N TYR B 64 -16.14 25.87 51.71
CA TYR B 64 -15.42 26.67 50.73
C TYR B 64 -14.04 27.17 51.19
N ASP B 65 -13.95 27.68 52.42
CA ASP B 65 -12.68 28.21 52.94
C ASP B 65 -11.64 27.12 53.06
N ARG B 66 -12.00 26.06 53.79
CA ARG B 66 -11.05 24.97 53.96
C ARG B 66 -10.76 24.26 52.62
N VAL B 67 -11.49 24.60 51.56
CA VAL B 67 -11.20 23.94 50.29
C VAL B 67 -10.23 24.82 49.56
N CYS B 68 -10.51 26.11 49.56
CA CYS B 68 -9.63 27.07 48.89
C CYS B 68 -8.24 27.08 49.50
N GLU B 69 -8.14 26.86 50.80
CA GLU B 69 -6.82 26.87 51.41
C GLU B 69 -6.19 25.51 51.73
N ASP B 70 -7.00 24.57 52.22
CA ASP B 70 -6.48 23.25 52.59
C ASP B 70 -6.82 22.06 51.66
N ASN B 71 -7.54 22.31 50.57
CA ASN B 71 -7.93 21.23 49.67
C ASN B 71 -8.78 20.21 50.44
N ARG B 72 -9.52 20.68 51.44
CA ARG B 72 -10.35 19.80 52.24
C ARG B 72 -11.66 20.44 52.66
N LEU B 73 -12.67 19.62 52.88
CA LEU B 73 -13.93 20.12 53.34
C LEU B 73 -13.82 20.18 54.87
N ALA B 74 -14.76 20.86 55.50
CA ALA B 74 -14.75 20.96 56.95
C ALA B 74 -14.59 19.59 57.64
N ASP B 75 -15.40 18.61 57.26
CA ASP B 75 -15.31 17.30 57.90
C ASP B 75 -13.96 16.61 57.72
N GLY B 76 -13.02 17.24 57.02
CA GLY B 76 -11.72 16.64 56.85
C GLY B 76 -11.43 15.87 55.56
N ASN B 77 -12.47 15.53 54.80
CA ASN B 77 -12.33 14.80 53.53
C ASN B 77 -11.72 15.65 52.44
N VAL B 78 -10.87 15.03 51.64
CA VAL B 78 -10.19 15.74 50.56
C VAL B 78 -11.19 16.23 49.53
N PHE B 79 -11.00 17.46 49.05
CA PHE B 79 -11.84 18.09 48.02
C PHE B 79 -11.21 19.40 47.56
N SER B 80 -10.60 19.36 46.40
CA SER B 80 -9.87 20.47 45.86
C SER B 80 -10.53 21.45 44.92
N MET B 81 -11.85 21.41 44.83
CA MET B 81 -12.48 22.32 43.90
C MET B 81 -13.71 22.99 44.45
N PRO B 82 -13.70 24.33 44.44
CA PRO B 82 -14.84 25.08 44.96
C PRO B 82 -16.10 24.84 44.09
N ILE B 83 -17.19 24.45 44.77
CA ILE B 83 -18.50 24.18 44.16
C ILE B 83 -19.49 25.14 44.83
N THR B 84 -19.78 26.24 44.13
CA THR B 84 -20.65 27.24 44.70
C THR B 84 -21.71 27.77 43.77
N LEU B 85 -22.74 28.32 44.39
CA LEU B 85 -23.84 28.96 43.69
C LEU B 85 -23.66 30.45 43.98
N ASP B 86 -23.80 31.28 42.95
CA ASP B 86 -23.64 32.71 43.13
C ASP B 86 -24.84 33.55 42.67
N ALA B 87 -25.00 34.66 43.38
CA ALA B 87 -26.07 35.62 43.17
C ALA B 87 -25.54 37.02 43.43
N SER B 88 -26.37 38.02 43.15
CA SER B 88 -25.99 39.42 43.38
C SER B 88 -26.92 39.96 44.47
N GLN B 89 -26.54 41.09 45.06
CA GLN B 89 -27.34 41.72 46.11
C GLN B 89 -28.78 41.93 45.64
N GLU B 90 -28.94 42.43 44.41
CA GLU B 90 -30.24 42.65 43.79
C GLU B 90 -31.15 41.45 44.08
N VAL B 91 -30.80 40.30 43.51
CA VAL B 91 -31.55 39.05 43.70
C VAL B 91 -31.63 38.55 45.15
N ILE B 92 -30.54 38.71 45.91
CA ILE B 92 -30.60 38.26 47.30
C ILE B 92 -31.65 39.09 48.03
N ASP B 93 -31.72 40.39 47.71
CA ASP B 93 -32.74 41.22 48.34
C ASP B 93 -34.01 40.91 47.58
N GLU B 94 -34.03 41.28 46.32
CA GLU B 94 -35.16 41.07 45.44
C GLU B 94 -35.99 39.82 45.81
N LYS B 95 -35.36 38.76 46.31
CA LYS B 95 -36.10 37.54 46.67
C LYS B 95 -36.11 37.15 48.15
N LYS B 96 -35.58 38.04 49.00
CA LYS B 96 -35.59 37.80 50.44
C LYS B 96 -34.68 36.69 50.91
N LEU B 97 -33.72 36.33 50.08
CA LEU B 97 -32.78 35.25 50.41
C LEU B 97 -32.02 35.48 51.72
N GLN B 98 -31.94 34.43 52.53
CA GLN B 98 -31.26 34.49 53.82
C GLN B 98 -31.21 33.11 54.48
N ALA B 99 -30.32 32.99 55.47
CA ALA B 99 -30.20 31.72 56.19
C ALA B 99 -31.61 31.16 56.41
N ALA B 100 -31.81 29.90 56.05
CA ALA B 100 -33.13 29.33 56.25
C ALA B 100 -34.05 29.45 55.06
N SER B 101 -33.77 30.40 54.16
CA SER B 101 -34.62 30.51 52.99
C SER B 101 -34.56 29.19 52.18
N ARG B 102 -35.69 28.74 51.68
CA ARG B 102 -35.71 27.54 50.85
C ARG B 102 -35.87 28.00 49.42
N ILE B 103 -34.96 27.63 48.53
CA ILE B 103 -35.13 28.06 47.14
C ILE B 103 -35.24 26.92 46.11
N THR B 104 -35.71 27.27 44.92
CA THR B 104 -35.85 26.29 43.84
C THR B 104 -34.77 26.57 42.80
N LEU B 105 -33.98 25.54 42.48
CA LEU B 105 -32.91 25.66 41.49
C LEU B 105 -33.54 25.24 40.18
N ARG B 106 -33.57 26.18 39.25
CA ARG B 106 -34.20 25.95 37.98
C ARG B 106 -33.24 25.78 36.79
N ASP B 107 -33.66 24.93 35.85
CA ASP B 107 -32.88 24.61 34.66
C ASP B 107 -33.19 25.68 33.61
N PHE B 108 -32.17 26.45 33.23
CA PHE B 108 -32.35 27.51 32.24
C PHE B 108 -32.76 26.99 30.85
N ARG B 109 -32.40 25.75 30.51
CA ARG B 109 -32.73 25.21 29.20
C ARG B 109 -34.23 24.96 28.98
N ASP B 110 -34.89 24.35 29.97
CA ASP B 110 -36.33 23.99 29.85
C ASP B 110 -37.23 24.42 31.03
N ASP B 111 -36.66 25.20 31.94
CA ASP B 111 -37.37 25.71 33.12
C ASP B 111 -37.80 24.68 34.18
N ARG B 112 -37.24 23.49 34.15
CA ARG B 112 -37.62 22.47 35.11
C ARG B 112 -37.11 22.81 36.49
N ASN B 113 -37.83 22.36 37.52
CA ASN B 113 -37.41 22.60 38.88
C ASN B 113 -36.53 21.40 39.21
N LEU B 114 -35.23 21.62 39.41
CA LEU B 114 -34.32 20.52 39.67
C LEU B 114 -34.10 20.13 41.13
N ALA B 115 -34.01 21.15 41.98
CA ALA B 115 -33.78 20.90 43.40
C ALA B 115 -34.33 22.02 44.25
N ILE B 116 -34.28 21.77 45.56
CA ILE B 116 -34.68 22.77 46.52
C ILE B 116 -33.48 22.87 47.45
N LEU B 117 -32.89 24.07 47.52
CA LEU B 117 -31.73 24.29 48.40
C LEU B 117 -32.17 25.08 49.63
N THR B 118 -31.91 24.54 50.83
CA THR B 118 -32.21 25.19 52.11
C THR B 118 -30.93 25.90 52.61
N ILE B 119 -30.86 27.22 52.39
CA ILE B 119 -29.70 28.06 52.74
C ILE B 119 -28.96 27.92 54.10
N ASP B 120 -27.64 28.09 54.06
CA ASP B 120 -26.82 28.02 55.28
C ASP B 120 -26.29 29.41 55.52
N ASP B 121 -25.63 29.94 54.52
CA ASP B 121 -25.06 31.26 54.60
C ASP B 121 -25.02 31.95 53.25
N ILE B 122 -24.74 33.26 53.27
CA ILE B 122 -24.69 34.07 52.07
C ILE B 122 -23.50 35.00 52.17
N TYR B 123 -22.29 34.45 52.01
CA TYR B 123 -21.04 35.18 52.12
C TYR B 123 -20.52 35.83 50.83
N ARG B 124 -19.73 36.89 51.00
CA ARG B 124 -19.17 37.59 49.85
C ARG B 124 -17.73 37.11 49.76
N PRO B 125 -17.45 36.10 48.93
CA PRO B 125 -16.09 35.54 48.76
C PRO B 125 -15.03 36.46 48.19
N ASP B 126 -13.78 36.19 48.57
CA ASP B 126 -12.60 36.95 48.12
C ASP B 126 -12.14 36.26 46.82
N LYS B 127 -12.56 36.79 45.67
CA LYS B 127 -12.20 36.18 44.42
C LYS B 127 -10.73 36.28 44.06
N THR B 128 -10.09 37.32 44.53
CA THR B 128 -8.67 37.50 44.23
C THR B 128 -7.90 36.36 44.90
N LYS B 129 -8.39 35.99 46.09
CA LYS B 129 -7.81 34.93 46.88
C LYS B 129 -8.04 33.58 46.17
N GLU B 130 -9.30 33.34 45.79
CA GLU B 130 -9.70 32.12 45.12
C GLU B 130 -8.86 31.90 43.87
N ALA B 131 -8.74 32.93 43.03
CA ALA B 131 -7.97 32.78 41.80
C ALA B 131 -6.52 32.37 42.02
N LYS B 132 -5.89 32.94 43.05
CA LYS B 132 -4.51 32.61 43.32
C LYS B 132 -4.41 31.23 43.96
N LEU B 133 -5.11 31.04 45.06
CA LEU B 133 -5.09 29.77 45.76
C LEU B 133 -5.59 28.57 44.95
N VAL B 134 -6.71 28.72 44.25
CA VAL B 134 -7.23 27.60 43.49
C VAL B 134 -6.70 27.45 42.06
N PHE B 135 -6.67 28.51 41.26
CA PHE B 135 -6.20 28.36 39.86
C PHE B 135 -4.82 28.91 39.47
N GLY B 136 -4.00 29.34 40.43
CA GLY B 136 -2.68 29.83 40.05
C GLY B 136 -2.47 31.32 40.04
N GLY B 137 -3.54 32.09 39.93
CA GLY B 137 -3.41 33.54 39.95
C GLY B 137 -3.44 34.29 38.62
N ASP B 138 -2.84 33.72 37.59
CA ASP B 138 -2.80 34.40 36.30
C ASP B 138 -4.14 34.98 35.86
N PRO B 139 -4.20 36.30 35.68
CA PRO B 139 -5.40 37.03 35.24
C PRO B 139 -5.94 36.50 33.92
N GLU B 140 -5.10 35.73 33.21
CA GLU B 140 -5.48 35.17 31.94
C GLU B 140 -6.05 33.76 32.05
N HIS B 141 -5.95 33.15 33.22
CA HIS B 141 -6.49 31.80 33.39
C HIS B 141 -7.99 31.78 33.11
N PRO B 142 -8.44 30.84 32.28
CA PRO B 142 -9.84 30.68 31.91
C PRO B 142 -10.84 30.76 33.09
N ALA B 143 -10.56 30.00 34.14
CA ALA B 143 -11.45 29.97 35.29
C ALA B 143 -11.39 31.27 36.07
N ILE B 144 -10.35 32.06 35.79
CA ILE B 144 -10.19 33.33 36.48
C ILE B 144 -10.88 34.44 35.68
N VAL B 145 -10.70 34.40 34.37
CA VAL B 145 -11.34 35.39 33.54
C VAL B 145 -12.84 35.22 33.75
N TYR B 146 -13.24 34.03 34.20
CA TYR B 146 -14.65 33.69 34.41
C TYR B 146 -15.10 34.13 35.80
N LEU B 147 -14.28 33.84 36.79
CA LEU B 147 -14.60 34.21 38.17
C LEU B 147 -14.71 35.72 38.32
N ASN B 148 -14.18 36.48 37.37
CA ASN B 148 -14.24 37.95 37.42
C ASN B 148 -15.15 38.58 36.39
N ASN B 149 -15.79 37.79 35.53
CA ASN B 149 -16.68 38.36 34.52
C ASN B 149 -18.02 37.67 34.43
N THR B 150 -18.28 36.74 35.35
CA THR B 150 -19.55 36.06 35.30
C THR B 150 -20.02 35.75 36.69
N VAL B 151 -19.16 35.16 37.50
CA VAL B 151 -19.56 34.83 38.85
C VAL B 151 -20.04 36.09 39.54
N LYS B 152 -21.17 35.97 40.22
CA LYS B 152 -21.74 37.09 40.92
C LYS B 152 -20.96 37.41 42.18
N GLU B 153 -21.37 38.47 42.87
CA GLU B 153 -20.71 38.93 44.08
C GLU B 153 -20.78 38.00 45.28
N PHE B 154 -21.88 37.27 45.45
CA PHE B 154 -22.01 36.39 46.62
C PHE B 154 -22.23 34.87 46.37
N TYR B 155 -21.85 34.08 47.36
CA TYR B 155 -22.02 32.64 47.29
C TYR B 155 -23.11 32.24 48.28
N ILE B 156 -23.91 31.24 47.93
CA ILE B 156 -24.98 30.77 48.81
C ILE B 156 -24.81 29.32 49.25
N GLY B 157 -24.19 29.07 50.39
CA GLY B 157 -24.04 27.70 50.83
C GLY B 157 -25.41 27.10 51.19
N GLY B 158 -25.50 25.79 51.19
CA GLY B 158 -26.76 25.16 51.55
C GLY B 158 -26.95 23.75 51.02
N LYS B 159 -27.45 22.87 51.89
CA LYS B 159 -27.74 21.48 51.53
C LYS B 159 -28.84 21.47 50.45
N ILE B 160 -28.78 20.46 49.58
CA ILE B 160 -29.69 20.28 48.45
C ILE B 160 -30.68 19.14 48.65
N GLU B 161 -31.88 19.31 48.13
CA GLU B 161 -32.89 18.25 48.15
C GLU B 161 -33.23 18.07 46.69
N ALA B 162 -33.04 16.86 46.18
CA ALA B 162 -33.29 16.61 44.77
C ALA B 162 -34.77 16.46 44.39
N VAL B 163 -35.24 17.19 43.38
CA VAL B 163 -36.63 16.98 42.97
C VAL B 163 -36.72 16.30 41.59
N ASN B 164 -35.95 16.79 40.64
CA ASN B 164 -35.90 16.22 39.28
C ASN B 164 -34.46 16.18 38.74
N LYS B 165 -34.11 15.14 38.01
CA LYS B 165 -32.77 15.09 37.43
C LYS B 165 -32.81 15.88 36.12
N LEU B 166 -31.71 16.54 35.75
CA LEU B 166 -31.69 17.27 34.51
C LEU B 166 -32.13 16.39 33.30
N ASN B 167 -32.80 16.99 32.34
CA ASN B 167 -33.18 16.26 31.17
C ASN B 167 -32.12 16.43 30.07
N HIS B 168 -31.67 15.32 29.52
CA HIS B 168 -30.73 15.36 28.42
C HIS B 168 -31.40 14.50 27.35
N TYR B 169 -31.40 14.96 26.12
CA TYR B 169 -32.03 14.14 25.09
C TYR B 169 -31.04 13.45 24.18
N ASP B 170 -29.75 13.78 24.32
CA ASP B 170 -28.69 13.17 23.53
C ASP B 170 -27.99 12.11 24.35
N TYR B 171 -27.80 10.96 23.72
CA TYR B 171 -27.12 9.81 24.30
C TYR B 171 -27.47 9.34 25.71
N VAL B 172 -28.75 9.13 26.00
CA VAL B 172 -29.13 8.67 27.34
C VAL B 172 -28.49 7.32 27.72
N ALA B 173 -28.26 6.47 26.73
CA ALA B 173 -27.64 5.18 27.02
C ALA B 173 -26.19 5.33 27.52
N LEU B 174 -25.52 6.39 27.05
CA LEU B 174 -24.14 6.63 27.43
C LEU B 174 -23.99 7.43 28.73
N ARG B 175 -25.11 7.96 29.22
CA ARG B 175 -25.09 8.74 30.46
C ARG B 175 -25.34 7.83 31.60
N TYR B 176 -24.38 7.76 32.50
CA TYR B 176 -24.44 6.90 33.66
C TYR B 176 -24.25 7.65 34.98
N THR B 177 -25.15 7.40 35.93
CA THR B 177 -25.04 8.01 37.23
C THR B 177 -24.02 7.12 37.94
N PRO B 178 -23.44 7.59 39.06
CA PRO B 178 -22.47 6.72 39.72
C PRO B 178 -23.13 5.42 40.17
N ALA B 179 -24.45 5.41 40.40
CA ALA B 179 -25.07 4.17 40.84
C ALA B 179 -25.17 3.17 39.73
N GLU B 180 -25.59 3.65 38.57
CA GLU B 180 -25.73 2.81 37.38
C GLU B 180 -24.40 2.14 37.01
N LEU B 181 -23.34 2.95 36.99
CA LEU B 181 -22.01 2.45 36.70
C LEU B 181 -21.58 1.41 37.72
N ARG B 182 -21.82 1.71 39.00
CA ARG B 182 -21.48 0.75 40.08
C ARG B 182 -22.25 -0.59 39.89
N VAL B 183 -23.56 -0.51 39.56
CA VAL B 183 -24.36 -1.71 39.35
C VAL B 183 -23.71 -2.47 38.19
N HIS B 184 -23.51 -1.77 37.07
CA HIS B 184 -22.86 -2.35 35.91
C HIS B 184 -21.55 -3.07 36.30
N PHE B 185 -20.55 -2.38 36.85
CA PHE B 185 -19.32 -3.05 37.25
C PHE B 185 -19.57 -4.33 38.07
N ASP B 186 -20.61 -4.28 38.88
CA ASP B 186 -20.98 -5.39 39.73
C ASP B 186 -21.61 -6.61 39.03
N LYS B 187 -22.48 -6.37 38.07
CA LYS B 187 -23.11 -7.46 37.36
C LYS B 187 -22.06 -8.32 36.62
N LEU B 188 -21.02 -7.65 36.13
CA LEU B 188 -19.99 -8.27 35.34
C LEU B 188 -18.77 -8.73 36.12
N GLY B 189 -18.92 -8.92 37.42
CA GLY B 189 -17.78 -9.36 38.19
C GLY B 189 -16.56 -8.42 38.14
N TRP B 190 -16.74 -7.20 37.66
CA TRP B 190 -15.65 -6.23 37.61
C TRP B 190 -15.08 -5.79 39.00
N SER B 191 -13.77 -5.73 39.15
CA SER B 191 -13.22 -5.30 40.44
C SER B 191 -12.34 -4.07 40.27
N ARG B 192 -11.31 -4.18 39.46
CA ARG B 192 -10.42 -3.06 39.19
C ARG B 192 -10.90 -2.40 37.89
N VAL B 193 -11.07 -1.08 37.91
CA VAL B 193 -11.47 -0.38 36.71
C VAL B 193 -10.65 0.89 36.53
N VAL B 194 -9.99 1.04 35.37
CA VAL B 194 -9.19 2.22 35.07
C VAL B 194 -10.00 3.23 34.26
N ALA B 195 -10.21 4.41 34.82
CA ALA B 195 -10.98 5.43 34.13
C ALA B 195 -10.03 6.35 33.37
N PHE B 196 -10.51 6.79 32.22
CA PHE B 196 -9.77 7.66 31.36
C PHE B 196 -10.67 8.89 31.15
N GLN B 197 -10.07 10.03 31.44
CA GLN B 197 -10.67 11.33 31.34
C GLN B 197 -10.18 12.00 30.07
N THR B 198 -11.09 12.55 29.28
CA THR B 198 -10.66 13.27 28.09
C THR B 198 -11.72 14.23 27.67
N ARG B 199 -11.32 15.18 26.83
CA ARG B 199 -12.22 16.19 26.27
C ARG B 199 -11.80 16.28 24.81
N ASN B 200 -11.10 15.25 24.34
CA ASN B 200 -10.59 15.25 22.98
C ASN B 200 -11.03 14.01 22.21
N PRO B 201 -10.73 13.96 20.90
CA PRO B 201 -11.01 12.93 19.89
C PRO B 201 -10.92 11.43 20.21
N MET B 202 -9.70 10.96 20.48
CA MET B 202 -9.31 9.57 20.81
C MET B 202 -8.88 8.71 19.62
N HIS B 203 -7.56 8.49 19.55
CA HIS B 203 -6.94 7.73 18.48
C HIS B 203 -6.19 6.48 18.94
N ARG B 204 -5.57 5.81 17.99
CA ARG B 204 -4.81 4.59 18.19
C ARG B 204 -3.96 4.61 19.46
N ALA B 205 -3.15 5.65 19.63
CA ALA B 205 -2.30 5.75 20.83
C ALA B 205 -3.15 5.70 22.13
N HIS B 206 -4.25 6.43 22.13
CA HIS B 206 -5.15 6.46 23.26
C HIS B 206 -5.69 5.04 23.45
N ARG B 207 -6.01 4.37 22.35
CA ARG B 207 -6.52 3.02 22.45
C ARG B 207 -5.47 2.05 23.02
N GLU B 208 -4.23 2.16 22.57
CA GLU B 208 -3.16 1.28 23.04
C GLU B 208 -2.80 1.58 24.48
N LEU B 209 -2.94 2.85 24.86
CA LEU B 209 -2.61 3.30 26.21
C LEU B 209 -3.54 2.72 27.27
N THR B 210 -4.84 2.98 27.10
CA THR B 210 -5.85 2.50 28.00
C THR B 210 -5.78 0.98 28.09
N VAL B 211 -5.66 0.30 26.95
CA VAL B 211 -5.59 -1.16 26.95
C VAL B 211 -4.43 -1.66 27.79
N ARG B 212 -3.23 -1.14 27.55
CA ARG B 212 -2.05 -1.57 28.30
C ARG B 212 -2.25 -1.42 29.79
N ALA B 213 -2.75 -0.25 30.21
CA ALA B 213 -3.03 -0.01 31.63
C ALA B 213 -3.95 -1.14 32.12
N ALA B 214 -5.12 -1.26 31.51
CA ALA B 214 -6.05 -2.31 31.91
C ALA B 214 -5.30 -3.64 32.06
N ARG B 215 -4.63 -4.08 31.00
CA ARG B 215 -3.91 -5.34 31.07
C ARG B 215 -2.86 -5.44 32.16
N SER B 216 -2.05 -4.40 32.34
CA SER B 216 -1.02 -4.51 33.38
C SER B 216 -1.63 -4.50 34.78
N ARG B 217 -2.63 -3.64 35.01
CA ARG B 217 -3.26 -3.59 36.33
C ARG B 217 -4.36 -4.63 36.46
N GLN B 218 -4.36 -5.61 35.55
CA GLN B 218 -5.37 -6.68 35.52
C GLN B 218 -6.76 -6.09 35.76
N ALA B 219 -7.18 -5.18 34.87
CA ALA B 219 -8.45 -4.50 35.07
C ALA B 219 -9.21 -4.16 33.78
N ASN B 220 -10.46 -3.73 33.96
CA ASN B 220 -11.27 -3.27 32.86
C ASN B 220 -11.14 -1.75 32.65
N VAL B 221 -11.72 -1.28 31.57
CA VAL B 221 -11.63 0.14 31.27
C VAL B 221 -12.91 0.93 31.21
N LEU B 222 -12.85 2.13 31.76
CA LEU B 222 -13.99 3.05 31.70
C LEU B 222 -13.53 4.25 30.85
N ILE B 223 -14.08 4.35 29.65
CA ILE B 223 -13.77 5.48 28.79
C ILE B 223 -14.83 6.49 29.26
N HIS B 224 -14.38 7.54 29.93
CA HIS B 224 -15.27 8.52 30.52
C HIS B 224 -15.19 9.91 29.93
N PRO B 225 -15.57 10.08 28.66
CA PRO B 225 -15.45 11.46 28.20
C PRO B 225 -16.40 12.53 28.79
N VAL B 226 -15.83 13.72 28.91
CA VAL B 226 -16.48 14.89 29.44
C VAL B 226 -17.30 15.67 28.41
N VAL B 227 -18.50 16.08 28.80
CA VAL B 227 -19.40 16.88 27.96
C VAL B 227 -20.03 17.91 28.89
N GLY B 228 -20.39 19.06 28.36
CA GLY B 228 -21.02 20.07 29.17
C GLY B 228 -22.48 19.97 28.77
N LEU B 229 -23.26 21.03 28.93
CA LEU B 229 -24.65 20.96 28.53
C LEU B 229 -24.71 21.03 27.03
N THR B 230 -25.48 20.13 26.45
CA THR B 230 -25.63 20.08 25.01
C THR B 230 -26.36 21.26 24.36
N LYS B 231 -25.76 21.80 23.28
CA LYS B 231 -26.35 22.88 22.48
C LYS B 231 -27.16 22.10 21.44
N PRO B 232 -28.49 22.25 21.46
CA PRO B 232 -29.39 21.54 20.54
C PRO B 232 -28.86 21.33 19.11
N GLY B 233 -28.22 22.36 18.55
CA GLY B 233 -27.69 22.27 17.21
C GLY B 233 -26.18 22.28 17.06
N ASP B 234 -25.49 21.97 18.16
CA ASP B 234 -24.04 21.92 18.17
C ASP B 234 -23.63 20.57 17.57
N ILE B 235 -23.50 20.51 16.24
CA ILE B 235 -23.13 19.28 15.54
C ILE B 235 -21.76 18.75 15.97
N ASP B 236 -20.86 19.65 16.33
CA ASP B 236 -19.54 19.29 16.79
C ASP B 236 -19.60 18.29 17.93
N HIS B 237 -20.54 18.52 18.84
CA HIS B 237 -20.74 17.63 19.97
C HIS B 237 -21.22 16.23 19.56
N PHE B 238 -22.10 16.14 18.57
CA PHE B 238 -22.58 14.85 18.10
C PHE B 238 -21.45 14.11 17.38
N THR B 239 -20.66 14.86 16.62
CA THR B 239 -19.55 14.28 15.90
C THR B 239 -18.58 13.62 16.86
N ARG B 240 -18.22 14.36 17.92
CA ARG B 240 -17.31 13.91 18.96
C ARG B 240 -17.76 12.55 19.58
N VAL B 241 -19.01 12.52 20.04
CA VAL B 241 -19.55 11.32 20.66
C VAL B 241 -19.55 10.15 19.67
N ARG B 242 -19.96 10.41 18.43
CA ARG B 242 -19.95 9.34 17.42
C ARG B 242 -18.51 8.83 17.25
N ALA B 243 -17.55 9.75 17.31
CA ALA B 243 -16.16 9.35 17.15
C ALA B 243 -15.87 8.32 18.20
N TYR B 244 -16.13 8.68 19.47
CA TYR B 244 -15.93 7.76 20.59
C TYR B 244 -16.66 6.44 20.31
N GLN B 245 -17.96 6.47 20.07
CA GLN B 245 -18.65 5.21 19.80
C GLN B 245 -18.01 4.36 18.71
N ALA B 246 -17.52 5.02 17.66
CA ALA B 246 -16.90 4.31 16.55
C ALA B 246 -15.66 3.58 17.03
N LEU B 247 -14.93 4.20 17.95
CA LEU B 247 -13.73 3.61 18.48
C LEU B 247 -14.01 2.45 19.41
N LEU B 248 -15.24 2.34 19.89
CA LEU B 248 -15.49 1.29 20.84
C LEU B 248 -15.22 -0.15 20.45
N PRO B 249 -15.52 -0.54 19.21
CA PRO B 249 -15.23 -1.97 18.92
C PRO B 249 -13.76 -2.34 18.60
N ARG B 250 -12.87 -1.35 18.56
CA ARG B 250 -11.44 -1.59 18.37
C ARG B 250 -10.78 -2.00 19.70
N TYR B 251 -11.59 -2.03 20.75
CA TYR B 251 -11.14 -2.41 22.07
C TYR B 251 -11.45 -3.88 22.20
N PRO B 252 -10.57 -4.64 22.88
CA PRO B 252 -10.76 -6.08 23.07
C PRO B 252 -12.18 -6.30 23.49
N ASN B 253 -12.80 -7.34 22.94
CA ASN B 253 -14.18 -7.57 23.28
C ASN B 253 -14.35 -7.70 24.81
N GLY B 254 -15.32 -6.97 25.33
CA GLY B 254 -15.63 -7.02 26.74
C GLY B 254 -14.82 -6.20 27.71
N MET B 255 -13.70 -5.61 27.27
CA MET B 255 -12.84 -4.86 28.18
C MET B 255 -13.30 -3.46 28.64
N ALA B 256 -13.97 -2.72 27.77
CA ALA B 256 -14.36 -1.37 28.09
C ALA B 256 -15.83 -1.00 28.05
N VAL B 257 -16.16 0.10 28.71
CA VAL B 257 -17.51 0.64 28.71
C VAL B 257 -17.25 2.10 28.44
N LEU B 258 -18.13 2.69 27.63
CA LEU B 258 -18.06 4.07 27.24
C LEU B 258 -19.09 4.81 28.05
N GLY B 259 -18.70 5.89 28.72
CA GLY B 259 -19.67 6.62 29.51
C GLY B 259 -19.45 8.12 29.48
N LEU B 260 -20.50 8.89 29.24
CA LEU B 260 -20.35 10.34 29.20
C LEU B 260 -20.42 10.88 30.59
N LEU B 261 -19.68 11.95 30.82
CA LEU B 261 -19.67 12.55 32.16
C LEU B 261 -19.92 14.03 32.03
N GLY B 262 -21.04 14.46 32.64
CA GLY B 262 -21.41 15.86 32.65
C GLY B 262 -20.57 16.62 33.66
N LEU B 263 -19.51 17.26 33.19
CA LEU B 263 -18.66 18.00 34.08
C LEU B 263 -18.40 19.34 33.43
N ALA B 264 -18.41 20.37 34.24
CA ALA B 264 -18.12 21.69 33.75
C ALA B 264 -16.65 21.84 34.23
N MET B 265 -15.68 21.72 33.33
CA MET B 265 -14.28 21.82 33.75
C MET B 265 -13.86 23.27 33.93
N ARG B 266 -12.89 23.47 34.80
CA ARG B 266 -12.35 24.80 35.07
C ARG B 266 -11.04 24.95 34.32
N MET B 267 -10.41 23.80 34.03
CA MET B 267 -9.09 23.74 33.40
C MET B 267 -8.20 24.21 34.53
N GLY B 268 -8.48 23.69 35.72
CA GLY B 268 -7.71 24.05 36.89
C GLY B 268 -6.60 23.06 37.19
N GLY B 269 -5.96 22.57 36.13
CA GLY B 269 -4.86 21.62 36.25
C GLY B 269 -4.81 20.70 37.47
N PRO B 270 -3.71 20.76 38.23
CA PRO B 270 -3.49 19.93 39.42
C PRO B 270 -4.74 19.77 40.23
N ARG B 271 -5.33 20.91 40.59
CA ARG B 271 -6.51 20.90 41.40
C ARG B 271 -7.70 20.21 40.73
N GLU B 272 -7.81 20.33 39.41
CA GLU B 272 -8.90 19.66 38.75
C GLU B 272 -8.62 18.18 38.76
N ALA B 273 -7.35 17.84 38.52
CA ALA B 273 -6.94 16.45 38.50
C ALA B 273 -7.34 15.73 39.77
N ILE B 274 -7.15 16.37 40.93
CA ILE B 274 -7.52 15.73 42.18
C ILE B 274 -9.04 15.55 42.18
N TRP B 275 -9.73 16.62 41.80
CA TRP B 275 -11.18 16.66 41.73
C TRP B 275 -11.66 15.47 40.89
N HIS B 276 -11.03 15.33 39.73
CA HIS B 276 -11.32 14.27 38.81
C HIS B 276 -11.15 12.91 39.48
N ALA B 277 -10.05 12.74 40.19
CA ALA B 277 -9.81 11.46 40.85
C ALA B 277 -10.98 11.13 41.78
N ILE B 278 -11.46 12.15 42.49
CA ILE B 278 -12.56 11.96 43.40
C ILE B 278 -13.86 11.52 42.65
N ILE B 279 -14.17 12.24 41.56
CA ILE B 279 -15.37 11.97 40.80
C ILE B 279 -15.40 10.58 40.20
N ARG B 280 -14.24 10.08 39.80
CA ARG B 280 -14.22 8.77 39.22
C ARG B 280 -14.28 7.75 40.35
N LYS B 281 -13.65 8.07 41.47
CA LYS B 281 -13.72 7.15 42.59
C LYS B 281 -15.22 7.01 42.95
N ASN B 282 -15.95 8.12 43.03
CA ASN B 282 -17.37 8.08 43.34
C ASN B 282 -18.12 7.27 42.27
N HIS B 283 -17.63 7.39 41.05
CA HIS B 283 -18.23 6.66 39.96
C HIS B 283 -17.85 5.17 39.99
N GLY B 284 -17.14 4.73 41.03
CA GLY B 284 -16.72 3.34 41.18
C GLY B 284 -15.40 2.91 40.50
N ALA B 285 -14.63 3.84 39.92
CA ALA B 285 -13.37 3.46 39.29
C ALA B 285 -12.39 3.22 40.40
N THR B 286 -11.45 2.30 40.22
CA THR B 286 -10.46 2.03 41.27
C THR B 286 -9.13 2.64 40.88
N HIS B 287 -8.99 2.95 39.61
CA HIS B 287 -7.76 3.51 39.09
C HIS B 287 -8.12 4.69 38.21
N PHE B 288 -7.23 5.66 38.16
CA PHE B 288 -7.47 6.84 37.36
C PHE B 288 -6.20 7.19 36.64
N ILE B 289 -6.27 7.33 35.32
CA ILE B 289 -5.10 7.75 34.61
C ILE B 289 -4.99 9.27 34.82
N VAL B 290 -3.77 9.77 34.97
CA VAL B 290 -3.55 11.19 35.10
C VAL B 290 -2.49 11.46 34.07
N GLY B 291 -2.76 12.44 33.23
CA GLY B 291 -1.83 12.73 32.18
C GLY B 291 -0.97 13.94 32.42
N ARG B 292 -0.10 14.20 31.46
CA ARG B 292 0.77 15.35 31.52
C ARG B 292 -0.14 16.54 31.16
N ASP B 293 -0.03 17.63 31.90
CA ASP B 293 -0.88 18.78 31.61
C ASP B 293 -2.38 18.44 31.69
N HIS B 294 -2.73 17.55 32.63
CA HIS B 294 -4.10 17.16 32.84
C HIS B 294 -4.98 18.39 33.09
N ALA B 295 -6.12 18.48 32.39
CA ALA B 295 -7.05 19.60 32.56
C ALA B 295 -6.29 20.93 32.52
N GLY B 296 -5.39 21.05 31.55
CA GLY B 296 -4.54 22.23 31.45
C GLY B 296 -4.94 23.29 30.46
N PRO B 297 -4.93 24.55 30.88
CA PRO B 297 -5.29 25.71 30.04
C PRO B 297 -4.27 25.99 28.95
N GLY B 298 -3.01 25.61 29.18
CA GLY B 298 -1.98 25.84 28.18
C GLY B 298 -1.03 26.93 28.63
N SER B 299 -0.90 27.98 27.84
CA SER B 299 0.00 29.06 28.21
C SER B 299 -0.60 30.42 27.95
N ASN B 300 -0.30 31.38 28.82
CA ASN B 300 -0.80 32.75 28.68
C ASN B 300 -0.34 33.40 27.39
N SER B 301 -0.80 34.63 27.19
CA SER B 301 -0.51 35.47 26.02
C SER B 301 0.97 35.57 25.69
N LYS B 302 1.80 35.59 26.74
CA LYS B 302 3.24 35.69 26.57
C LYS B 302 3.95 34.39 26.92
N GLY B 303 3.53 33.31 26.24
CA GLY B 303 4.09 31.97 26.39
C GLY B 303 4.32 31.27 27.73
N GLU B 304 3.78 31.79 28.82
CA GLU B 304 3.98 31.10 30.10
C GLU B 304 2.95 29.97 30.27
N ASP B 305 3.42 28.76 30.59
CA ASP B 305 2.50 27.65 30.81
C ASP B 305 1.81 27.98 32.12
N PHE B 306 0.51 27.67 32.27
CA PHE B 306 -0.15 27.95 33.56
C PHE B 306 0.33 26.90 34.57
N TYR B 307 0.71 25.73 34.06
CA TYR B 307 1.20 24.66 34.92
C TYR B 307 2.25 23.82 34.19
N GLY B 308 3.03 23.04 34.94
CA GLY B 308 4.04 22.21 34.32
C GLY B 308 3.49 20.84 33.95
N PRO B 309 4.05 20.22 32.93
CA PRO B 309 3.65 18.90 32.44
C PRO B 309 3.34 17.90 33.53
N TYR B 310 4.04 18.03 34.65
CA TYR B 310 3.90 17.06 35.73
C TYR B 310 3.24 17.46 37.01
N ASP B 311 2.70 18.68 37.12
CA ASP B 311 2.09 19.06 38.40
C ASP B 311 0.82 18.25 38.70
N ALA B 312 0.04 17.91 37.67
CA ALA B 312 -1.17 17.13 37.91
C ALA B 312 -0.79 15.86 38.65
N GLN B 313 0.04 15.05 38.00
CA GLN B 313 0.51 13.81 38.59
C GLN B 313 1.10 14.01 40.01
N HIS B 314 1.81 15.12 40.23
CA HIS B 314 2.38 15.34 41.55
C HIS B 314 1.24 15.60 42.55
N ALA B 315 0.16 16.23 42.11
CA ALA B 315 -0.94 16.52 43.00
C ALA B 315 -1.71 15.25 43.35
N VAL B 316 -2.21 14.53 42.33
CA VAL B 316 -2.97 13.33 42.62
C VAL B 316 -2.17 12.28 43.41
N GLU B 317 -0.84 12.27 43.30
CA GLU B 317 -0.05 11.30 44.05
C GLU B 317 0.02 11.72 45.54
N LYS B 318 0.11 13.00 45.79
CA LYS B 318 0.16 13.51 47.15
C LYS B 318 -1.05 13.10 47.97
N TYR B 319 -2.19 12.94 47.31
CA TYR B 319 -3.45 12.62 47.99
C TYR B 319 -3.96 11.22 47.75
N LYS B 320 -3.40 10.61 46.73
CA LYS B 320 -3.72 9.26 46.27
C LYS B 320 -4.10 8.24 47.36
N ASP B 321 -3.21 8.04 48.33
CA ASP B 321 -3.46 7.07 49.38
C ASP B 321 -4.64 7.46 50.24
N GLU B 322 -4.69 8.73 50.63
CA GLU B 322 -5.79 9.20 51.46
C GLU B 322 -7.12 8.93 50.74
N LEU B 323 -7.24 9.40 49.50
CA LEU B 323 -8.44 9.22 48.65
C LEU B 323 -8.84 7.78 48.37
N GLY B 324 -7.88 6.86 48.44
CA GLY B 324 -8.21 5.45 48.18
C GLY B 324 -8.37 5.05 46.72
N ILE B 325 -7.63 5.70 45.83
CA ILE B 325 -7.69 5.42 44.42
C ILE B 325 -6.28 5.34 43.89
N GLU B 326 -6.03 4.39 42.99
CA GLU B 326 -4.72 4.22 42.39
C GLU B 326 -4.55 5.08 41.16
N VAL B 327 -3.37 5.68 41.05
CA VAL B 327 -3.07 6.50 39.90
C VAL B 327 -2.32 5.60 38.91
N VAL B 328 -2.53 5.88 37.62
CA VAL B 328 -1.88 5.14 36.55
C VAL B 328 -1.29 6.25 35.73
N GLU B 329 0.02 6.43 35.80
CA GLU B 329 0.68 7.49 35.05
C GLU B 329 1.05 6.84 33.75
N PHE B 330 0.71 7.49 32.65
CA PHE B 330 1.01 6.91 31.34
C PHE B 330 2.31 7.43 30.75
N GLN B 331 3.01 6.53 30.06
CA GLN B 331 4.27 6.88 29.40
C GLN B 331 4.02 6.65 27.92
N MET B 332 3.08 7.41 27.35
CA MET B 332 2.70 7.25 25.94
C MET B 332 3.83 6.77 25.02
N VAL B 333 3.50 5.74 24.24
CA VAL B 333 4.42 5.11 23.32
C VAL B 333 4.26 5.69 21.92
N THR B 334 5.17 5.32 21.01
CA THR B 334 5.15 5.79 19.62
C THR B 334 4.78 4.63 18.69
N TYR B 335 5.11 4.77 17.41
CA TYR B 335 4.83 3.72 16.42
C TYR B 335 6.11 3.25 15.74
N LEU B 336 6.18 1.94 15.51
CA LEU B 336 7.33 1.34 14.85
C LEU B 336 6.82 0.66 13.60
N PRO B 337 6.95 1.32 12.44
CA PRO B 337 6.53 0.86 11.11
C PRO B 337 7.07 -0.51 10.74
N ASP B 338 8.39 -0.62 10.74
CA ASP B 338 9.09 -1.87 10.43
C ASP B 338 8.47 -2.96 11.32
N THR B 339 8.27 -2.59 12.58
CA THR B 339 7.70 -3.47 13.60
C THR B 339 6.19 -3.70 13.43
N ASP B 340 5.46 -2.59 13.31
CA ASP B 340 3.99 -2.55 13.18
C ASP B 340 3.48 -2.63 14.61
N GLU B 341 4.24 -2.01 15.51
CA GLU B 341 3.90 -1.99 16.92
C GLU B 341 4.15 -0.63 17.55
N TYR B 342 3.84 -0.50 18.84
CA TYR B 342 4.02 0.75 19.58
C TYR B 342 4.83 0.45 20.85
N ARG B 343 5.67 1.39 21.27
CA ARG B 343 6.50 1.16 22.45
C ARG B 343 6.95 2.45 23.15
N PRO B 344 7.18 2.38 24.47
CA PRO B 344 7.60 3.53 25.28
C PRO B 344 8.70 4.37 24.64
N VAL B 345 8.86 5.56 25.16
CA VAL B 345 9.87 6.48 24.66
C VAL B 345 11.27 5.91 24.83
N ASP B 346 11.36 4.69 25.33
CA ASP B 346 12.66 4.05 25.57
C ASP B 346 12.76 2.64 24.97
N GLN B 347 11.64 1.91 24.97
CA GLN B 347 11.63 0.54 24.43
C GLN B 347 11.89 0.51 22.93
N VAL B 348 12.35 1.63 22.38
CA VAL B 348 12.64 1.74 20.96
C VAL B 348 14.14 1.78 20.64
N PRO B 349 14.65 0.71 20.01
CA PRO B 349 16.07 0.64 19.66
C PRO B 349 16.45 1.86 18.80
N ALA B 350 17.69 2.33 18.92
CA ALA B 350 18.18 3.50 18.17
C ALA B 350 18.08 3.33 16.65
N GLY B 351 17.10 3.98 16.03
CA GLY B 351 16.94 3.91 14.59
C GLY B 351 15.76 3.13 14.04
N VAL B 352 14.73 2.89 14.85
CA VAL B 352 13.56 2.15 14.37
C VAL B 352 12.76 3.06 13.45
N LYS B 353 11.81 3.81 14.02
CA LYS B 353 10.99 4.75 13.26
C LYS B 353 10.21 5.67 14.20
N THR B 354 10.69 6.91 14.30
CA THR B 354 10.07 7.92 15.15
C THR B 354 8.73 8.38 14.58
N LEU B 355 7.92 7.42 14.12
CA LEU B 355 6.62 7.73 13.54
C LEU B 355 5.57 8.22 14.53
N ASN B 356 5.43 9.54 14.62
CA ASN B 356 4.47 10.15 15.51
C ASN B 356 3.92 11.43 14.89
N ILE B 357 2.62 11.45 14.66
CA ILE B 357 1.94 12.61 14.08
C ILE B 357 1.64 13.68 15.13
N SER B 358 1.70 14.94 14.70
CA SER B 358 1.44 16.07 15.57
C SER B 358 -0.06 16.36 15.70
N GLY B 359 -0.47 16.91 16.85
CA GLY B 359 -1.87 17.24 17.08
C GLY B 359 -2.25 18.44 16.23
N THR B 360 -1.34 19.40 16.15
CA THR B 360 -1.53 20.61 15.35
C THR B 360 -1.52 20.19 13.89
N GLU B 361 -0.78 19.12 13.61
CA GLU B 361 -0.68 18.61 12.26
C GLU B 361 -1.92 17.77 11.94
N LEU B 362 -2.47 17.10 12.96
CA LEU B 362 -3.65 16.28 12.76
C LEU B 362 -4.86 17.17 12.49
N ARG B 363 -5.02 18.20 13.30
CA ARG B 363 -6.13 19.13 13.10
C ARG B 363 -5.97 19.67 11.70
N ARG B 364 -4.76 20.16 11.43
CA ARG B 364 -4.42 20.71 10.14
C ARG B 364 -4.92 19.78 9.03
N ARG B 365 -4.59 18.50 9.13
CA ARG B 365 -5.00 17.50 8.14
C ARG B 365 -6.49 17.26 8.07
N LEU B 366 -7.10 17.04 9.23
CA LEU B 366 -8.55 16.80 9.29
C LEU B 366 -9.25 17.91 8.50
N ARG B 367 -8.76 19.13 8.69
CA ARG B 367 -9.27 20.31 8.00
C ARG B 367 -9.09 20.17 6.49
N SER B 368 -7.84 20.00 6.06
CA SER B 368 -7.51 19.87 4.63
C SER B 368 -8.05 18.61 3.95
N GLY B 369 -8.34 17.57 4.73
CA GLY B 369 -8.84 16.34 4.14
C GLY B 369 -7.69 15.48 3.67
N ALA B 370 -6.48 15.88 4.05
CA ALA B 370 -5.26 15.16 3.70
C ALA B 370 -5.17 13.83 4.46
N HIS B 371 -5.17 12.74 3.69
CA HIS B 371 -5.14 11.40 4.25
C HIS B 371 -4.42 11.30 5.58
N ILE B 372 -4.96 10.44 6.45
CA ILE B 372 -4.41 10.22 7.77
C ILE B 372 -4.06 8.75 7.98
N PRO B 373 -2.80 8.49 8.33
CA PRO B 373 -2.21 7.17 8.59
C PRO B 373 -3.09 6.27 9.45
N GLU B 374 -3.50 5.13 8.89
CA GLU B 374 -4.34 4.23 9.63
C GLU B 374 -3.62 3.72 10.86
N TRP B 375 -2.29 3.87 10.91
CA TRP B 375 -1.52 3.42 12.06
C TRP B 375 -1.68 4.47 13.17
N PHE B 376 -2.17 5.64 12.77
CA PHE B 376 -2.37 6.74 13.69
C PHE B 376 -3.77 6.78 14.30
N SER B 377 -4.80 6.64 13.45
CA SER B 377 -6.18 6.64 13.94
C SER B 377 -7.03 5.73 13.07
N TYR B 378 -7.88 4.90 13.67
CA TYR B 378 -8.69 3.99 12.87
C TYR B 378 -9.52 4.75 11.83
N PRO B 379 -9.75 4.11 10.67
CA PRO B 379 -10.51 4.59 9.51
C PRO B 379 -11.91 5.10 9.88
N GLU B 380 -12.76 4.19 10.32
CA GLU B 380 -14.13 4.49 10.71
C GLU B 380 -14.25 5.68 11.69
N VAL B 381 -13.21 5.87 12.50
CA VAL B 381 -13.20 6.97 13.47
C VAL B 381 -12.85 8.26 12.74
N VAL B 382 -11.81 8.20 11.92
CA VAL B 382 -11.40 9.38 11.16
C VAL B 382 -12.49 9.75 10.17
N LYS B 383 -13.16 8.76 9.59
CA LYS B 383 -14.24 9.03 8.66
C LYS B 383 -15.29 9.94 9.34
N ILE B 384 -15.51 9.74 10.66
CA ILE B 384 -16.48 10.55 11.40
C ILE B 384 -15.93 11.91 11.82
N LEU B 385 -14.70 11.94 12.33
CA LEU B 385 -14.09 13.21 12.74
C LEU B 385 -14.02 14.23 11.61
N ARG B 386 -13.99 13.75 10.36
CA ARG B 386 -13.91 14.65 9.22
C ARG B 386 -15.23 15.35 8.95
N GLU B 387 -16.34 14.65 9.16
CA GLU B 387 -17.67 15.21 8.90
C GLU B 387 -17.93 16.62 9.43
N SER B 388 -17.17 17.04 10.43
CA SER B 388 -17.34 18.37 10.99
C SER B 388 -16.56 19.40 10.20
N ASN B 389 -15.83 18.92 9.19
CA ASN B 389 -15.06 19.77 8.27
C ASN B 389 -15.21 19.08 6.92
N PRO B 390 -16.44 19.09 6.36
CA PRO B 390 -16.81 18.47 5.09
C PRO B 390 -16.06 18.98 3.90
N PRO B 391 -16.06 18.19 2.84
CA PRO B 391 -15.38 18.46 1.58
C PRO B 391 -16.21 19.48 0.78
N ARG B 392 -15.51 20.43 0.18
CA ARG B 392 -16.15 21.45 -0.61
C ARG B 392 -17.20 20.90 -1.59
N ALA B 393 -17.05 19.66 -2.03
CA ALA B 393 -18.02 19.11 -2.95
C ALA B 393 -19.35 18.80 -2.27
N THR B 394 -19.39 19.00 -0.97
CA THR B 394 -20.57 18.69 -0.17
C THR B 394 -21.23 19.90 0.45
N GLN B 395 -20.41 20.89 0.75
CA GLN B 395 -20.84 22.14 1.36
C GLN B 395 -21.85 22.88 0.54
N GLY B 396 -22.89 23.42 1.17
CA GLY B 396 -23.84 24.22 0.40
C GLY B 396 -23.12 25.56 0.22
N PHE B 397 -23.68 26.45 -0.57
CA PHE B 397 -23.04 27.75 -0.72
C PHE B 397 -24.08 28.68 -1.26
N THR B 398 -23.83 29.97 -1.07
CA THR B 398 -24.74 30.96 -1.56
C THR B 398 -24.03 31.86 -2.58
N ILE B 399 -24.68 32.04 -3.73
CA ILE B 399 -24.19 32.94 -4.77
C ILE B 399 -25.13 34.12 -4.58
N PHE B 400 -24.56 35.21 -4.07
CA PHE B 400 -25.29 36.41 -3.78
C PHE B 400 -24.99 37.48 -4.84
N LEU B 401 -25.94 37.67 -5.76
CA LEU B 401 -25.77 38.68 -6.81
C LEU B 401 -26.22 40.07 -6.29
N THR B 402 -25.63 41.12 -6.84
CA THR B 402 -25.98 42.47 -6.44
C THR B 402 -25.71 43.44 -7.57
N GLY B 403 -26.56 44.45 -7.72
CA GLY B 403 -26.36 45.41 -8.79
C GLY B 403 -27.65 46.15 -9.00
N TYR B 404 -27.66 47.15 -9.89
CA TYR B 404 -28.87 47.95 -10.13
C TYR B 404 -30.07 47.13 -10.57
N MET B 405 -31.24 47.75 -10.45
CA MET B 405 -32.46 47.09 -10.87
C MET B 405 -32.30 46.92 -12.37
N ASN B 406 -32.73 45.77 -12.86
CA ASN B 406 -32.62 45.42 -14.25
C ASN B 406 -31.20 45.50 -14.78
N SER B 407 -30.27 44.94 -14.02
CA SER B 407 -28.86 44.92 -14.45
C SER B 407 -28.58 43.58 -15.15
N GLY B 408 -29.63 42.77 -15.29
CA GLY B 408 -29.52 41.45 -15.90
C GLY B 408 -29.28 40.35 -14.86
N LYS B 409 -29.13 40.73 -13.58
CA LYS B 409 -28.89 39.77 -12.51
C LYS B 409 -29.99 38.72 -12.41
N ASP B 410 -31.22 39.09 -12.76
CA ASP B 410 -32.31 38.13 -12.68
C ASP B 410 -32.11 37.02 -13.70
N ALA B 411 -31.83 37.40 -14.94
CA ALA B 411 -31.61 36.43 -16.02
C ALA B 411 -30.37 35.58 -15.72
N ILE B 412 -29.30 36.22 -15.28
CA ILE B 412 -28.07 35.52 -14.92
C ILE B 412 -28.46 34.46 -13.87
N ALA B 413 -29.14 34.91 -12.81
CA ALA B 413 -29.54 34.02 -11.73
C ALA B 413 -30.36 32.82 -12.23
N ARG B 414 -31.33 33.05 -13.10
CA ARG B 414 -32.11 31.92 -13.58
C ARG B 414 -31.25 30.95 -14.37
N ALA B 415 -30.33 31.46 -15.17
CA ALA B 415 -29.48 30.57 -15.97
C ALA B 415 -28.52 29.79 -15.08
N LEU B 416 -28.09 30.40 -13.98
CA LEU B 416 -27.16 29.75 -13.08
C LEU B 416 -27.90 28.55 -12.47
N GLN B 417 -29.21 28.74 -12.27
CA GLN B 417 -30.04 27.68 -11.71
C GLN B 417 -30.12 26.50 -12.67
N VAL B 418 -30.51 26.75 -13.91
CA VAL B 418 -30.56 25.65 -14.86
C VAL B 418 -29.20 24.97 -14.98
N THR B 419 -28.13 25.77 -15.03
CA THR B 419 -26.78 25.23 -15.13
C THR B 419 -26.50 24.35 -13.90
N LEU B 420 -26.68 24.88 -12.70
CA LEU B 420 -26.46 24.06 -11.52
C LEU B 420 -27.46 22.86 -11.43
N ASN B 421 -28.67 22.96 -11.95
CA ASN B 421 -29.55 21.79 -11.87
C ASN B 421 -29.11 20.72 -12.84
N GLN B 422 -28.29 21.11 -13.80
CA GLN B 422 -27.81 20.11 -14.74
C GLN B 422 -26.61 19.39 -14.11
N GLN B 423 -25.78 20.11 -13.35
CA GLN B 423 -24.62 19.45 -12.75
C GLN B 423 -25.09 18.59 -11.56
N GLY B 424 -26.33 18.83 -11.14
CA GLY B 424 -26.98 18.04 -10.11
C GLY B 424 -26.42 17.65 -8.76
N GLY B 425 -25.30 18.24 -8.36
CA GLY B 425 -24.69 17.93 -7.07
C GLY B 425 -25.51 18.33 -5.83
N ARG B 426 -26.38 19.33 -5.94
CA ARG B 426 -27.21 19.73 -4.84
C ARG B 426 -28.52 20.28 -5.29
N SER B 427 -29.42 20.46 -4.35
CA SER B 427 -30.67 21.03 -4.69
C SER B 427 -30.34 22.54 -4.80
N VAL B 428 -31.08 23.24 -5.66
CA VAL B 428 -30.84 24.66 -5.86
C VAL B 428 -32.04 25.50 -5.43
N SER B 429 -31.77 26.52 -4.64
CA SER B 429 -32.81 27.42 -4.16
C SER B 429 -32.57 28.80 -4.77
N LEU B 430 -33.61 29.29 -5.42
CA LEU B 430 -33.56 30.58 -6.05
C LEU B 430 -34.34 31.63 -5.25
N LEU B 431 -33.66 32.68 -4.82
CA LEU B 431 -34.31 33.74 -4.06
C LEU B 431 -34.17 35.04 -4.86
N LEU B 432 -35.03 35.21 -5.86
CA LEU B 432 -34.98 36.42 -6.66
C LEU B 432 -35.44 37.62 -5.86
N GLY B 433 -35.00 38.81 -6.26
CA GLY B 433 -35.41 40.01 -5.53
C GLY B 433 -36.90 40.05 -5.25
N ASP B 434 -37.73 39.91 -6.28
CA ASP B 434 -39.18 39.96 -6.11
C ASP B 434 -39.78 38.84 -5.28
N THR B 435 -39.34 37.60 -5.52
CA THR B 435 -39.86 36.48 -4.75
C THR B 435 -39.67 36.79 -3.26
N VAL B 436 -38.46 37.18 -2.90
CA VAL B 436 -38.12 37.56 -1.52
C VAL B 436 -39.06 38.66 -1.02
N ARG B 437 -39.23 39.73 -1.81
CA ARG B 437 -40.09 40.83 -1.44
C ARG B 437 -41.51 40.33 -1.22
N HIS B 438 -41.98 39.43 -2.09
CA HIS B 438 -43.34 38.92 -1.95
C HIS B 438 -43.51 37.94 -0.78
N GLU B 439 -42.60 36.96 -0.70
CA GLU B 439 -42.66 35.92 0.32
C GLU B 439 -42.18 36.20 1.73
N LEU B 440 -41.17 37.04 1.88
CA LEU B 440 -40.63 37.29 3.21
C LEU B 440 -40.61 38.76 3.67
N SER B 441 -40.77 39.70 2.72
CA SER B 441 -40.72 41.11 3.06
C SER B 441 -41.84 41.95 2.46
N SER B 442 -42.97 41.30 2.18
CA SER B 442 -44.11 41.98 1.58
C SER B 442 -44.49 43.28 2.27
N GLU B 443 -44.13 43.45 3.52
CA GLU B 443 -44.51 44.67 4.21
C GLU B 443 -43.38 45.52 4.71
N LEU B 444 -42.27 45.46 4.00
CA LEU B 444 -41.10 46.26 4.32
C LEU B 444 -41.09 47.37 3.30
N GLY B 445 -40.33 48.42 3.59
CA GLY B 445 -40.24 49.55 2.68
C GLY B 445 -38.86 49.64 2.08
N PHE B 446 -38.45 50.84 1.67
CA PHE B 446 -37.13 50.99 1.06
C PHE B 446 -36.22 51.97 1.73
N THR B 447 -36.41 52.14 3.02
CA THR B 447 -35.57 53.05 3.75
C THR B 447 -34.30 52.28 4.01
N ARG B 448 -33.22 53.01 4.30
CA ARG B 448 -31.95 52.39 4.62
C ARG B 448 -32.24 51.21 5.54
N GLU B 449 -32.91 51.48 6.66
CA GLU B 449 -33.26 50.45 7.64
C GLU B 449 -34.04 49.27 7.07
N ASP B 450 -35.08 49.56 6.29
CA ASP B 450 -35.93 48.51 5.71
C ASP B 450 -35.20 47.60 4.73
N ARG B 451 -34.36 48.17 3.87
CA ARG B 451 -33.62 47.35 2.93
C ARG B 451 -32.67 46.48 3.74
N HIS B 452 -32.04 47.07 4.75
CA HIS B 452 -31.13 46.29 5.57
C HIS B 452 -31.82 45.09 6.20
N THR B 453 -33.03 45.30 6.68
CA THR B 453 -33.80 44.23 7.28
C THR B 453 -34.12 43.18 6.20
N ASN B 454 -34.52 43.63 5.02
CA ASN B 454 -34.83 42.70 3.94
C ASN B 454 -33.64 41.78 3.66
N ILE B 455 -32.42 42.32 3.62
CA ILE B 455 -31.22 41.52 3.34
C ILE B 455 -30.91 40.56 4.49
N GLN B 456 -31.10 41.01 5.72
CA GLN B 456 -30.82 40.15 6.86
C GLN B 456 -31.78 38.99 6.78
N ARG B 457 -32.93 39.22 6.18
CA ARG B 457 -33.95 38.20 6.05
C ARG B 457 -33.56 37.18 4.99
N ILE B 458 -32.90 37.66 3.94
CA ILE B 458 -32.45 36.76 2.88
C ILE B 458 -31.28 35.95 3.43
N ALA B 459 -30.40 36.61 4.19
CA ALA B 459 -29.24 35.91 4.76
C ALA B 459 -29.65 34.76 5.68
N PHE B 460 -30.65 35.01 6.52
CA PHE B 460 -31.16 34.02 7.44
C PHE B 460 -31.66 32.80 6.65
N VAL B 461 -32.58 33.00 5.71
CA VAL B 461 -33.06 31.87 4.91
C VAL B 461 -31.92 31.23 4.11
N ALA B 462 -31.07 32.06 3.49
CA ALA B 462 -29.95 31.53 2.76
C ALA B 462 -29.03 30.74 3.70
N THR B 463 -28.77 31.26 4.91
CA THR B 463 -27.90 30.56 5.84
C THR B 463 -28.45 29.19 6.25
N GLU B 464 -29.76 29.05 6.36
CA GLU B 464 -30.30 27.75 6.74
C GLU B 464 -30.18 26.78 5.59
N LEU B 465 -30.42 27.26 4.37
CA LEU B 465 -30.32 26.42 3.19
C LEU B 465 -28.86 26.04 2.95
N THR B 466 -27.94 26.98 3.13
CA THR B 466 -26.54 26.67 2.94
C THR B 466 -26.20 25.54 3.91
N ARG B 467 -26.70 25.64 5.15
CA ARG B 467 -26.41 24.63 6.15
C ARG B 467 -26.96 23.27 5.73
N ALA B 468 -28.09 23.24 5.04
CA ALA B 468 -28.66 21.96 4.57
C ALA B 468 -27.92 21.42 3.34
N GLY B 469 -26.85 22.12 2.96
CA GLY B 469 -26.07 21.74 1.80
C GLY B 469 -26.62 22.15 0.44
N ALA B 470 -27.48 23.15 0.40
CA ALA B 470 -28.05 23.58 -0.87
C ALA B 470 -27.18 24.62 -1.55
N ALA B 471 -27.52 24.90 -2.80
CA ALA B 471 -26.85 25.93 -3.59
C ALA B 471 -27.91 27.02 -3.60
N VAL B 472 -27.63 28.14 -2.93
CA VAL B 472 -28.57 29.23 -2.85
C VAL B 472 -28.16 30.36 -3.78
N ILE B 473 -29.08 30.77 -4.65
CA ILE B 473 -28.83 31.87 -5.58
C ILE B 473 -29.76 33.03 -5.23
N ALA B 474 -29.20 34.13 -4.74
CA ALA B 474 -29.99 35.32 -4.36
C ALA B 474 -29.67 36.53 -5.24
N ALA B 475 -30.72 37.18 -5.72
CA ALA B 475 -30.55 38.34 -6.58
C ALA B 475 -31.26 39.64 -6.15
N PRO B 476 -30.98 40.11 -4.93
CA PRO B 476 -31.58 41.35 -4.45
C PRO B 476 -30.70 42.52 -4.97
N ILE B 477 -31.12 43.77 -4.76
CA ILE B 477 -30.31 44.88 -5.20
C ILE B 477 -29.13 45.03 -4.23
N ALA B 478 -29.43 44.98 -2.95
CA ALA B 478 -28.43 45.09 -1.90
C ALA B 478 -27.54 46.29 -2.16
N PRO B 479 -28.13 47.50 -2.04
CA PRO B 479 -27.43 48.76 -2.26
C PRO B 479 -26.37 49.11 -1.23
N TYR B 480 -26.45 48.52 -0.05
CA TYR B 480 -25.51 48.90 1.00
C TYR B 480 -24.47 47.88 1.46
N GLU B 481 -23.25 48.37 1.60
CA GLU B 481 -22.10 47.59 2.05
C GLU B 481 -22.39 46.95 3.40
N GLU B 482 -23.00 47.70 4.29
CA GLU B 482 -23.35 47.18 5.61
C GLU B 482 -24.19 45.87 5.48
N SER B 483 -25.21 45.89 4.61
CA SER B 483 -26.09 44.72 4.38
C SER B 483 -25.34 43.51 3.86
N ARG B 484 -24.70 43.71 2.71
CA ARG B 484 -23.95 42.66 2.06
C ARG B 484 -22.95 42.04 3.02
N LYS B 485 -22.27 42.90 3.79
CA LYS B 485 -21.31 42.43 4.78
C LYS B 485 -22.04 41.51 5.79
N PHE B 486 -23.26 41.92 6.16
CA PHE B 486 -24.05 41.14 7.09
C PHE B 486 -24.37 39.76 6.53
N ALA B 487 -24.87 39.74 5.30
CA ALA B 487 -25.24 38.50 4.64
C ALA B 487 -24.03 37.57 4.53
N ARG B 488 -22.88 38.15 4.18
CA ARG B 488 -21.68 37.37 4.06
C ARG B 488 -21.35 36.71 5.40
N ASP B 489 -21.39 37.47 6.49
CA ASP B 489 -21.08 36.90 7.80
C ASP B 489 -22.10 35.89 8.27
N ALA B 490 -23.38 36.15 8.00
CA ALA B 490 -24.45 35.23 8.39
C ALA B 490 -24.23 33.88 7.73
N VAL B 491 -24.12 33.88 6.41
CA VAL B 491 -23.95 32.66 5.63
C VAL B 491 -22.64 31.90 5.89
N SER B 492 -21.54 32.64 6.10
CA SER B 492 -20.24 32.03 6.34
C SER B 492 -20.24 31.07 7.52
N GLN B 493 -21.16 31.30 8.45
CA GLN B 493 -21.28 30.46 9.64
C GLN B 493 -21.70 29.05 9.23
N ALA B 494 -22.30 28.91 8.06
CA ALA B 494 -22.74 27.60 7.62
C ALA B 494 -22.10 27.05 6.35
N GLY B 495 -21.42 27.90 5.59
CA GLY B 495 -20.80 27.43 4.36
C GLY B 495 -20.18 28.59 3.62
N SER B 496 -19.93 28.43 2.32
CA SER B 496 -19.32 29.54 1.60
C SER B 496 -20.29 30.54 0.96
N PHE B 497 -19.79 31.76 0.85
CA PHE B 497 -20.53 32.90 0.31
C PHE B 497 -19.75 33.58 -0.83
N PHE B 498 -20.43 33.85 -1.94
CA PHE B 498 -19.79 34.52 -3.06
C PHE B 498 -20.60 35.71 -3.47
N LEU B 499 -19.93 36.86 -3.51
CA LEU B 499 -20.62 38.06 -3.90
C LEU B 499 -20.27 38.29 -5.36
N VAL B 500 -21.30 38.34 -6.20
CA VAL B 500 -21.07 38.60 -7.59
C VAL B 500 -21.72 39.94 -7.87
N HIS B 501 -20.90 40.93 -8.21
CA HIS B 501 -21.41 42.26 -8.54
C HIS B 501 -21.79 42.33 -10.03
N VAL B 502 -23.08 42.40 -10.34
CA VAL B 502 -23.48 42.53 -11.72
C VAL B 502 -23.40 44.06 -11.93
N ALA B 503 -22.17 44.49 -12.24
CA ALA B 503 -21.81 45.88 -12.45
C ALA B 503 -22.33 46.58 -13.70
N THR B 504 -23.37 46.04 -14.32
CA THR B 504 -23.96 46.67 -15.49
C THR B 504 -24.17 48.17 -15.20
N PRO B 505 -23.73 49.05 -16.11
CA PRO B 505 -23.89 50.49 -15.88
C PRO B 505 -25.37 50.96 -15.85
N LEU B 506 -25.66 51.91 -14.97
CA LEU B 506 -27.02 52.45 -14.81
C LEU B 506 -27.67 52.83 -16.14
N GLU B 507 -27.00 53.68 -16.91
CA GLU B 507 -27.51 54.10 -18.19
C GLU B 507 -28.01 52.87 -18.95
N HIS B 508 -27.19 51.82 -19.00
CA HIS B 508 -27.58 50.62 -19.71
C HIS B 508 -28.88 50.05 -19.14
N CYS B 509 -28.93 49.99 -17.80
CA CYS B 509 -30.12 49.47 -17.11
C CYS B 509 -31.35 50.28 -17.46
N GLU B 510 -31.24 51.61 -17.40
CA GLU B 510 -32.38 52.49 -17.73
C GLU B 510 -32.84 52.32 -19.16
N GLN B 511 -31.92 52.49 -20.09
CA GLN B 511 -32.26 52.34 -21.49
C GLN B 511 -32.97 51.04 -21.81
N SER B 512 -32.51 49.96 -21.19
CA SER B 512 -33.10 48.67 -21.49
C SER B 512 -34.38 48.39 -20.70
N ASP B 513 -34.64 49.19 -19.68
CA ASP B 513 -35.84 49.01 -18.87
C ASP B 513 -37.10 48.97 -19.77
N LYS B 514 -37.81 47.84 -19.75
CA LYS B 514 -39.01 47.70 -20.56
C LYS B 514 -40.25 47.69 -19.69
N ARG B 515 -40.12 48.21 -18.46
CA ARG B 515 -41.26 48.25 -17.54
C ARG B 515 -41.55 49.65 -17.03
N GLY B 516 -40.74 50.60 -17.47
CA GLY B 516 -40.92 51.98 -17.07
C GLY B 516 -40.74 52.30 -15.59
N ILE B 517 -40.04 51.46 -14.86
CA ILE B 517 -39.86 51.74 -13.43
C ILE B 517 -38.84 52.86 -13.24
N TYR B 518 -37.80 52.89 -14.08
CA TYR B 518 -36.81 53.95 -13.98
C TYR B 518 -37.47 55.25 -14.43
N ALA B 519 -38.39 55.17 -15.39
CA ALA B 519 -39.10 56.34 -15.90
C ALA B 519 -39.96 56.89 -14.77
N ALA B 520 -40.81 56.04 -14.19
CA ALA B 520 -41.66 56.47 -13.10
C ALA B 520 -40.83 57.07 -11.96
N ALA B 521 -39.77 56.39 -11.55
CA ALA B 521 -38.92 56.88 -10.46
C ALA B 521 -38.26 58.23 -10.79
N ARG B 522 -37.98 58.47 -12.07
CA ARG B 522 -37.36 59.73 -12.53
C ARG B 522 -38.32 60.91 -12.32
N ARG B 523 -39.61 60.65 -12.59
CA ARG B 523 -40.64 61.68 -12.44
C ARG B 523 -41.38 61.68 -11.09
N GLY B 524 -40.72 61.17 -10.04
CA GLY B 524 -41.27 61.13 -8.70
C GLY B 524 -42.40 60.17 -8.33
N GLU B 525 -42.84 59.32 -9.27
CA GLU B 525 -43.94 58.36 -9.01
C GLU B 525 -43.52 57.27 -7.99
N ILE B 526 -42.22 57.25 -7.68
CA ILE B 526 -41.62 56.30 -6.74
C ILE B 526 -40.53 57.07 -5.98
N LYS B 527 -40.57 57.03 -4.66
CA LYS B 527 -39.58 57.74 -3.88
C LYS B 527 -38.26 56.96 -3.80
N GLY B 528 -37.18 57.67 -3.44
CA GLY B 528 -35.85 57.09 -3.29
C GLY B 528 -35.45 55.79 -3.99
N PHE B 529 -35.63 55.75 -5.32
CA PHE B 529 -35.32 54.57 -6.12
C PHE B 529 -33.81 54.51 -6.32
N THR B 530 -33.22 53.34 -6.07
CA THR B 530 -31.78 53.18 -6.19
C THR B 530 -31.25 53.62 -7.55
N GLY B 531 -30.15 54.37 -7.53
CA GLY B 531 -29.54 54.88 -8.73
C GLY B 531 -30.11 56.22 -9.13
N VAL B 532 -31.40 56.42 -8.84
CA VAL B 532 -32.08 57.67 -9.16
C VAL B 532 -32.10 58.63 -7.96
N ASP B 533 -32.84 58.27 -6.90
CA ASP B 533 -32.93 59.10 -5.69
C ASP B 533 -32.34 58.44 -4.45
N ASP B 534 -31.78 57.24 -4.61
CA ASP B 534 -31.15 56.52 -3.49
C ASP B 534 -29.82 55.97 -3.99
N PRO B 535 -28.82 55.90 -3.13
CA PRO B 535 -27.50 55.39 -3.53
C PRO B 535 -27.29 53.86 -3.67
N TYR B 536 -26.25 53.51 -4.42
CA TYR B 536 -25.87 52.12 -4.62
C TYR B 536 -24.41 52.09 -4.27
N GLU B 537 -24.10 51.64 -3.05
CA GLU B 537 -22.71 51.56 -2.61
C GLU B 537 -21.95 50.46 -3.37
N THR B 538 -21.25 50.84 -4.43
CA THR B 538 -20.50 49.88 -5.22
C THR B 538 -19.59 48.95 -4.41
N PRO B 539 -19.73 47.63 -4.62
CA PRO B 539 -18.93 46.63 -3.91
C PRO B 539 -17.44 46.88 -4.12
N GLU B 540 -16.64 46.51 -3.13
CA GLU B 540 -15.20 46.73 -3.24
C GLU B 540 -14.36 45.47 -3.33
N LYS B 541 -14.79 44.44 -2.64
CA LYS B 541 -14.06 43.18 -2.67
C LYS B 541 -14.96 42.05 -3.16
N ALA B 542 -15.72 42.33 -4.22
CA ALA B 542 -16.62 41.32 -4.78
C ALA B 542 -15.80 40.13 -5.22
N ASP B 543 -16.36 38.94 -5.03
CA ASP B 543 -15.69 37.71 -5.45
C ASP B 543 -15.65 37.62 -6.99
N LEU B 544 -16.54 38.34 -7.66
CA LEU B 544 -16.56 38.33 -9.10
C LEU B 544 -17.35 39.52 -9.65
N VAL B 545 -16.77 40.24 -10.62
CA VAL B 545 -17.44 41.39 -11.21
C VAL B 545 -17.79 41.09 -12.66
N VAL B 546 -19.02 41.41 -13.02
CA VAL B 546 -19.56 41.11 -14.33
C VAL B 546 -20.36 42.24 -14.91
N ASP B 547 -20.48 42.30 -16.24
CA ASP B 547 -21.20 43.39 -16.91
C ASP B 547 -22.12 42.76 -17.94
N PHE B 548 -23.42 42.87 -17.72
CA PHE B 548 -24.39 42.29 -18.62
C PHE B 548 -24.44 43.02 -19.96
N SER B 549 -23.75 44.17 -20.03
CA SER B 549 -23.68 44.98 -21.26
C SER B 549 -22.55 44.48 -22.15
N LYS B 550 -21.51 43.98 -21.51
CA LYS B 550 -20.30 43.51 -22.17
C LYS B 550 -20.17 41.98 -22.37
N GLN B 551 -20.87 41.20 -21.55
CA GLN B 551 -20.79 39.75 -21.63
C GLN B 551 -22.14 39.10 -21.74
N SER B 552 -22.22 37.99 -22.47
CA SER B 552 -23.48 37.25 -22.56
C SER B 552 -23.69 36.50 -21.21
N VAL B 553 -24.88 35.97 -21.00
CA VAL B 553 -25.20 35.27 -19.77
C VAL B 553 -24.47 33.96 -19.60
N ARG B 554 -24.44 33.16 -20.67
CA ARG B 554 -23.77 31.88 -20.57
C ARG B 554 -22.30 32.09 -20.24
N SER B 555 -21.74 33.20 -20.73
CA SER B 555 -20.34 33.53 -20.46
C SER B 555 -20.22 33.97 -19.01
N ILE B 556 -21.20 34.72 -18.54
CA ILE B 556 -21.20 35.18 -17.15
C ILE B 556 -21.43 33.98 -16.19
N VAL B 557 -22.46 33.19 -16.50
CA VAL B 557 -22.75 32.01 -15.69
C VAL B 557 -21.47 31.19 -15.62
N HIS B 558 -20.85 31.02 -16.77
CA HIS B 558 -19.61 30.25 -16.81
C HIS B 558 -18.43 30.81 -15.99
N GLU B 559 -18.35 32.12 -15.84
CA GLU B 559 -17.27 32.65 -15.03
C GLU B 559 -17.55 32.25 -13.58
N ILE B 560 -18.84 32.30 -13.21
CA ILE B 560 -19.29 31.95 -11.88
C ILE B 560 -19.01 30.48 -11.65
N ILE B 561 -19.36 29.66 -12.65
CA ILE B 561 -19.09 28.24 -12.53
C ILE B 561 -17.59 27.99 -12.35
N LEU B 562 -16.77 28.73 -13.07
CA LEU B 562 -15.33 28.56 -12.94
C LEU B 562 -14.84 28.85 -11.55
N VAL B 563 -15.38 29.87 -10.89
CA VAL B 563 -14.92 30.13 -9.53
C VAL B 563 -15.24 28.95 -8.63
N LEU B 564 -16.49 28.50 -8.69
CA LEU B 564 -16.93 27.37 -7.90
C LEU B 564 -16.10 26.12 -8.19
N GLU B 565 -15.83 25.87 -9.49
CA GLU B 565 -15.04 24.71 -9.91
C GLU B 565 -13.64 24.78 -9.31
N SER B 566 -13.05 25.98 -9.36
CA SER B 566 -11.71 26.18 -8.85
C SER B 566 -11.57 26.10 -7.35
N GLN B 567 -12.68 26.11 -6.63
CA GLN B 567 -12.57 26.00 -5.20
C GLN B 567 -13.02 24.66 -4.68
N GLY B 568 -13.12 23.70 -5.59
CA GLY B 568 -13.49 22.37 -5.20
C GLY B 568 -14.95 22.10 -4.97
N PHE B 569 -15.80 23.11 -5.13
CA PHE B 569 -17.22 22.89 -4.88
C PHE B 569 -17.88 21.97 -5.86
N LEU B 570 -17.52 22.04 -7.12
CA LEU B 570 -18.17 21.20 -8.11
C LEU B 570 -17.64 19.82 -8.42
N GLU B 571 -16.58 19.35 -7.75
CA GLU B 571 -16.04 17.98 -7.98
C GLU B 571 -17.22 17.07 -8.32
N ARG B 572 -17.56 17.02 -9.60
CA ARG B 572 -18.72 16.30 -10.13
C ARG B 572 -18.93 14.80 -9.91
N GLN B 573 -20.02 14.33 -10.53
CA GLN B 573 -20.46 12.93 -10.48
C GLN B 573 -20.22 12.23 -11.81
N MET C 1 -16.78 36.68 -28.97
CA MET C 1 -15.60 35.94 -29.53
C MET C 1 -14.58 35.60 -28.44
N ALA C 2 -13.65 34.71 -28.77
CA ALA C 2 -12.58 34.31 -27.86
C ALA C 2 -11.52 35.39 -28.10
N ASN C 3 -10.54 35.08 -28.93
CA ASN C 3 -9.53 36.07 -29.23
C ASN C 3 -9.69 36.36 -30.71
N ALA C 4 -9.60 37.63 -31.10
CA ALA C 4 -9.74 37.99 -32.51
C ALA C 4 -8.61 37.40 -33.32
N PRO C 5 -8.94 36.94 -34.54
CA PRO C 5 -7.87 36.37 -35.37
C PRO C 5 -6.71 37.35 -35.51
N HIS C 6 -5.57 36.83 -35.94
CA HIS C 6 -4.39 37.65 -36.13
C HIS C 6 -4.52 38.35 -37.47
N GLY C 7 -4.53 39.69 -37.42
CA GLY C 7 -4.68 40.51 -38.60
C GLY C 7 -6.13 40.97 -38.59
N GLY C 8 -6.86 40.45 -37.61
CA GLY C 8 -8.26 40.78 -37.42
C GLY C 8 -9.27 39.94 -38.17
N VAL C 9 -8.85 39.17 -39.16
CA VAL C 9 -9.82 38.39 -39.94
C VAL C 9 -9.39 36.96 -40.15
N LEU C 10 -10.24 36.03 -39.74
CA LEU C 10 -9.90 34.62 -39.92
C LEU C 10 -9.89 34.27 -41.39
N LYS C 11 -8.71 33.87 -41.91
CA LYS C 11 -8.60 33.51 -43.32
C LYS C 11 -9.06 32.06 -43.58
N ASP C 12 -10.34 31.82 -43.37
CA ASP C 12 -10.87 30.49 -43.56
C ASP C 12 -11.15 30.27 -45.06
N LEU C 13 -10.09 30.02 -45.84
CA LEU C 13 -10.23 29.82 -47.28
C LEU C 13 -11.21 28.72 -47.64
N LEU C 14 -11.34 27.70 -46.80
CA LEU C 14 -12.30 26.61 -47.08
C LEU C 14 -13.76 27.07 -47.01
N ALA C 15 -14.09 27.90 -46.03
CA ALA C 15 -15.43 28.45 -45.94
C ALA C 15 -15.65 29.34 -47.16
N ARG C 16 -14.78 30.34 -47.33
CA ARG C 16 -14.86 31.26 -48.46
C ARG C 16 -15.10 30.66 -49.85
N ASP C 17 -14.27 29.72 -50.24
CA ASP C 17 -14.35 29.15 -51.57
C ASP C 17 -15.37 28.05 -51.78
N ALA C 18 -16.08 27.62 -50.74
CA ALA C 18 -17.07 26.54 -50.91
C ALA C 18 -18.06 26.82 -52.07
N PRO C 19 -18.70 27.98 -52.07
CA PRO C 19 -19.65 28.31 -53.13
C PRO C 19 -19.20 27.89 -54.53
N ARG C 20 -17.90 28.00 -54.79
CA ARG C 20 -17.36 27.69 -56.10
C ARG C 20 -16.70 26.32 -56.19
N GLN C 21 -16.82 25.57 -55.10
CA GLN C 21 -16.19 24.26 -54.98
C GLN C 21 -16.09 23.39 -56.26
N ALA C 22 -17.25 23.10 -56.86
CA ALA C 22 -17.33 22.26 -58.04
C ALA C 22 -16.53 22.74 -59.26
N GLU C 23 -16.58 24.03 -59.53
CA GLU C 23 -15.84 24.61 -60.65
C GLU C 23 -14.33 24.50 -60.48
N LEU C 24 -13.87 24.90 -59.29
CA LEU C 24 -12.45 24.89 -58.89
C LEU C 24 -11.91 23.45 -58.93
N ALA C 25 -12.78 22.51 -58.55
CA ALA C 25 -12.41 21.10 -58.55
C ALA C 25 -12.21 20.66 -60.01
N ALA C 26 -13.14 21.05 -60.86
CA ALA C 26 -13.05 20.67 -62.26
C ALA C 26 -11.77 21.30 -62.81
N GLU C 27 -11.57 22.58 -62.50
CA GLU C 27 -10.37 23.29 -62.94
C GLU C 27 -9.12 22.62 -62.38
N ALA C 28 -9.23 22.13 -61.15
CA ALA C 28 -8.07 21.50 -60.56
C ALA C 28 -7.62 20.27 -61.33
N GLU C 29 -8.56 19.59 -61.99
CA GLU C 29 -8.22 18.38 -62.74
C GLU C 29 -7.33 18.68 -63.94
N SER C 30 -7.57 19.83 -64.59
CA SER C 30 -6.81 20.22 -65.79
C SER C 30 -5.43 20.86 -65.60
N LEU C 31 -5.33 21.78 -64.65
CA LEU C 31 -4.10 22.53 -64.40
C LEU C 31 -2.82 21.74 -64.17
N PRO C 32 -1.69 22.42 -64.34
CA PRO C 32 -0.45 21.68 -64.08
C PRO C 32 -0.59 21.46 -62.58
N ALA C 33 -0.04 20.37 -62.06
CA ALA C 33 -0.16 20.11 -60.64
C ALA C 33 1.16 19.84 -59.94
N VAL C 34 1.27 20.19 -58.67
CA VAL C 34 2.48 19.87 -57.96
C VAL C 34 2.07 18.97 -56.78
N THR C 35 2.87 17.96 -56.48
CA THR C 35 2.59 17.08 -55.37
C THR C 35 3.34 17.61 -54.15
N LEU C 36 2.62 17.90 -53.09
CA LEU C 36 3.28 18.46 -51.93
C LEU C 36 4.03 17.45 -51.06
N THR C 37 4.94 17.97 -50.25
CA THR C 37 5.70 17.12 -49.33
C THR C 37 4.89 17.17 -48.05
N GLU C 38 5.26 16.34 -47.08
CA GLU C 38 4.52 16.38 -45.81
C GLU C 38 4.51 17.79 -45.19
N ARG C 39 5.63 18.53 -45.27
CA ARG C 39 5.63 19.86 -44.67
C ARG C 39 4.68 20.81 -45.41
N GLN C 40 4.82 20.88 -46.72
CA GLN C 40 3.96 21.74 -47.49
C GLN C 40 2.47 21.40 -47.25
N LEU C 41 2.16 20.11 -47.10
CA LEU C 41 0.80 19.64 -46.81
C LEU C 41 0.23 20.16 -45.49
N CYS C 42 1.02 20.06 -44.43
CA CYS C 42 0.63 20.56 -43.13
C CYS C 42 0.51 22.08 -43.17
N ASP C 43 1.37 22.77 -43.92
CA ASP C 43 1.23 24.22 -43.97
C ASP C 43 -0.03 24.60 -44.75
N LEU C 44 -0.26 23.90 -45.86
CA LEU C 44 -1.43 24.16 -46.64
C LEU C 44 -2.67 23.96 -45.77
N GLU C 45 -2.65 22.95 -44.91
CA GLU C 45 -3.82 22.72 -44.08
C GLU C 45 -4.13 23.89 -43.16
N LEU C 46 -3.10 24.51 -42.59
CA LEU C 46 -3.31 25.64 -41.73
C LEU C 46 -3.57 26.97 -42.47
N ILE C 47 -3.19 27.05 -43.75
CA ILE C 47 -3.45 28.28 -44.53
C ILE C 47 -4.94 28.20 -44.89
N MET C 48 -5.35 27.10 -45.51
CA MET C 48 -6.74 26.88 -45.91
C MET C 48 -7.79 26.99 -44.80
N ASN C 49 -7.45 26.60 -43.55
CA ASN C 49 -8.42 26.71 -42.42
C ASN C 49 -8.26 28.00 -41.60
N GLY C 50 -7.35 28.87 -42.05
CA GLY C 50 -7.12 30.13 -41.36
C GLY C 50 -6.22 29.96 -40.15
N GLY C 51 -5.58 28.82 -40.03
CA GLY C 51 -4.71 28.63 -38.90
C GLY C 51 -3.50 29.58 -38.95
N PHE C 52 -3.17 30.02 -40.14
CA PHE C 52 -2.04 30.91 -40.36
C PHE C 52 -2.51 32.34 -40.63
N SER C 53 -3.78 32.64 -40.34
CA SER C 53 -4.27 34.02 -40.54
C SER C 53 -3.21 35.00 -40.00
N PRO C 54 -2.96 36.11 -40.71
CA PRO C 54 -3.53 36.64 -41.94
C PRO C 54 -3.03 36.00 -43.22
N LEU C 55 -2.00 35.18 -43.11
CA LEU C 55 -1.44 34.56 -44.27
C LEU C 55 -2.55 33.84 -45.08
N GLU C 56 -2.51 33.92 -46.41
CA GLU C 56 -3.52 33.22 -47.25
C GLU C 56 -3.02 32.66 -48.57
N GLY C 57 -1.78 32.20 -48.56
CA GLY C 57 -1.23 31.59 -49.75
C GLY C 57 0.16 31.18 -49.34
N PHE C 58 0.95 30.64 -50.27
CA PHE C 58 2.32 30.35 -49.90
C PHE C 58 3.06 31.65 -50.18
N MET C 59 3.86 32.05 -49.20
CA MET C 59 4.60 33.30 -49.22
C MET C 59 5.29 33.71 -50.50
N ASN C 60 4.91 34.87 -51.02
CA ASN C 60 5.56 35.43 -52.21
C ASN C 60 6.88 36.07 -51.69
N GLN C 61 7.67 36.73 -52.53
CA GLN C 61 8.94 37.24 -52.02
C GLN C 61 8.89 38.37 -51.00
N ALA C 62 7.94 39.29 -51.17
CA ALA C 62 7.76 40.39 -50.24
C ALA C 62 7.55 39.90 -48.81
N ASP C 63 6.50 39.09 -48.61
CA ASP C 63 6.18 38.51 -47.29
C ASP C 63 7.36 37.72 -46.77
N TYR C 64 7.88 36.83 -47.59
CA TYR C 64 9.03 36.04 -47.20
C TYR C 64 10.30 36.84 -46.74
N ASP C 65 10.72 37.85 -47.51
CA ASP C 65 11.91 38.63 -47.13
C ASP C 65 11.70 39.34 -45.82
N ARG C 66 10.52 39.94 -45.70
CA ARG C 66 10.22 40.69 -44.50
C ARG C 66 10.09 39.81 -43.28
N VAL C 67 9.64 38.57 -43.50
CA VAL C 67 9.50 37.66 -42.39
C VAL C 67 10.89 37.25 -41.99
N CYS C 68 11.72 37.02 -42.99
CA CYS C 68 13.09 36.59 -42.69
C CYS C 68 13.87 37.66 -41.93
N GLU C 69 13.70 38.92 -42.29
CA GLU C 69 14.47 39.89 -41.55
C GLU C 69 13.75 40.74 -40.51
N ASP C 70 12.43 40.69 -40.42
CA ASP C 70 11.75 41.52 -39.41
C ASP C 70 10.63 40.82 -38.66
N ASN C 71 10.47 39.51 -38.89
CA ASN C 71 9.38 38.76 -38.25
C ASN C 71 8.05 39.45 -38.52
N ARG C 72 7.89 40.02 -39.72
CA ARG C 72 6.66 40.70 -40.13
C ARG C 72 6.32 40.39 -41.58
N LEU C 73 5.03 40.40 -41.90
CA LEU C 73 4.62 40.18 -43.29
C LEU C 73 4.65 41.58 -43.88
N ALA C 74 4.58 41.66 -45.20
CA ALA C 74 4.60 42.96 -45.87
C ALA C 74 3.60 43.92 -45.20
N ASP C 75 2.40 43.40 -44.90
CA ASP C 75 1.38 44.24 -44.28
C ASP C 75 1.64 44.69 -42.84
N GLY C 76 2.81 44.37 -42.29
CA GLY C 76 3.14 44.79 -40.93
C GLY C 76 2.84 43.83 -39.78
N ASN C 77 1.91 42.89 -39.97
CA ASN C 77 1.60 41.92 -38.91
C ASN C 77 2.78 41.05 -38.56
N VAL C 78 2.91 40.72 -37.28
CA VAL C 78 3.99 39.85 -36.86
C VAL C 78 3.78 38.47 -37.48
N PHE C 79 4.88 37.83 -37.83
CA PHE C 79 4.84 36.49 -38.39
C PHE C 79 6.29 36.12 -38.52
N SER C 80 6.71 35.18 -37.69
CA SER C 80 8.08 34.75 -37.61
C SER C 80 8.50 33.49 -38.33
N MET C 81 7.61 32.89 -39.11
CA MET C 81 7.99 31.62 -39.78
C MET C 81 7.71 31.67 -41.28
N PRO C 82 8.76 31.47 -42.10
CA PRO C 82 8.48 31.50 -43.53
C PRO C 82 7.70 30.23 -43.94
N ILE C 83 6.67 30.43 -44.75
CA ILE C 83 5.76 29.38 -45.24
C ILE C 83 5.85 29.48 -46.75
N THR C 84 6.52 28.51 -47.36
CA THR C 84 6.73 28.54 -48.81
C THR C 84 6.56 27.18 -49.44
N LEU C 85 6.33 27.25 -50.75
CA LEU C 85 6.13 26.10 -51.61
C LEU C 85 7.35 26.15 -52.49
N ASP C 86 8.11 25.07 -52.57
CA ASP C 86 9.31 25.08 -53.38
C ASP C 86 9.35 24.05 -54.49
N ALA C 87 9.85 24.49 -55.64
CA ALA C 87 9.95 23.67 -56.82
C ALA C 87 11.36 23.80 -57.33
N SER C 88 11.73 22.97 -58.31
CA SER C 88 13.06 22.99 -58.93
C SER C 88 12.92 23.48 -60.38
N GLN C 89 14.03 23.99 -60.90
CA GLN C 89 14.11 24.51 -62.27
C GLN C 89 13.41 23.56 -63.30
N GLU C 90 13.73 22.28 -63.20
CA GLU C 90 13.19 21.21 -64.06
C GLU C 90 11.66 21.20 -64.07
N VAL C 91 11.09 21.16 -62.87
CA VAL C 91 9.63 21.15 -62.73
C VAL C 91 9.08 22.47 -63.21
N ILE C 92 9.82 23.57 -62.96
CA ILE C 92 9.33 24.86 -63.39
C ILE C 92 9.21 24.89 -64.92
N ASP C 93 10.24 24.37 -65.56
CA ASP C 93 10.24 24.32 -67.01
C ASP C 93 9.26 23.28 -67.54
N GLU C 94 9.42 22.05 -67.09
CA GLU C 94 8.56 20.97 -67.53
C GLU C 94 7.05 21.27 -67.43
N LYS C 95 6.67 22.21 -66.57
CA LYS C 95 5.26 22.58 -66.40
C LYS C 95 4.93 23.99 -66.89
N LYS C 96 5.96 24.67 -67.41
CA LYS C 96 5.80 26.03 -67.92
C LYS C 96 5.25 26.92 -66.82
N LEU C 97 5.82 26.82 -65.63
CA LEU C 97 5.34 27.63 -64.51
C LEU C 97 5.82 29.05 -64.65
N GLN C 98 4.95 30.00 -64.30
CA GLN C 98 5.31 31.42 -64.38
C GLN C 98 4.30 32.32 -63.69
N ALA C 99 4.71 33.57 -63.47
CA ALA C 99 3.80 34.50 -62.84
C ALA C 99 2.44 34.37 -63.53
N ALA C 100 1.36 34.32 -62.75
CA ALA C 100 0.04 34.22 -63.33
C ALA C 100 -0.46 32.81 -63.56
N SER C 101 0.48 31.86 -63.63
CA SER C 101 0.16 30.43 -63.81
C SER C 101 -0.72 29.95 -62.66
N ARG C 102 -1.65 29.05 -62.99
CA ARG C 102 -2.51 28.46 -61.97
C ARG C 102 -2.17 26.98 -61.83
N ILE C 103 -1.68 26.60 -60.65
CA ILE C 103 -1.35 25.22 -60.43
C ILE C 103 -2.20 24.56 -59.36
N THR C 104 -2.28 23.25 -59.47
CA THR C 104 -3.03 22.44 -58.53
C THR C 104 -2.07 21.83 -57.51
N LEU C 105 -2.44 21.92 -56.23
CA LEU C 105 -1.61 21.37 -55.17
C LEU C 105 -2.18 20.02 -54.74
N ARG C 106 -1.48 18.97 -55.10
CA ARG C 106 -1.91 17.64 -54.82
C ARG C 106 -1.31 16.99 -53.54
N ASP C 107 -2.11 16.09 -52.96
CA ASP C 107 -1.76 15.35 -51.75
C ASP C 107 -0.97 14.10 -52.21
N PHE C 108 0.19 13.83 -51.61
CA PHE C 108 0.94 12.65 -52.01
C PHE C 108 0.38 11.34 -51.44
N ARG C 109 -0.34 11.42 -50.33
CA ARG C 109 -0.88 10.21 -49.74
C ARG C 109 -1.96 9.58 -50.64
N ASP C 110 -2.78 10.42 -51.24
CA ASP C 110 -3.92 9.96 -52.06
C ASP C 110 -4.23 10.72 -53.35
N ASP C 111 -3.25 11.45 -53.89
CA ASP C 111 -3.42 12.25 -55.11
C ASP C 111 -4.66 13.13 -55.16
N ARG C 112 -5.15 13.53 -54.00
CA ARG C 112 -6.29 14.42 -53.96
C ARG C 112 -5.81 15.86 -54.27
N ASN C 113 -6.63 16.58 -55.03
CA ASN C 113 -6.36 17.96 -55.39
C ASN C 113 -6.91 18.80 -54.27
N LEU C 114 -6.03 19.53 -53.56
CA LEU C 114 -6.43 20.33 -52.43
C LEU C 114 -6.71 21.81 -52.66
N ALA C 115 -6.01 22.38 -53.64
CA ALA C 115 -6.17 23.80 -53.91
C ALA C 115 -5.47 24.22 -55.18
N ILE C 116 -5.87 25.39 -55.67
CA ILE C 116 -5.25 25.97 -56.86
C ILE C 116 -4.45 27.17 -56.34
N LEU C 117 -3.15 27.19 -56.61
CA LEU C 117 -2.38 28.34 -56.19
C LEU C 117 -2.21 29.16 -57.45
N THR C 118 -2.34 30.48 -57.33
CA THR C 118 -2.14 31.36 -58.47
C THR C 118 -0.79 32.08 -58.28
N ILE C 119 0.19 31.73 -59.09
CA ILE C 119 1.53 32.32 -58.91
C ILE C 119 1.71 33.85 -58.91
N ASP C 120 2.27 34.36 -57.80
CA ASP C 120 2.58 35.78 -57.66
C ASP C 120 3.93 35.90 -58.32
N ASP C 121 4.90 35.23 -57.73
CA ASP C 121 6.27 35.23 -58.21
C ASP C 121 6.93 33.85 -58.13
N ILE C 122 8.13 33.73 -58.70
CA ILE C 122 8.91 32.48 -58.71
C ILE C 122 10.31 32.98 -58.42
N TYR C 123 10.78 32.87 -57.19
CA TYR C 123 12.10 33.41 -56.88
C TYR C 123 13.10 32.45 -56.23
N ARG C 124 14.38 32.81 -56.29
CA ARG C 124 15.44 31.97 -55.72
C ARG C 124 15.78 32.46 -54.33
N PRO C 125 15.23 31.88 -53.24
CA PRO C 125 15.58 32.39 -51.91
C PRO C 125 17.03 32.09 -51.56
N ASP C 126 17.65 32.93 -50.77
CA ASP C 126 19.01 32.65 -50.38
C ASP C 126 18.81 31.81 -49.11
N LYS C 127 19.15 30.54 -49.19
CA LYS C 127 18.97 29.66 -48.05
C LYS C 127 19.94 29.89 -46.90
N THR C 128 21.10 30.44 -47.21
CA THR C 128 22.07 30.65 -46.14
C THR C 128 21.57 31.71 -45.18
N LYS C 129 21.01 32.76 -45.75
CA LYS C 129 20.43 33.86 -44.97
C LYS C 129 19.19 33.34 -44.20
N GLU C 130 18.31 32.62 -44.91
CA GLU C 130 17.13 32.05 -44.27
C GLU C 130 17.60 31.22 -43.06
N ALA C 131 18.48 30.26 -43.31
CA ALA C 131 18.99 29.42 -42.24
C ALA C 131 19.65 30.21 -41.11
N LYS C 132 20.23 31.37 -41.42
CA LYS C 132 20.90 32.16 -40.41
C LYS C 132 19.96 32.98 -39.54
N LEU C 133 19.16 33.84 -40.17
CA LEU C 133 18.20 34.69 -39.47
C LEU C 133 17.08 33.93 -38.75
N VAL C 134 16.34 33.10 -39.49
CA VAL C 134 15.22 32.36 -38.94
C VAL C 134 15.59 31.23 -37.97
N PHE C 135 16.55 30.38 -38.36
CA PHE C 135 16.90 29.24 -37.52
C PHE C 135 18.17 29.23 -36.71
N GLY C 136 18.95 30.31 -36.76
CA GLY C 136 20.16 30.35 -35.96
C GLY C 136 21.48 30.20 -36.68
N GLY C 137 21.48 29.53 -37.83
CA GLY C 137 22.70 29.36 -38.60
C GLY C 137 23.45 28.04 -38.42
N ASP C 138 23.28 27.40 -37.27
CA ASP C 138 23.94 26.12 -37.01
C ASP C 138 23.59 25.09 -38.08
N PRO C 139 24.61 24.54 -38.76
CA PRO C 139 24.48 23.54 -39.84
C PRO C 139 23.81 22.23 -39.42
N GLU C 140 23.81 21.97 -38.12
CA GLU C 140 23.19 20.76 -37.64
C GLU C 140 21.74 20.97 -37.20
N HIS C 141 21.27 22.21 -37.24
CA HIS C 141 19.90 22.46 -36.86
C HIS C 141 19.04 21.78 -37.88
N PRO C 142 18.11 20.94 -37.41
CA PRO C 142 17.17 20.16 -38.20
C PRO C 142 16.57 20.93 -39.35
N ALA C 143 16.01 22.10 -39.04
CA ALA C 143 15.36 22.91 -40.07
C ALA C 143 16.34 23.28 -41.18
N ILE C 144 17.61 23.45 -40.80
CA ILE C 144 18.67 23.82 -41.74
C ILE C 144 19.11 22.62 -42.58
N VAL C 145 19.35 21.48 -41.93
CA VAL C 145 19.69 20.30 -42.69
C VAL C 145 18.56 20.09 -43.73
N TYR C 146 17.30 20.32 -43.31
CA TYR C 146 16.13 20.17 -44.18
C TYR C 146 16.10 21.21 -45.29
N LEU C 147 16.48 22.42 -44.95
CA LEU C 147 16.49 23.51 -45.91
C LEU C 147 17.59 23.30 -46.95
N ASN C 148 18.70 22.69 -46.52
CA ASN C 148 19.86 22.43 -47.38
C ASN C 148 19.71 21.19 -48.21
N ASN C 149 19.10 20.15 -47.66
CA ASN C 149 18.98 18.88 -48.38
C ASN C 149 17.63 18.48 -48.97
N THR C 150 16.53 19.03 -48.48
CA THR C 150 15.26 18.66 -49.06
C THR C 150 14.61 19.80 -49.85
N VAL C 151 14.63 21.02 -49.30
CA VAL C 151 13.99 22.13 -50.01
C VAL C 151 14.63 22.35 -51.37
N LYS C 152 13.78 22.62 -52.35
CA LYS C 152 14.20 22.82 -53.75
C LYS C 152 14.84 24.16 -54.00
N GLU C 153 15.19 24.41 -55.25
CA GLU C 153 15.89 25.64 -55.60
C GLU C 153 15.09 26.92 -55.52
N PHE C 154 13.84 26.90 -55.99
CA PHE C 154 13.00 28.10 -55.97
C PHE C 154 11.79 28.03 -55.04
N TYR C 155 11.22 29.18 -54.77
CA TYR C 155 10.01 29.31 -53.96
C TYR C 155 8.94 29.91 -54.88
N ILE C 156 7.73 29.36 -54.82
CA ILE C 156 6.61 29.88 -55.61
C ILE C 156 5.68 30.56 -54.62
N GLY C 157 5.32 31.82 -54.86
CA GLY C 157 4.43 32.54 -53.93
C GLY C 157 3.10 32.77 -54.62
N GLY C 158 2.01 32.84 -53.88
CA GLY C 158 0.72 33.05 -54.56
C GLY C 158 -0.47 32.83 -53.65
N LYS C 159 -1.54 33.59 -53.87
CA LYS C 159 -2.74 33.43 -53.06
C LYS C 159 -3.30 32.03 -53.36
N ILE C 160 -3.96 31.46 -52.35
CA ILE C 160 -4.51 30.12 -52.48
C ILE C 160 -6.05 30.08 -52.63
N GLU C 161 -6.53 29.13 -53.43
CA GLU C 161 -7.97 28.91 -53.52
C GLU C 161 -8.16 27.46 -53.06
N ALA C 162 -9.08 27.24 -52.12
CA ALA C 162 -9.29 25.88 -51.61
C ALA C 162 -10.28 25.04 -52.41
N VAL C 163 -9.91 23.81 -52.76
CA VAL C 163 -10.90 22.97 -53.46
C VAL C 163 -11.42 21.88 -52.50
N ASN C 164 -10.52 21.20 -51.80
CA ASN C 164 -10.81 20.14 -50.83
C ASN C 164 -9.97 20.21 -49.54
N LYS C 165 -10.54 19.79 -48.42
CA LYS C 165 -9.76 19.72 -47.20
C LYS C 165 -8.94 18.40 -47.27
N LEU C 166 -7.71 18.37 -46.75
CA LEU C 166 -6.92 17.14 -46.75
C LEU C 166 -7.82 16.05 -46.12
N ASN C 167 -7.63 14.79 -46.48
CA ASN C 167 -8.38 13.74 -45.87
C ASN C 167 -7.56 13.10 -44.74
N HIS C 168 -8.12 13.03 -43.54
CA HIS C 168 -7.42 12.30 -42.48
C HIS C 168 -8.46 11.25 -42.05
N TYR C 169 -8.03 10.04 -41.72
CA TYR C 169 -9.01 9.03 -41.32
C TYR C 169 -8.87 8.66 -39.89
N ASP C 170 -7.99 9.37 -39.21
CA ASP C 170 -7.76 9.10 -37.82
C ASP C 170 -8.22 10.23 -36.92
N TYR C 171 -8.83 9.87 -35.78
CA TYR C 171 -9.32 10.79 -34.77
C TYR C 171 -10.01 12.07 -35.28
N VAL C 172 -10.98 11.92 -36.19
CA VAL C 172 -11.66 13.10 -36.74
C VAL C 172 -12.25 14.00 -35.66
N ALA C 173 -12.74 13.38 -34.61
CA ALA C 173 -13.32 14.09 -33.49
C ALA C 173 -12.33 14.95 -32.70
N LEU C 174 -11.02 14.72 -32.88
CA LEU C 174 -10.05 15.50 -32.14
C LEU C 174 -9.47 16.56 -33.07
N ARG C 175 -9.81 16.46 -34.34
CA ARG C 175 -9.30 17.40 -35.34
C ARG C 175 -10.23 18.60 -35.47
N TYR C 176 -9.80 19.73 -34.93
CA TYR C 176 -10.58 20.97 -34.99
C TYR C 176 -9.93 22.04 -35.85
N THR C 177 -10.74 22.71 -36.66
CA THR C 177 -10.30 23.82 -37.48
C THR C 177 -10.41 25.06 -36.57
N PRO C 178 -9.77 26.15 -36.95
CA PRO C 178 -9.98 27.25 -36.00
C PRO C 178 -11.49 27.64 -35.94
N ALA C 179 -12.23 27.59 -37.04
CA ALA C 179 -13.64 27.94 -36.92
C ALA C 179 -14.35 27.02 -35.93
N GLU C 180 -14.12 25.71 -36.04
CA GLU C 180 -14.78 24.75 -35.14
C GLU C 180 -14.46 24.93 -33.67
N LEU C 181 -13.20 25.19 -33.36
CA LEU C 181 -12.79 25.37 -31.98
C LEU C 181 -13.44 26.64 -31.45
N ARG C 182 -13.54 27.64 -32.32
CA ARG C 182 -14.14 28.93 -31.97
C ARG C 182 -15.64 28.77 -31.70
N VAL C 183 -16.32 27.92 -32.49
CA VAL C 183 -17.72 27.65 -32.28
C VAL C 183 -17.87 26.87 -30.96
N HIS C 184 -16.95 25.95 -30.73
CA HIS C 184 -17.01 25.17 -29.53
C HIS C 184 -16.85 26.05 -28.28
N PHE C 185 -15.75 26.79 -28.19
CA PHE C 185 -15.48 27.66 -27.05
C PHE C 185 -16.66 28.56 -26.78
N ASP C 186 -17.23 29.04 -27.87
CA ASP C 186 -18.36 29.93 -27.80
C ASP C 186 -19.64 29.28 -27.21
N LYS C 187 -19.98 28.10 -27.66
CA LYS C 187 -21.16 27.44 -27.15
C LYS C 187 -21.08 27.26 -25.61
N LEU C 188 -19.94 26.77 -25.13
CA LEU C 188 -19.71 26.52 -23.69
C LEU C 188 -19.43 27.82 -22.94
N GLY C 189 -19.58 28.94 -23.63
CA GLY C 189 -19.31 30.21 -23.00
C GLY C 189 -17.86 30.36 -22.52
N TRP C 190 -16.94 29.64 -23.12
CA TRP C 190 -15.55 29.77 -22.73
C TRP C 190 -15.01 31.08 -23.26
N SER C 191 -14.44 31.89 -22.40
CA SER C 191 -13.93 33.15 -22.87
C SER C 191 -12.46 33.32 -22.50
N ARG C 192 -11.92 32.33 -21.81
CA ARG C 192 -10.52 32.44 -21.45
C ARG C 192 -9.98 31.03 -21.54
N VAL C 193 -9.11 30.80 -22.53
CA VAL C 193 -8.51 29.49 -22.78
C VAL C 193 -6.99 29.51 -22.77
N VAL C 194 -6.36 28.69 -21.94
CA VAL C 194 -4.90 28.58 -21.92
C VAL C 194 -4.53 27.38 -22.80
N ALA C 195 -3.79 27.64 -23.87
CA ALA C 195 -3.39 26.59 -24.78
C ALA C 195 -2.09 25.93 -24.34
N PHE C 196 -2.02 24.62 -24.53
CA PHE C 196 -0.82 23.90 -24.22
C PHE C 196 -0.35 23.18 -25.49
N GLN C 197 0.91 23.44 -25.82
CA GLN C 197 1.59 22.89 -26.98
C GLN C 197 2.48 21.78 -26.49
N THR C 198 2.67 20.77 -27.33
CA THR C 198 3.53 19.66 -26.97
C THR C 198 3.54 18.66 -28.14
N ARG C 199 4.57 17.82 -28.19
CA ARG C 199 4.68 16.79 -29.20
C ARG C 199 5.00 15.56 -28.39
N ASN C 200 5.07 15.79 -27.08
CA ASN C 200 5.41 14.81 -26.04
C ASN C 200 4.26 14.18 -25.23
N PRO C 201 4.57 13.14 -24.42
CA PRO C 201 3.77 12.30 -23.52
C PRO C 201 2.63 12.85 -22.65
N MET C 202 2.97 13.80 -21.77
CA MET C 202 2.00 14.39 -20.84
C MET C 202 1.71 13.50 -19.64
N HIS C 203 2.36 13.83 -18.54
CA HIS C 203 2.21 13.10 -17.29
C HIS C 203 1.56 13.94 -16.19
N ARG C 204 1.53 13.37 -15.00
CA ARG C 204 0.97 14.02 -13.83
C ARG C 204 1.65 15.37 -13.65
N ALA C 205 2.92 15.43 -14.02
CA ALA C 205 3.66 16.68 -13.94
C ALA C 205 2.95 17.73 -14.82
N HIS C 206 2.77 17.38 -16.09
CA HIS C 206 2.11 18.29 -17.03
C HIS C 206 0.71 18.64 -16.56
N ARG C 207 -0.09 17.61 -16.27
CA ARG C 207 -1.45 17.77 -15.80
C ARG C 207 -1.57 18.83 -14.72
N GLU C 208 -0.56 18.95 -13.86
CA GLU C 208 -0.60 19.97 -12.81
C GLU C 208 -0.14 21.27 -13.42
N LEU C 209 0.91 21.22 -14.23
CA LEU C 209 1.40 22.43 -14.88
C LEU C 209 0.18 23.18 -15.40
N THR C 210 -0.56 22.49 -16.26
CA THR C 210 -1.75 23.04 -16.90
C THR C 210 -2.87 23.51 -15.95
N VAL C 211 -3.41 22.62 -15.12
CA VAL C 211 -4.46 23.04 -14.22
C VAL C 211 -4.00 24.22 -13.35
N ARG C 212 -2.80 24.13 -12.79
CA ARG C 212 -2.27 25.20 -11.95
C ARG C 212 -2.33 26.50 -12.75
N ALA C 213 -1.79 26.43 -13.96
CA ALA C 213 -1.74 27.55 -14.90
C ALA C 213 -3.08 28.16 -15.27
N ALA C 214 -4.08 27.32 -15.50
CA ALA C 214 -5.40 27.79 -15.88
C ALA C 214 -6.26 28.35 -14.74
N ARG C 215 -6.33 27.63 -13.63
CA ARG C 215 -7.14 28.06 -12.51
C ARG C 215 -6.69 29.41 -11.96
N SER C 216 -5.44 29.74 -12.20
CA SER C 216 -4.88 31.01 -11.75
C SER C 216 -5.35 32.13 -12.67
N ARG C 217 -5.27 31.90 -13.97
CA ARG C 217 -5.71 32.88 -14.93
C ARG C 217 -7.23 32.77 -15.00
N GLN C 218 -7.83 32.11 -14.00
CA GLN C 218 -9.28 31.91 -13.95
C GLN C 218 -9.75 31.54 -15.37
N ALA C 219 -9.14 30.50 -15.94
CA ALA C 219 -9.47 30.10 -17.31
C ALA C 219 -9.45 28.61 -17.56
N ASN C 220 -10.06 28.22 -18.70
CA ASN C 220 -10.11 26.82 -19.17
C ASN C 220 -8.81 26.32 -19.89
N VAL C 221 -8.83 25.06 -20.30
CA VAL C 221 -7.63 24.51 -20.93
C VAL C 221 -7.79 23.83 -22.26
N LEU C 222 -6.93 24.20 -23.21
CA LEU C 222 -6.91 23.57 -24.53
C LEU C 222 -5.64 22.79 -24.69
N ILE C 223 -5.76 21.47 -24.64
CA ILE C 223 -4.61 20.59 -24.84
C ILE C 223 -4.57 20.47 -26.35
N HIS C 224 -3.58 21.13 -26.95
CA HIS C 224 -3.44 21.18 -28.40
C HIS C 224 -2.14 20.51 -28.84
N PRO C 225 -2.03 19.18 -28.70
CA PRO C 225 -0.72 18.69 -29.15
C PRO C 225 -0.58 18.56 -30.66
N VAL C 226 0.67 18.48 -31.06
CA VAL C 226 1.03 18.39 -32.45
C VAL C 226 1.15 16.96 -33.03
N VAL C 227 0.72 16.81 -34.28
CA VAL C 227 0.81 15.54 -35.00
C VAL C 227 1.19 15.94 -36.41
N GLY C 228 1.88 15.07 -37.14
CA GLY C 228 2.20 15.38 -38.51
C GLY C 228 1.18 14.58 -39.30
N LEU C 229 1.52 14.15 -40.51
CA LEU C 229 0.61 13.32 -41.31
C LEU C 229 0.78 11.90 -40.85
N THR C 230 -0.34 11.29 -40.50
CA THR C 230 -0.36 9.91 -40.03
C THR C 230 0.23 8.88 -41.00
N LYS C 231 1.21 8.09 -40.56
CA LYS C 231 1.74 7.00 -41.40
C LYS C 231 0.72 5.90 -41.05
N PRO C 232 -0.03 5.37 -42.04
CA PRO C 232 -1.05 4.33 -41.74
C PRO C 232 -0.74 3.31 -40.64
N GLY C 233 0.42 2.68 -40.71
CA GLY C 233 0.77 1.67 -39.71
C GLY C 233 1.85 2.04 -38.71
N ASP C 234 1.87 3.32 -38.33
CA ASP C 234 2.80 3.88 -37.36
C ASP C 234 2.11 3.82 -35.99
N ILE C 235 2.29 2.74 -35.25
CA ILE C 235 1.61 2.57 -33.97
C ILE C 235 1.94 3.58 -32.88
N ASP C 236 3.15 4.14 -32.92
CA ASP C 236 3.55 5.14 -31.94
C ASP C 236 2.56 6.31 -31.97
N HIS C 237 2.11 6.68 -33.17
CA HIS C 237 1.15 7.75 -33.30
C HIS C 237 -0.16 7.39 -32.61
N PHE C 238 -0.70 6.22 -32.91
CA PHE C 238 -1.95 5.87 -32.29
C PHE C 238 -1.82 5.78 -30.79
N THR C 239 -0.68 5.31 -30.36
CA THR C 239 -0.43 5.19 -28.95
C THR C 239 -0.27 6.56 -28.28
N ARG C 240 0.40 7.50 -28.94
CA ARG C 240 0.58 8.81 -28.31
C ARG C 240 -0.76 9.50 -28.06
N VAL C 241 -1.64 9.37 -29.03
CA VAL C 241 -2.95 9.98 -28.94
C VAL C 241 -3.74 9.28 -27.87
N ARG C 242 -3.91 7.97 -27.97
CA ARG C 242 -4.64 7.23 -26.95
C ARG C 242 -4.25 7.66 -25.51
N ALA C 243 -2.97 8.00 -25.34
CA ALA C 243 -2.44 8.42 -24.06
C ALA C 243 -3.02 9.77 -23.69
N TYR C 244 -3.04 10.72 -24.63
CA TYR C 244 -3.66 12.02 -24.37
C TYR C 244 -5.10 11.73 -24.05
N GLN C 245 -5.82 11.02 -24.91
CA GLN C 245 -7.23 10.71 -24.62
C GLN C 245 -7.40 10.20 -23.16
N ALA C 246 -6.48 9.36 -22.72
CA ALA C 246 -6.53 8.80 -21.38
C ALA C 246 -6.27 9.82 -20.27
N LEU C 247 -5.34 10.74 -20.47
CA LEU C 247 -5.05 11.73 -19.45
C LEU C 247 -6.22 12.69 -19.30
N LEU C 248 -7.17 12.62 -20.22
CA LEU C 248 -8.29 13.56 -20.16
C LEU C 248 -9.17 13.52 -18.93
N PRO C 249 -9.57 12.33 -18.49
CA PRO C 249 -10.43 12.35 -17.30
C PRO C 249 -9.78 12.83 -16.00
N ARG C 250 -8.45 12.85 -15.94
CA ARG C 250 -7.72 13.32 -14.74
C ARG C 250 -7.70 14.86 -14.69
N TYR C 251 -8.67 15.46 -15.36
CA TYR C 251 -8.88 16.91 -15.47
C TYR C 251 -10.28 17.22 -14.88
N PRO C 252 -10.38 18.24 -14.00
CA PRO C 252 -11.67 18.62 -13.39
C PRO C 252 -12.75 18.57 -14.45
N ASN C 253 -13.81 17.82 -14.22
CA ASN C 253 -14.84 17.69 -15.25
C ASN C 253 -15.17 19.01 -15.94
N GLY C 254 -15.04 19.03 -17.26
CA GLY C 254 -15.40 20.21 -18.04
C GLY C 254 -14.43 21.35 -18.19
N MET C 255 -13.27 21.24 -17.56
CA MET C 255 -12.24 22.27 -17.60
C MET C 255 -11.37 22.30 -18.87
N ALA C 256 -11.24 21.14 -19.54
CA ALA C 256 -10.38 21.04 -20.71
C ALA C 256 -10.98 20.41 -21.96
N VAL C 257 -10.35 20.75 -23.09
CA VAL C 257 -10.72 20.19 -24.40
C VAL C 257 -9.43 19.66 -24.99
N LEU C 258 -9.54 18.57 -25.74
CA LEU C 258 -8.38 17.99 -26.40
C LEU C 258 -8.57 18.16 -27.89
N GLY C 259 -7.58 18.73 -28.53
CA GLY C 259 -7.65 18.94 -29.97
C GLY C 259 -6.27 18.67 -30.53
N LEU C 260 -6.23 17.97 -31.65
CA LEU C 260 -4.96 17.69 -32.28
C LEU C 260 -4.65 18.81 -33.26
N LEU C 261 -3.46 19.36 -33.19
CA LEU C 261 -3.08 20.38 -34.15
C LEU C 261 -2.15 19.73 -35.18
N GLY C 262 -2.55 19.79 -36.45
CA GLY C 262 -1.73 19.26 -37.52
C GLY C 262 -0.71 20.28 -38.01
N LEU C 263 0.42 20.39 -37.31
CA LEU C 263 1.51 21.30 -37.61
C LEU C 263 2.83 20.60 -37.96
N ALA C 264 3.54 21.14 -38.94
CA ALA C 264 4.85 20.57 -39.26
C ALA C 264 5.87 21.42 -38.44
N MET C 265 6.28 20.95 -37.27
CA MET C 265 7.23 21.78 -36.51
C MET C 265 8.59 21.95 -37.17
N ARG C 266 9.20 23.12 -37.00
CA ARG C 266 10.53 23.32 -37.54
C ARG C 266 11.56 23.12 -36.40
N MET C 267 11.12 23.31 -35.15
CA MET C 267 12.00 23.24 -33.98
C MET C 267 12.85 24.51 -34.05
N GLY C 268 12.20 25.61 -34.40
CA GLY C 268 12.89 26.86 -34.54
C GLY C 268 12.89 27.73 -33.31
N GLY C 269 12.81 27.09 -32.15
CA GLY C 269 12.84 27.82 -30.91
C GLY C 269 12.02 29.10 -30.84
N PRO C 270 12.66 30.20 -30.45
CA PRO C 270 12.00 31.50 -30.32
C PRO C 270 11.08 31.88 -31.48
N ARG C 271 11.54 31.69 -32.71
CA ARG C 271 10.71 32.02 -33.85
C ARG C 271 9.51 31.06 -33.96
N GLU C 272 9.69 29.83 -33.50
CA GLU C 272 8.59 28.89 -33.56
C GLU C 272 7.63 29.23 -32.45
N ALA C 273 8.20 29.62 -31.30
CA ALA C 273 7.40 29.98 -30.13
C ALA C 273 6.43 31.07 -30.53
N ILE C 274 6.94 32.09 -31.21
CA ILE C 274 6.09 33.20 -31.65
C ILE C 274 5.01 32.69 -32.60
N TRP C 275 5.41 31.81 -33.49
CA TRP C 275 4.53 31.27 -34.50
C TRP C 275 3.40 30.46 -33.85
N HIS C 276 3.76 29.66 -32.86
CA HIS C 276 2.81 28.84 -32.12
C HIS C 276 1.76 29.78 -31.52
N ALA C 277 2.25 30.83 -30.87
CA ALA C 277 1.36 31.78 -30.23
C ALA C 277 0.35 32.35 -31.22
N ILE C 278 0.79 32.57 -32.44
CA ILE C 278 -0.09 33.14 -33.43
C ILE C 278 -1.14 32.14 -33.82
N ILE C 279 -0.71 30.88 -33.93
CA ILE C 279 -1.57 29.77 -34.34
C ILE C 279 -2.55 29.42 -33.22
N ARG C 280 -2.13 29.48 -31.97
CA ARG C 280 -3.09 29.15 -30.96
C ARG C 280 -4.04 30.34 -30.91
N LYS C 281 -3.52 31.54 -31.14
CA LYS C 281 -4.40 32.69 -31.14
C LYS C 281 -5.50 32.54 -32.20
N ASN C 282 -5.15 32.07 -33.40
CA ASN C 282 -6.18 31.91 -34.42
C ASN C 282 -7.15 30.81 -34.06
N HIS C 283 -6.67 29.85 -33.29
CA HIS C 283 -7.52 28.78 -32.89
C HIS C 283 -8.45 29.19 -31.76
N GLY C 284 -8.30 30.45 -31.32
CA GLY C 284 -9.16 30.98 -30.28
C GLY C 284 -8.64 30.94 -28.87
N ALA C 285 -7.38 30.67 -28.70
CA ALA C 285 -6.89 30.61 -27.35
C ALA C 285 -6.53 32.03 -26.95
N THR C 286 -6.83 32.39 -25.70
CA THR C 286 -6.55 33.72 -25.18
C THR C 286 -5.20 33.72 -24.48
N HIS C 287 -4.75 32.53 -24.09
CA HIS C 287 -3.48 32.40 -23.39
C HIS C 287 -2.66 31.26 -24.00
N PHE C 288 -1.34 31.33 -23.90
CA PHE C 288 -0.49 30.29 -24.44
C PHE C 288 0.69 30.07 -23.49
N ILE C 289 0.88 28.82 -23.09
CA ILE C 289 1.98 28.48 -22.20
C ILE C 289 3.29 28.44 -23.04
N VAL C 290 4.39 28.92 -22.49
CA VAL C 290 5.66 28.91 -23.19
C VAL C 290 6.70 28.57 -22.15
N GLY C 291 7.42 27.48 -22.34
CA GLY C 291 8.40 27.10 -21.35
C GLY C 291 9.84 27.26 -21.79
N ARG C 292 10.73 26.63 -21.05
CA ARG C 292 12.12 26.68 -21.41
C ARG C 292 12.32 25.76 -22.61
N ASP C 293 13.17 26.20 -23.52
CA ASP C 293 13.50 25.42 -24.70
C ASP C 293 12.26 25.09 -25.52
N HIS C 294 11.31 26.02 -25.57
CA HIS C 294 10.09 25.83 -26.34
C HIS C 294 10.48 25.54 -27.78
N ALA C 295 9.98 24.44 -28.34
CA ALA C 295 10.28 24.05 -29.72
C ALA C 295 11.78 24.07 -30.01
N GLY C 296 12.56 23.47 -29.11
CA GLY C 296 14.00 23.44 -29.29
C GLY C 296 14.60 22.08 -29.64
N PRO C 297 15.57 22.06 -30.57
CA PRO C 297 16.24 20.83 -31.01
C PRO C 297 17.27 20.28 -30.01
N GLY C 298 17.45 20.96 -28.88
CA GLY C 298 18.42 20.50 -27.90
C GLY C 298 19.81 21.05 -28.16
N SER C 299 20.76 20.16 -28.46
CA SER C 299 22.14 20.58 -28.74
C SER C 299 22.77 19.86 -29.94
N ASN C 300 23.80 20.48 -30.53
CA ASN C 300 24.52 19.95 -31.69
C ASN C 300 25.56 18.87 -31.35
N SER C 301 26.08 18.21 -32.39
CA SER C 301 27.07 17.14 -32.24
C SER C 301 28.20 17.42 -31.24
N LYS C 302 28.51 18.70 -30.99
CA LYS C 302 29.56 18.99 -30.03
C LYS C 302 29.02 19.64 -28.75
N GLY C 303 27.95 19.04 -28.24
CA GLY C 303 27.30 19.45 -27.00
C GLY C 303 26.75 20.86 -26.81
N GLU C 304 26.88 21.72 -27.80
CA GLU C 304 26.38 23.08 -27.63
C GLU C 304 24.88 23.15 -27.90
N ASP C 305 24.17 23.97 -27.12
CA ASP C 305 22.72 24.13 -27.29
C ASP C 305 22.41 25.15 -28.37
N PHE C 306 21.41 24.86 -29.19
CA PHE C 306 21.02 25.77 -30.27
C PHE C 306 20.48 27.10 -29.74
N TYR C 307 19.59 27.04 -28.75
CA TYR C 307 19.03 28.28 -28.19
C TYR C 307 19.07 28.26 -26.65
N GLY C 308 18.94 29.45 -26.06
CA GLY C 308 18.96 29.59 -24.62
C GLY C 308 17.65 29.08 -24.07
N PRO C 309 17.66 28.59 -22.81
CA PRO C 309 16.44 28.07 -22.19
C PRO C 309 15.30 29.07 -22.20
N TYR C 310 15.62 30.34 -22.04
CA TYR C 310 14.58 31.36 -22.00
C TYR C 310 14.47 32.25 -23.23
N ASP C 311 15.12 31.85 -24.32
CA ASP C 311 15.08 32.63 -25.54
C ASP C 311 13.68 32.74 -26.15
N ALA C 312 12.87 31.69 -25.97
CA ALA C 312 11.50 31.69 -26.49
C ALA C 312 10.59 32.51 -25.56
N GLN C 313 10.69 32.30 -24.26
CA GLN C 313 9.86 33.07 -23.34
C GLN C 313 10.13 34.54 -23.62
N HIS C 314 11.37 34.82 -23.98
CA HIS C 314 11.78 36.19 -24.27
C HIS C 314 11.37 36.67 -25.65
N ALA C 315 11.33 35.77 -26.61
CA ALA C 315 10.91 36.15 -27.94
C ALA C 315 9.40 36.46 -27.96
N VAL C 316 8.61 35.67 -27.23
CA VAL C 316 7.18 35.95 -27.27
C VAL C 316 6.88 37.19 -26.44
N GLU C 317 7.70 37.39 -25.41
CA GLU C 317 7.60 38.53 -24.49
C GLU C 317 7.61 39.81 -25.29
N LYS C 318 8.64 39.96 -26.12
CA LYS C 318 8.84 41.10 -26.98
C LYS C 318 7.65 41.46 -27.89
N TYR C 319 6.83 40.49 -28.29
CA TYR C 319 5.69 40.79 -29.17
C TYR C 319 4.33 40.59 -28.54
N LYS C 320 4.32 40.07 -27.32
CA LYS C 320 3.08 39.78 -26.59
C LYS C 320 2.00 40.85 -26.78
N ASP C 321 2.37 42.11 -26.60
CA ASP C 321 1.41 43.19 -26.75
C ASP C 321 0.82 43.18 -28.14
N GLU C 322 1.68 43.33 -29.13
CA GLU C 322 1.22 43.34 -30.51
C GLU C 322 0.47 42.06 -30.93
N LEU C 323 0.86 40.91 -30.36
CA LEU C 323 0.20 39.65 -30.71
C LEU C 323 -1.22 39.52 -30.23
N GLY C 324 -1.55 40.21 -29.14
CA GLY C 324 -2.90 40.13 -28.62
C GLY C 324 -3.29 38.76 -28.06
N ILE C 325 -2.40 38.18 -27.26
CA ILE C 325 -2.61 36.88 -26.63
C ILE C 325 -1.60 36.81 -25.49
N GLU C 326 -2.04 36.32 -24.33
CA GLU C 326 -1.19 36.27 -23.16
C GLU C 326 -0.36 35.05 -22.81
N VAL C 327 0.94 35.30 -22.74
CA VAL C 327 1.96 34.33 -22.40
C VAL C 327 2.02 33.97 -20.94
N VAL C 328 1.78 32.70 -20.66
CA VAL C 328 1.82 32.18 -19.31
C VAL C 328 3.15 31.47 -19.23
N GLU C 329 4.14 32.07 -18.60
CA GLU C 329 5.45 31.44 -18.43
C GLU C 329 5.28 30.49 -17.26
N PHE C 330 5.65 29.23 -17.42
CA PHE C 330 5.48 28.29 -16.34
C PHE C 330 6.73 28.12 -15.48
N GLN C 331 6.51 27.95 -14.18
CA GLN C 331 7.56 27.74 -13.21
C GLN C 331 7.34 26.33 -12.65
N MET C 332 7.43 25.31 -13.51
CA MET C 332 7.18 23.93 -13.11
C MET C 332 7.54 23.60 -11.66
N VAL C 333 6.58 23.00 -10.98
CA VAL C 333 6.73 22.61 -9.58
C VAL C 333 7.21 21.17 -9.47
N THR C 334 7.49 20.74 -8.23
CA THR C 334 7.95 19.37 -7.95
C THR C 334 6.87 18.61 -7.16
N TYR C 335 7.28 17.54 -6.48
CA TYR C 335 6.36 16.76 -5.67
C TYR C 335 6.81 16.70 -4.21
N LEU C 336 5.83 16.78 -3.31
CA LEU C 336 6.08 16.72 -1.88
C LEU C 336 5.31 15.53 -1.34
N PRO C 337 6.00 14.39 -1.16
CA PRO C 337 5.48 13.12 -0.65
C PRO C 337 4.73 13.25 0.68
N ASP C 338 5.44 13.76 1.68
CA ASP C 338 4.90 13.98 3.02
C ASP C 338 3.61 14.76 2.85
N THR C 339 3.68 15.76 1.97
CA THR C 339 2.57 16.65 1.66
C THR C 339 1.50 16.00 0.77
N ASP C 340 1.95 15.39 -0.34
CA ASP C 340 1.10 14.74 -1.34
C ASP C 340 0.62 15.87 -2.25
N GLU C 341 1.50 16.84 -2.45
CA GLU C 341 1.21 18.00 -3.27
C GLU C 341 2.40 18.39 -4.13
N TYR C 342 2.23 19.42 -4.96
CA TYR C 342 3.27 19.92 -5.84
C TYR C 342 3.42 21.43 -5.61
N ARG C 343 4.64 21.93 -5.70
CA ARG C 343 4.88 23.36 -5.46
C ARG C 343 6.12 23.90 -6.18
N PRO C 344 6.11 25.20 -6.53
CA PRO C 344 7.22 25.87 -7.22
C PRO C 344 8.59 25.52 -6.66
N VAL C 345 9.61 25.82 -7.45
CA VAL C 345 10.99 25.57 -7.07
C VAL C 345 11.38 26.35 -5.82
N ASP C 346 10.42 27.08 -5.26
CA ASP C 346 10.67 27.89 -4.06
C ASP C 346 9.65 27.68 -2.94
N GLN C 347 8.41 27.39 -3.31
CA GLN C 347 7.34 27.16 -2.32
C GLN C 347 7.57 25.90 -1.49
N VAL C 348 8.78 25.36 -1.58
CA VAL C 348 9.13 24.15 -0.85
C VAL C 348 10.09 24.40 0.31
N PRO C 349 9.59 24.22 1.55
CA PRO C 349 10.43 24.42 2.74
C PRO C 349 11.69 23.54 2.67
N ALA C 350 12.80 24.02 3.23
CA ALA C 350 14.07 23.29 3.22
C ALA C 350 14.00 21.90 3.86
N GLY C 351 13.96 20.85 3.04
CA GLY C 351 13.92 19.50 3.56
C GLY C 351 12.63 18.72 3.41
N VAL C 352 11.76 19.12 2.47
CA VAL C 352 10.51 18.40 2.26
C VAL C 352 10.81 17.08 1.54
N LYS C 353 10.79 17.10 0.21
CA LYS C 353 11.09 15.93 -0.60
C LYS C 353 11.30 16.31 -2.06
N THR C 354 12.57 16.35 -2.49
CA THR C 354 12.94 16.70 -3.85
C THR C 354 12.56 15.59 -4.83
N LEU C 355 11.35 15.07 -4.67
CA LEU C 355 10.85 14.00 -5.53
C LEU C 355 10.55 14.43 -6.96
N ASN C 356 11.50 14.19 -7.86
CA ASN C 356 11.34 14.53 -9.26
C ASN C 356 12.08 13.51 -10.14
N ILE C 357 11.33 12.82 -10.98
CA ILE C 357 11.87 11.81 -11.87
C ILE C 357 12.46 12.44 -13.13
N SER C 358 13.50 11.81 -13.65
CA SER C 358 14.19 12.28 -14.84
C SER C 358 13.49 11.80 -16.11
N GLY C 359 13.60 12.58 -17.19
CA GLY C 359 12.99 12.22 -18.45
C GLY C 359 13.76 11.08 -19.08
N THR C 360 15.09 11.15 -18.95
CA THR C 360 16.00 10.12 -19.47
C THR C 360 15.76 8.88 -18.62
N GLU C 361 15.39 9.11 -17.36
CA GLU C 361 15.13 8.02 -16.44
C GLU C 361 13.73 7.44 -16.71
N LEU C 362 12.79 8.29 -17.10
CA LEU C 362 11.44 7.83 -17.39
C LEU C 362 11.42 6.97 -18.67
N ARG C 363 12.09 7.45 -19.72
CA ARG C 363 12.15 6.68 -20.96
C ARG C 363 12.79 5.37 -20.59
N ARG C 364 13.91 5.46 -19.89
CA ARG C 364 14.65 4.30 -19.44
C ARG C 364 13.69 3.29 -18.79
N ARG C 365 12.87 3.76 -17.85
CA ARG C 365 11.92 2.89 -17.15
C ARG C 365 10.82 2.35 -18.06
N LEU C 366 10.16 3.23 -18.81
CA LEU C 366 9.10 2.81 -19.72
C LEU C 366 9.59 1.62 -20.54
N ARG C 367 10.84 1.72 -20.98
CA ARG C 367 11.49 0.68 -21.76
C ARG C 367 11.60 -0.61 -20.93
N SER C 368 12.26 -0.52 -19.78
CA SER C 368 12.45 -1.67 -18.90
C SER C 368 11.19 -2.25 -18.26
N GLY C 369 10.13 -1.44 -18.17
CA GLY C 369 8.91 -1.94 -17.57
C GLY C 369 8.95 -1.76 -16.05
N ALA C 370 9.99 -1.07 -15.59
CA ALA C 370 10.18 -0.80 -14.17
C ALA C 370 9.13 0.19 -13.66
N HIS C 371 8.32 -0.27 -12.71
CA HIS C 371 7.24 0.52 -12.13
C HIS C 371 7.50 2.02 -12.11
N ILE C 372 6.44 2.77 -12.34
CA ILE C 372 6.54 4.22 -12.37
C ILE C 372 5.58 4.84 -11.36
N PRO C 373 6.13 5.69 -10.47
CA PRO C 373 5.43 6.41 -9.39
C PRO C 373 4.12 7.05 -9.84
N GLU C 374 3.03 6.63 -9.23
CA GLU C 374 1.74 7.18 -9.59
C GLU C 374 1.67 8.67 -9.30
N TRP C 375 2.61 9.17 -8.49
CA TRP C 375 2.66 10.60 -8.16
C TRP C 375 3.33 11.32 -9.30
N PHE C 376 3.93 10.54 -10.19
CA PHE C 376 4.62 11.07 -11.36
C PHE C 376 3.75 11.10 -12.60
N SER C 377 3.08 9.99 -12.91
CA SER C 377 2.20 9.93 -14.07
C SER C 377 1.03 9.02 -13.76
N TYR C 378 -0.17 9.40 -14.16
CA TYR C 378 -1.34 8.57 -13.87
C TYR C 378 -1.18 7.18 -14.47
N PRO C 379 -1.78 6.18 -13.80
CA PRO C 379 -1.79 4.75 -14.15
C PRO C 379 -2.25 4.45 -15.56
N GLU C 380 -3.52 4.73 -15.81
CA GLU C 380 -4.14 4.51 -17.10
C GLU C 380 -3.34 5.12 -18.28
N VAL C 381 -2.60 6.20 -18.00
CA VAL C 381 -1.80 6.88 -19.02
C VAL C 381 -0.53 6.09 -19.25
N VAL C 382 0.11 5.68 -18.15
CA VAL C 382 1.36 4.91 -18.24
C VAL C 382 1.06 3.52 -18.81
N LYS C 383 -0.11 2.99 -18.48
CA LYS C 383 -0.50 1.71 -19.00
C LYS C 383 -0.47 1.77 -20.52
N ILE C 384 -0.83 2.91 -21.10
CA ILE C 384 -0.84 3.06 -22.56
C ILE C 384 0.53 3.37 -23.13
N LEU C 385 1.29 4.27 -22.50
CA LEU C 385 2.62 4.63 -22.99
C LEU C 385 3.54 3.41 -23.07
N ARG C 386 3.28 2.40 -22.25
CA ARG C 386 4.12 1.20 -22.25
C ARG C 386 3.89 0.33 -23.46
N GLU C 387 2.64 0.25 -23.94
CA GLU C 387 2.29 -0.57 -25.10
C GLU C 387 3.18 -0.44 -26.33
N SER C 388 3.95 0.65 -26.41
CA SER C 388 4.84 0.85 -27.54
C SER C 388 6.20 0.22 -27.25
N ASN C 389 6.31 -0.38 -26.07
CA ASN C 389 7.53 -1.09 -25.64
C ASN C 389 6.97 -2.22 -24.79
N PRO C 390 6.29 -3.18 -25.45
CA PRO C 390 5.66 -4.35 -24.82
C PRO C 390 6.62 -5.25 -24.08
N PRO C 391 6.07 -6.06 -23.17
CA PRO C 391 6.78 -7.02 -22.33
C PRO C 391 7.12 -8.25 -23.18
N ARG C 392 8.35 -8.73 -23.04
CA ARG C 392 8.81 -9.89 -23.76
C ARG C 392 7.79 -11.04 -23.79
N ALA C 393 6.95 -11.15 -22.77
CA ALA C 393 5.98 -12.24 -22.75
C ALA C 393 4.88 -12.03 -23.74
N THR C 394 4.94 -10.93 -24.47
CA THR C 394 3.92 -10.57 -25.44
C THR C 394 4.42 -10.45 -26.87
N GLN C 395 5.69 -10.10 -26.99
CA GLN C 395 6.32 -9.93 -28.28
C GLN C 395 6.35 -11.20 -29.11
N GLY C 396 6.10 -11.09 -30.41
CA GLY C 396 6.24 -12.28 -31.24
C GLY C 396 7.74 -12.45 -31.39
N PHE C 397 8.19 -13.55 -31.99
CA PHE C 397 9.62 -13.74 -32.19
C PHE C 397 9.75 -14.78 -33.28
N THR C 398 10.93 -14.84 -33.86
CA THR C 398 11.17 -15.81 -34.90
C THR C 398 12.36 -16.66 -34.52
N ILE C 399 12.21 -17.97 -34.64
CA ILE C 399 13.28 -18.89 -34.38
C ILE C 399 13.65 -19.32 -35.78
N PHE C 400 14.80 -18.86 -36.23
CA PHE C 400 15.29 -19.13 -37.57
C PHE C 400 16.39 -20.19 -37.56
N LEU C 401 16.03 -21.42 -37.94
CA LEU C 401 17.00 -22.51 -37.97
C LEU C 401 17.78 -22.49 -39.30
N THR C 402 19.01 -22.97 -39.28
CA THR C 402 19.81 -23.02 -40.47
C THR C 402 20.83 -24.14 -40.35
N GLY C 403 21.08 -24.86 -41.45
CA GLY C 403 22.03 -25.96 -41.39
C GLY C 403 21.87 -26.71 -42.67
N TYR C 404 22.67 -27.75 -42.90
CA TYR C 404 22.60 -28.53 -44.15
C TYR C 404 21.25 -29.20 -44.39
N MET C 405 21.04 -29.64 -45.62
CA MET C 405 19.82 -30.33 -45.92
C MET C 405 19.91 -31.60 -45.11
N ASN C 406 18.77 -31.97 -44.53
CA ASN C 406 18.67 -33.15 -43.67
C ASN C 406 19.62 -33.10 -42.48
N SER C 407 19.70 -31.95 -41.82
CA SER C 407 20.56 -31.85 -40.65
C SER C 407 19.74 -32.12 -39.37
N GLY C 408 18.44 -32.36 -39.55
CA GLY C 408 17.59 -32.62 -38.41
C GLY C 408 16.78 -31.38 -38.06
N LYS C 409 17.08 -30.27 -38.72
CA LYS C 409 16.35 -29.04 -38.45
C LYS C 409 14.84 -29.14 -38.66
N ASP C 410 14.40 -29.98 -39.61
CA ASP C 410 12.97 -30.09 -39.86
C ASP C 410 12.30 -30.72 -38.64
N ALA C 411 12.88 -31.81 -38.17
CA ALA C 411 12.32 -32.51 -37.03
C ALA C 411 12.34 -31.65 -35.78
N ILE C 412 13.46 -30.95 -35.58
CA ILE C 412 13.65 -30.03 -34.45
C ILE C 412 12.53 -29.01 -34.51
N ALA C 413 12.42 -28.37 -35.68
CA ALA C 413 11.37 -27.38 -35.91
C ALA C 413 9.94 -27.91 -35.57
N ARG C 414 9.58 -29.08 -36.08
CA ARG C 414 8.26 -29.58 -35.74
C ARG C 414 8.07 -29.79 -34.25
N ALA C 415 9.09 -30.33 -33.57
CA ALA C 415 8.97 -30.55 -32.14
C ALA C 415 8.88 -29.23 -31.41
N LEU C 416 9.56 -28.21 -31.91
CA LEU C 416 9.50 -26.91 -31.26
C LEU C 416 8.06 -26.40 -31.33
N GLN C 417 7.39 -26.72 -32.43
CA GLN C 417 6.03 -26.30 -32.63
C GLN C 417 5.10 -26.93 -31.63
N VAL C 418 5.18 -28.25 -31.49
CA VAL C 418 4.35 -28.92 -30.52
C VAL C 418 4.64 -28.36 -29.12
N THR C 419 5.93 -28.21 -28.80
CA THR C 419 6.33 -27.70 -27.50
C THR C 419 5.72 -26.33 -27.25
N LEU C 420 5.88 -25.43 -28.23
CA LEU C 420 5.32 -24.09 -28.10
C LEU C 420 3.78 -24.10 -28.15
N ASN C 421 3.15 -25.01 -28.90
CA ASN C 421 1.67 -25.05 -28.85
C ASN C 421 1.16 -25.60 -27.53
N GLN C 422 2.03 -26.26 -26.76
CA GLN C 422 1.61 -26.74 -25.48
C GLN C 422 1.71 -25.56 -24.48
N GLN C 423 2.74 -24.72 -24.59
CA GLN C 423 2.89 -23.60 -23.65
C GLN C 423 1.87 -22.49 -23.96
N GLY C 424 1.25 -22.64 -25.12
CA GLY C 424 0.18 -21.78 -25.59
C GLY C 424 0.12 -20.28 -25.50
N GLY C 425 1.25 -19.62 -25.23
CA GLY C 425 1.30 -18.16 -25.12
C GLY C 425 1.00 -17.44 -26.42
N ARG C 426 1.26 -18.07 -27.56
CA ARG C 426 0.98 -17.43 -28.82
C ARG C 426 0.68 -18.43 -29.88
N SER C 427 0.19 -17.93 -31.00
CA SER C 427 -0.08 -18.80 -32.11
C SER C 427 1.30 -19.05 -32.72
N VAL C 428 1.48 -20.24 -33.27
CA VAL C 428 2.75 -20.64 -33.84
C VAL C 428 2.65 -20.86 -35.33
N SER C 429 3.56 -20.23 -36.08
CA SER C 429 3.62 -20.36 -37.52
C SER C 429 4.88 -21.10 -37.90
N LEU C 430 4.71 -22.18 -38.66
CA LEU C 430 5.81 -22.99 -39.09
C LEU C 430 6.09 -22.77 -40.58
N LEU C 431 7.30 -22.33 -40.90
CA LEU C 431 7.68 -22.11 -42.28
C LEU C 431 8.84 -23.03 -42.63
N LEU C 432 8.54 -24.30 -42.88
CA LEU C 432 9.59 -25.23 -43.22
C LEU C 432 10.19 -24.89 -44.57
N GLY C 433 11.40 -25.37 -44.79
CA GLY C 433 12.04 -25.10 -46.06
C GLY C 433 11.15 -25.36 -47.25
N ASP C 434 10.61 -26.58 -47.33
CA ASP C 434 9.77 -27.00 -48.44
C ASP C 434 8.47 -26.24 -48.55
N THR C 435 7.76 -26.07 -47.45
CA THR C 435 6.51 -25.31 -47.48
C THR C 435 6.80 -23.97 -48.14
N VAL C 436 7.83 -23.26 -47.66
CA VAL C 436 8.24 -21.97 -48.20
C VAL C 436 8.49 -22.07 -49.69
N ARG C 437 9.24 -23.09 -50.09
CA ARG C 437 9.55 -23.28 -51.51
C ARG C 437 8.29 -23.49 -52.32
N HIS C 438 7.36 -24.27 -51.80
CA HIS C 438 6.13 -24.52 -52.53
C HIS C 438 5.17 -23.32 -52.53
N GLU C 439 4.96 -22.72 -51.35
CA GLU C 439 4.02 -21.61 -51.19
C GLU C 439 4.44 -20.22 -51.60
N LEU C 440 5.71 -19.86 -51.41
CA LEU C 440 6.17 -18.50 -51.72
C LEU C 440 7.30 -18.38 -52.73
N SER C 441 8.00 -19.48 -53.01
CA SER C 441 9.12 -19.41 -53.96
C SER C 441 9.15 -20.54 -54.98
N SER C 442 7.96 -21.04 -55.34
CA SER C 442 7.84 -22.16 -56.26
C SER C 442 8.57 -21.95 -57.56
N GLU C 443 8.85 -20.71 -57.90
CA GLU C 443 9.52 -20.46 -59.17
C GLU C 443 10.86 -19.76 -59.07
N LEU C 444 11.54 -19.99 -57.95
CA LEU C 444 12.86 -19.45 -57.72
C LEU C 444 13.79 -20.61 -57.93
N GLY C 445 15.07 -20.32 -58.15
CA GLY C 445 16.07 -21.36 -58.35
C GLY C 445 17.03 -21.43 -57.18
N PHE C 446 18.26 -21.87 -57.42
CA PHE C 446 19.22 -21.96 -56.32
C PHE C 446 20.52 -21.22 -56.52
N THR C 447 20.45 -20.15 -57.29
CA THR C 447 21.64 -19.37 -57.52
C THR C 447 21.79 -18.50 -56.28
N ARG C 448 22.99 -17.99 -56.06
CA ARG C 448 23.23 -17.11 -54.92
C ARG C 448 22.06 -16.13 -54.83
N GLU C 449 21.79 -15.42 -55.92
CA GLU C 449 20.71 -14.43 -55.97
C GLU C 449 19.35 -15.00 -55.60
N ASP C 450 18.99 -16.14 -56.21
CA ASP C 450 17.69 -16.79 -55.96
C ASP C 450 17.47 -17.23 -54.51
N ARG C 451 18.48 -17.83 -53.89
CA ARG C 451 18.35 -18.25 -52.51
C ARG C 451 18.22 -17.00 -51.63
N HIS C 452 18.97 -15.95 -51.97
CA HIS C 452 18.87 -14.74 -51.19
C HIS C 452 17.44 -14.20 -51.25
N THR C 453 16.85 -14.20 -52.44
CA THR C 453 15.49 -13.72 -52.61
C THR C 453 14.55 -14.58 -51.79
N ASN C 454 14.76 -15.89 -51.82
CA ASN C 454 13.92 -16.81 -51.06
C ASN C 454 13.92 -16.45 -49.57
N ILE C 455 15.10 -16.16 -49.01
CA ILE C 455 15.21 -15.82 -47.60
C ILE C 455 14.57 -14.47 -47.31
N GLN C 456 14.75 -13.52 -48.22
CA GLN C 456 14.13 -12.22 -47.99
C GLN C 456 12.64 -12.40 -47.90
N ARG C 457 12.13 -13.36 -48.66
CA ARG C 457 10.71 -13.64 -48.73
C ARG C 457 10.25 -14.28 -47.41
N ILE C 458 11.09 -15.13 -46.83
CA ILE C 458 10.75 -15.73 -45.56
C ILE C 458 10.78 -14.65 -44.50
N ALA C 459 11.79 -13.76 -44.57
CA ALA C 459 11.90 -12.68 -43.58
C ALA C 459 10.68 -11.77 -43.57
N PHE C 460 10.24 -11.38 -44.76
CA PHE C 460 9.07 -10.54 -44.89
C PHE C 460 7.90 -11.20 -44.19
N VAL C 461 7.55 -12.43 -44.59
CA VAL C 461 6.41 -13.10 -43.96
C VAL C 461 6.63 -13.26 -42.44
N ALA C 462 7.84 -13.70 -42.08
CA ALA C 462 8.18 -13.86 -40.68
C ALA C 462 8.06 -12.49 -39.95
N THR C 463 8.49 -11.41 -40.60
CA THR C 463 8.39 -10.11 -39.95
C THR C 463 6.94 -9.65 -39.70
N GLU C 464 6.04 -9.98 -40.61
CA GLU C 464 4.65 -9.59 -40.41
C GLU C 464 4.04 -10.40 -39.26
N LEU C 465 4.35 -11.69 -39.22
CA LEU C 465 3.84 -12.56 -38.17
C LEU C 465 4.44 -12.16 -36.82
N THR C 466 5.75 -11.89 -36.80
CA THR C 466 6.36 -11.46 -35.54
C THR C 466 5.63 -10.21 -35.04
N ARG C 467 5.35 -9.30 -35.96
CA ARG C 467 4.64 -8.10 -35.59
C ARG C 467 3.25 -8.38 -35.01
N ALA C 468 2.55 -9.38 -35.53
CA ALA C 468 1.22 -9.73 -34.99
C ALA C 468 1.31 -10.53 -33.69
N GLY C 469 2.52 -10.67 -33.16
CA GLY C 469 2.73 -11.38 -31.92
C GLY C 469 2.88 -12.89 -31.98
N ALA C 470 3.13 -13.44 -33.17
CA ALA C 470 3.26 -14.89 -33.31
C ALA C 470 4.63 -15.40 -32.99
N ALA C 471 4.72 -16.72 -32.88
CA ALA C 471 6.00 -17.37 -32.68
C ALA C 471 6.22 -17.97 -34.08
N VAL C 472 7.25 -17.51 -34.78
CA VAL C 472 7.55 -17.99 -36.12
C VAL C 472 8.76 -18.90 -36.10
N ILE C 473 8.60 -20.12 -36.64
CA ILE C 473 9.70 -21.07 -36.71
C ILE C 473 10.00 -21.36 -38.20
N ALA C 474 11.17 -20.95 -38.64
CA ALA C 474 11.56 -21.14 -40.04
C ALA C 474 12.76 -22.05 -40.12
N ALA C 475 12.71 -22.99 -41.07
CA ALA C 475 13.83 -23.91 -41.21
C ALA C 475 14.39 -24.09 -42.62
N PRO C 476 14.79 -22.98 -43.25
CA PRO C 476 15.36 -23.02 -44.59
C PRO C 476 16.82 -23.44 -44.41
N ILE C 477 17.56 -23.61 -45.50
CA ILE C 477 18.98 -23.96 -45.38
C ILE C 477 19.69 -22.66 -45.03
N ALA C 478 19.41 -21.61 -45.79
CA ALA C 478 20.03 -20.31 -45.57
C ALA C 478 21.55 -20.45 -45.56
N PRO C 479 22.13 -20.84 -46.70
CA PRO C 479 23.58 -21.03 -46.84
C PRO C 479 24.45 -19.78 -46.71
N TYR C 480 23.87 -18.60 -46.95
CA TYR C 480 24.66 -17.37 -46.92
C TYR C 480 24.47 -16.37 -45.80
N GLU C 481 25.60 -15.89 -45.28
CA GLU C 481 25.64 -14.92 -44.21
C GLU C 481 24.86 -13.68 -44.59
N GLU C 482 25.03 -13.24 -45.82
CA GLU C 482 24.32 -12.05 -46.28
C GLU C 482 22.80 -12.19 -46.07
N SER C 483 22.25 -13.36 -46.41
CA SER C 483 20.81 -13.65 -46.27
C SER C 483 20.36 -13.65 -44.82
N ARG C 484 21.00 -14.49 -44.01
CA ARG C 484 20.64 -14.58 -42.62
C ARG C 484 20.70 -13.22 -41.94
N LYS C 485 21.71 -12.43 -42.28
CA LYS C 485 21.83 -11.09 -41.72
C LYS C 485 20.59 -10.28 -42.15
N PHE C 486 20.17 -10.43 -43.39
CA PHE C 486 19.00 -9.71 -43.88
C PHE C 486 17.76 -10.07 -43.07
N ALA C 487 17.53 -11.36 -42.91
CA ALA C 487 16.37 -11.83 -42.17
C ALA C 487 16.40 -11.29 -40.75
N ARG C 488 17.57 -11.34 -40.13
CA ARG C 488 17.70 -10.84 -38.77
C ARG C 488 17.31 -9.36 -38.70
N ASP C 489 17.79 -8.56 -39.65
CA ASP C 489 17.42 -7.15 -39.63
C ASP C 489 15.96 -6.91 -39.95
N ALA C 490 15.41 -7.63 -40.92
CA ALA C 490 14.00 -7.47 -41.28
C ALA C 490 13.11 -7.75 -40.07
N VAL C 491 13.32 -8.90 -39.45
CA VAL C 491 12.51 -9.29 -38.30
C VAL C 491 12.68 -8.44 -37.03
N SER C 492 13.92 -8.02 -36.77
CA SER C 492 14.20 -7.20 -35.59
C SER C 492 13.35 -5.92 -35.52
N GLN C 493 12.95 -5.41 -36.68
CA GLN C 493 12.10 -4.22 -36.74
C GLN C 493 10.77 -4.49 -36.06
N ALA C 494 10.38 -5.74 -35.87
CA ALA C 494 9.08 -5.99 -35.25
C ALA C 494 9.10 -6.84 -33.98
N GLY C 495 10.25 -7.44 -33.67
CA GLY C 495 10.33 -8.26 -32.48
C GLY C 495 11.68 -8.96 -32.46
N SER C 496 11.82 -10.01 -31.65
CA SER C 496 13.11 -10.66 -31.58
C SER C 496 13.33 -11.78 -32.57
N PHE C 497 14.61 -11.94 -32.92
CA PHE C 497 15.10 -12.93 -33.86
C PHE C 497 16.19 -13.83 -33.23
N PHE C 498 16.06 -15.14 -33.39
CA PHE C 498 17.07 -16.06 -32.86
C PHE C 498 17.57 -16.95 -33.99
N LEU C 499 18.88 -17.02 -34.14
CA LEU C 499 19.43 -17.87 -35.16
C LEU C 499 19.92 -19.12 -34.48
N VAL C 500 19.41 -20.26 -34.91
CA VAL C 500 19.86 -21.49 -34.33
C VAL C 500 20.54 -22.22 -35.45
N HIS C 501 21.83 -22.45 -35.30
CA HIS C 501 22.59 -23.18 -36.30
C HIS C 501 22.53 -24.69 -35.98
N VAL C 502 21.81 -25.46 -36.79
CA VAL C 502 21.77 -26.89 -36.59
C VAL C 502 23.04 -27.36 -37.29
N ALA C 503 24.13 -27.30 -36.54
CA ALA C 503 25.47 -27.63 -37.04
C ALA C 503 25.77 -29.10 -37.29
N THR C 504 24.76 -29.91 -37.53
CA THR C 504 25.00 -31.31 -37.81
C THR C 504 26.04 -31.43 -38.95
N PRO C 505 27.06 -32.24 -38.75
CA PRO C 505 28.07 -32.40 -39.80
C PRO C 505 27.53 -33.03 -41.11
N LEU C 506 28.01 -32.52 -42.25
CA LEU C 506 27.62 -33.00 -43.57
C LEU C 506 27.63 -34.53 -43.72
N GLU C 507 28.75 -35.15 -43.39
CA GLU C 507 28.85 -36.59 -43.48
C GLU C 507 27.64 -37.21 -42.80
N HIS C 508 27.31 -36.73 -41.61
CA HIS C 508 26.17 -37.30 -40.89
C HIS C 508 24.90 -37.14 -41.71
N CYS C 509 24.70 -35.93 -42.23
CA CYS C 509 23.53 -35.63 -43.07
C CYS C 509 23.46 -36.56 -44.28
N GLU C 510 24.57 -36.75 -44.99
CA GLU C 510 24.56 -37.63 -46.18
C GLU C 510 24.27 -39.07 -45.82
N GLN C 511 25.02 -39.62 -44.88
CA GLN C 511 24.81 -40.99 -44.48
C GLN C 511 23.39 -41.29 -44.06
N SER C 512 22.75 -40.34 -43.41
CA SER C 512 21.39 -40.56 -42.94
C SER C 512 20.31 -40.21 -43.98
N ASP C 513 20.74 -39.59 -45.08
CA ASP C 513 19.80 -39.22 -46.13
C ASP C 513 19.07 -40.47 -46.59
N LYS C 514 17.76 -40.48 -46.45
CA LYS C 514 16.95 -41.61 -46.87
C LYS C 514 16.12 -41.28 -48.12
N ARG C 515 16.48 -40.23 -48.84
CA ARG C 515 15.74 -39.83 -50.04
C ARG C 515 16.63 -39.78 -51.25
N GLY C 516 17.91 -40.06 -51.05
CA GLY C 516 18.82 -40.04 -52.19
C GLY C 516 19.08 -38.71 -52.83
N ILE C 517 18.82 -37.61 -52.14
CA ILE C 517 19.09 -36.31 -52.74
C ILE C 517 20.60 -36.03 -52.75
N TYR C 518 21.31 -36.40 -51.69
CA TYR C 518 22.74 -36.16 -51.68
C TYR C 518 23.36 -37.06 -52.76
N ALA C 519 22.82 -38.26 -52.89
CA ALA C 519 23.32 -39.21 -53.88
C ALA C 519 23.18 -38.62 -55.28
N ALA C 520 21.96 -38.22 -55.62
CA ALA C 520 21.71 -37.62 -56.93
C ALA C 520 22.62 -36.39 -57.17
N ALA C 521 22.69 -35.48 -56.19
CA ALA C 521 23.52 -34.29 -56.30
C ALA C 521 25.01 -34.63 -56.50
N ARG C 522 25.45 -35.73 -55.88
CA ARG C 522 26.86 -36.17 -56.00
C ARG C 522 27.15 -36.58 -57.45
N ARG C 523 26.17 -37.23 -58.07
CA ARG C 523 26.34 -37.66 -59.44
C ARG C 523 25.82 -36.71 -60.53
N GLY C 524 25.73 -35.42 -60.20
CA GLY C 524 25.30 -34.40 -61.15
C GLY C 524 23.84 -34.27 -61.57
N GLU C 525 22.95 -35.08 -60.98
CA GLU C 525 21.52 -35.04 -61.29
C GLU C 525 20.85 -33.76 -60.79
N ILE C 526 21.59 -33.02 -59.95
CA ILE C 526 21.15 -31.75 -59.37
C ILE C 526 22.38 -30.84 -59.37
N LYS C 527 22.25 -29.63 -59.90
CA LYS C 527 23.37 -28.69 -59.95
C LYS C 527 23.56 -27.98 -58.61
N GLY C 528 24.77 -27.44 -58.40
CA GLY C 528 25.10 -26.71 -57.18
C GLY C 528 24.33 -26.95 -55.89
N PHE C 529 24.32 -28.20 -55.44
CA PHE C 529 23.63 -28.56 -54.20
C PHE C 529 24.52 -28.19 -53.01
N THR C 530 23.94 -27.48 -52.05
CA THR C 530 24.70 -27.06 -50.87
C THR C 530 25.44 -28.21 -50.18
N GLY C 531 26.70 -27.94 -49.85
CA GLY C 531 27.54 -28.96 -49.23
C GLY C 531 28.28 -29.81 -50.25
N VAL C 532 27.64 -30.01 -51.40
CA VAL C 532 28.22 -30.80 -52.50
C VAL C 532 28.89 -29.91 -53.56
N ASP C 533 28.10 -29.11 -54.27
CA ASP C 533 28.61 -28.20 -55.31
C ASP C 533 28.34 -26.73 -55.01
N ASP C 534 27.77 -26.44 -53.85
CA ASP C 534 27.51 -25.05 -53.49
C ASP C 534 27.93 -24.91 -52.03
N PRO C 535 28.41 -23.73 -51.62
CA PRO C 535 28.85 -23.55 -50.24
C PRO C 535 27.78 -23.30 -49.16
N TYR C 536 28.18 -23.54 -47.91
CA TYR C 536 27.37 -23.29 -46.75
C TYR C 536 28.25 -22.38 -45.86
N GLU C 537 27.98 -21.09 -45.86
CA GLU C 537 28.74 -20.17 -45.03
C GLU C 537 28.37 -20.38 -43.54
N THR C 538 29.16 -21.17 -42.83
CA THR C 538 28.92 -21.43 -41.41
C THR C 538 28.67 -20.17 -40.57
N PRO C 539 27.57 -20.14 -39.81
CA PRO C 539 27.22 -18.99 -38.96
C PRO C 539 28.33 -18.68 -37.97
N GLU C 540 28.49 -17.41 -37.62
CA GLU C 540 29.55 -17.04 -36.68
C GLU C 540 29.09 -16.55 -35.31
N LYS C 541 27.95 -15.85 -35.28
CA LYS C 541 27.41 -15.36 -34.03
C LYS C 541 26.00 -15.90 -33.81
N ALA C 542 25.83 -17.20 -34.06
CA ALA C 542 24.53 -17.85 -33.89
C ALA C 542 24.09 -17.74 -32.44
N ASP C 543 22.81 -17.49 -32.22
CA ASP C 543 22.29 -17.40 -30.88
C ASP C 543 22.38 -18.76 -30.19
N LEU C 544 22.45 -19.85 -30.96
CA LEU C 544 22.54 -21.17 -30.34
C LEU C 544 23.05 -22.17 -31.35
N VAL C 545 24.02 -22.99 -30.95
CA VAL C 545 24.56 -24.00 -31.84
C VAL C 545 24.22 -25.40 -31.36
N VAL C 546 23.71 -26.21 -32.26
CA VAL C 546 23.23 -27.56 -31.93
C VAL C 546 23.72 -28.63 -32.91
N ASP C 547 23.77 -29.88 -32.46
CA ASP C 547 24.24 -30.96 -33.34
C ASP C 547 23.26 -32.13 -33.24
N PHE C 548 22.49 -32.39 -34.29
CA PHE C 548 21.50 -33.45 -34.29
C PHE C 548 22.15 -34.84 -34.20
N SER C 549 23.48 -34.89 -34.32
CA SER C 549 24.25 -36.15 -34.24
C SER C 549 24.61 -36.44 -32.80
N LYS C 550 24.77 -35.37 -32.02
CA LYS C 550 25.18 -35.46 -30.64
C LYS C 550 24.09 -35.29 -29.59
N GLN C 551 22.98 -34.65 -29.96
CA GLN C 551 21.88 -34.40 -29.02
C GLN C 551 20.55 -34.83 -29.56
N SER C 552 19.67 -35.31 -28.69
CA SER C 552 18.33 -35.69 -29.12
C SER C 552 17.52 -34.39 -29.38
N VAL C 553 16.38 -34.53 -30.03
CA VAL C 553 15.56 -33.36 -30.32
C VAL C 553 14.93 -32.71 -29.10
N ARG C 554 14.44 -33.50 -28.15
CA ARG C 554 13.81 -32.90 -26.99
C ARG C 554 14.84 -32.12 -26.21
N SER C 555 16.08 -32.58 -26.24
CA SER C 555 17.17 -31.90 -25.56
C SER C 555 17.50 -30.61 -26.32
N ILE C 556 17.56 -30.68 -27.65
CA ILE C 556 17.80 -29.48 -28.47
C ILE C 556 16.62 -28.50 -28.33
N VAL C 557 15.37 -28.97 -28.48
CA VAL C 557 14.21 -28.11 -28.34
C VAL C 557 14.33 -27.38 -26.99
N HIS C 558 14.66 -28.15 -25.98
CA HIS C 558 14.77 -27.59 -24.64
C HIS C 558 15.88 -26.53 -24.50
N GLU C 559 16.97 -26.66 -25.26
CA GLU C 559 17.99 -25.65 -25.13
C GLU C 559 17.38 -24.36 -25.67
N ILE C 560 16.66 -24.50 -26.78
CA ILE C 560 15.98 -23.37 -27.42
C ILE C 560 14.96 -22.77 -26.47
N ILE C 561 14.17 -23.63 -25.82
CA ILE C 561 13.18 -23.14 -24.88
C ILE C 561 13.89 -22.41 -23.75
N LEU C 562 15.06 -22.91 -23.34
CA LEU C 562 15.78 -22.25 -22.25
C LEU C 562 16.23 -20.86 -22.64
N VAL C 563 16.68 -20.66 -23.86
CA VAL C 563 17.07 -19.32 -24.21
C VAL C 563 15.86 -18.40 -24.16
N LEU C 564 14.73 -18.83 -24.73
CA LEU C 564 13.51 -18.03 -24.72
C LEU C 564 13.06 -17.70 -23.29
N GLU C 565 13.08 -18.72 -22.42
CA GLU C 565 12.66 -18.60 -21.02
C GLU C 565 13.51 -17.55 -20.32
N SER C 566 14.82 -17.63 -20.55
CA SER C 566 15.79 -16.73 -19.94
C SER C 566 15.73 -15.28 -20.44
N GLN C 567 14.95 -15.01 -21.46
CA GLN C 567 14.88 -13.66 -21.96
C GLN C 567 13.50 -13.10 -21.72
N GLY C 568 12.76 -13.79 -20.87
CA GLY C 568 11.45 -13.32 -20.50
C GLY C 568 10.34 -13.56 -21.48
N PHE C 569 10.62 -14.21 -22.61
CA PHE C 569 9.57 -14.43 -23.61
C PHE C 569 8.48 -15.37 -23.15
N LEU C 570 8.84 -16.41 -22.42
CA LEU C 570 7.86 -17.39 -21.99
C LEU C 570 7.12 -17.18 -20.65
N GLU C 571 7.34 -16.09 -19.93
CA GLU C 571 6.63 -15.84 -18.66
C GLU C 571 5.20 -16.38 -18.82
N ARG C 572 5.06 -17.67 -18.53
CA ARG C 572 3.82 -18.46 -18.69
C ARG C 572 2.50 -18.03 -18.07
N GLN C 573 1.50 -18.89 -18.28
CA GLN C 573 0.13 -18.72 -17.80
C GLN C 573 -0.18 -19.71 -16.68
#